data_7DPW
#
_entry.id   7DPW
#
_cell.length_a   1.00
_cell.length_b   1.00
_cell.length_c   1.00
_cell.angle_alpha   90.00
_cell.angle_beta   90.00
_cell.angle_gamma   90.00
#
_symmetry.space_group_name_H-M   'P 1'
#
loop_
_entity.id
_entity.type
_entity.pdbx_description
1 polymer 'CTP synthase'
2 non-polymer "CYTIDINE-5'-TRIPHOSPHATE"
3 non-polymer 'MAGNESIUM ION'
4 water water
#
_entity_poly.entity_id   1
_entity_poly.type   'polypeptide(L)'
_entity_poly.pdbx_seq_one_letter_code
;MKYILVTGGVISGVGKGVIASSFGTLLKSCGLDVTSIKIDPYINIDAGTFSPYEHGEVYVLDDGAEVDLDLGNYERFLDV
TLHRDNNITTGKIYKLVIEKERTGEYLGKTVQVVPHITDAIQEWVERVAQTPVQGSSKPQVCIVELGGTIGDIEGMPFVE
AFRQFQFRVKRENFCLAHVSLVPLPKATGEPKTKPTQSSVRELRGCGLSPDLIVCRSEKPIGLEVKEKISNFCHVGPDQV
ICIHDLNSIYHVPLLMEQNGVIEYLNERLQLNIDMSKRTKCLQQWRDLARRTETVRREVCIAVVGKYTKFTDSYASVVKA
LQHAALAVNRKLELVFIESCLLEEETLHSEPSKYHKEWQKLCDSHGILVPGGFGSRGMEGKIRACQWARENQKPLLGICL
GLQAAVIEFARNKLGLKDANTTEIDPNTANALVIDMPEHHTGQLGGTMRLGKRITVFSDGPSVIRQLYGNPKSVQERHRH
RYEVNPKYVHLLEEQGMRFVGTDVDKTRMEIIELSGHPYFVATQYHPEYLSRPLKPSPPFLGLILASVDRLNQYIQ
;
_entity_poly.pdbx_strand_id   A,B,C,D
#
loop_
_chem_comp.id
_chem_comp.type
_chem_comp.name
_chem_comp.formula
CTP non-polymer CYTIDINE-5'-TRIPHOSPHATE 'C9 H16 N3 O14 P3'
MG non-polymer 'MAGNESIUM ION' 'Mg 2'
#
# COMPACT_ATOMS: atom_id res chain seq x y z
N MET A 1 11.66 2.72 32.45
CA MET A 1 12.52 2.21 31.38
C MET A 1 12.22 2.92 30.07
N LYS A 2 13.24 3.52 29.48
CA LYS A 2 13.16 4.25 28.24
C LYS A 2 13.66 3.39 27.09
N TYR A 3 13.06 3.55 25.92
CA TYR A 3 13.40 2.75 24.75
C TYR A 3 13.76 3.64 23.59
N ILE A 4 14.71 3.17 22.78
CA ILE A 4 15.03 3.78 21.50
C ILE A 4 15.06 2.67 20.46
N LEU A 5 14.18 2.74 19.48
CA LEU A 5 14.10 1.77 18.40
C LEU A 5 14.73 2.34 17.15
N VAL A 6 15.57 1.54 16.50
CA VAL A 6 16.34 1.96 15.33
C VAL A 6 15.90 1.08 14.16
N THR A 7 15.21 1.68 13.19
CA THR A 7 14.69 0.96 12.03
C THR A 7 15.42 1.38 10.77
N GLY A 8 15.20 0.61 9.70
CA GLY A 8 15.92 0.80 8.47
C GLY A 8 15.00 1.05 7.30
N GLY A 9 15.52 1.76 6.31
CA GLY A 9 14.70 2.34 5.27
C GLY A 9 14.66 1.64 3.93
N VAL A 10 15.45 2.15 2.99
CA VAL A 10 15.25 1.82 1.58
C VAL A 10 15.90 0.48 1.24
N ILE A 11 17.12 0.25 1.70
CA ILE A 11 17.88 -0.95 1.41
C ILE A 11 18.37 -1.53 2.74
N SER A 12 19.17 -2.60 2.63
CA SER A 12 19.62 -3.30 3.82
C SER A 12 20.96 -2.79 4.32
N GLY A 13 21.99 -2.76 3.48
CA GLY A 13 23.29 -2.33 3.93
C GLY A 13 23.37 -0.83 4.14
N VAL A 14 22.52 -0.29 5.01
CA VAL A 14 22.37 1.15 5.14
C VAL A 14 23.07 1.73 6.36
N GLY A 15 23.57 0.90 7.27
CA GLY A 15 24.38 1.39 8.37
C GLY A 15 23.68 1.50 9.70
N LYS A 16 22.84 0.53 10.03
CA LYS A 16 22.03 0.61 11.24
C LYS A 16 22.83 0.30 12.50
N GLY A 17 23.77 -0.65 12.39
CA GLY A 17 24.51 -1.08 13.57
C GLY A 17 25.37 0.01 14.17
N VAL A 18 26.04 0.78 13.31
CA VAL A 18 26.90 1.85 13.83
C VAL A 18 26.05 2.98 14.42
N ILE A 19 24.88 3.25 13.86
CA ILE A 19 24.00 4.26 14.43
C ILE A 19 23.54 3.85 15.82
N ALA A 20 23.11 2.59 15.97
CA ALA A 20 22.64 2.13 17.27
C ALA A 20 23.76 2.10 18.30
N SER A 21 24.94 1.62 17.91
CA SER A 21 26.08 1.60 18.81
C SER A 21 26.49 3.01 19.23
N SER A 22 26.38 3.98 18.33
CA SER A 22 26.77 5.34 18.67
C SER A 22 25.77 5.99 19.62
N PHE A 23 24.47 5.74 19.42
CA PHE A 23 23.49 6.12 20.42
C PHE A 23 23.89 5.61 21.79
N GLY A 24 24.22 4.32 21.86
CA GLY A 24 24.64 3.74 23.12
C GLY A 24 25.84 4.43 23.74
N THR A 25 26.86 4.70 22.91
CA THR A 25 28.09 5.32 23.41
C THR A 25 27.81 6.72 23.95
N LEU A 26 27.00 7.51 23.25
CA LEU A 26 26.64 8.85 23.74
C LEU A 26 25.95 8.76 25.09
N LEU A 27 24.88 7.98 25.18
CA LEU A 27 24.13 7.88 26.42
C LEU A 27 24.99 7.35 27.56
N LYS A 28 25.90 6.41 27.26
CA LYS A 28 26.82 5.91 28.27
C LYS A 28 27.72 7.01 28.79
N SER A 29 28.29 7.80 27.88
CA SER A 29 29.15 8.90 28.31
C SER A 29 28.40 9.92 29.16
N CYS A 30 27.10 10.08 28.91
CA CYS A 30 26.31 11.01 29.71
C CYS A 30 25.92 10.48 31.09
N GLY A 31 26.38 9.29 31.46
CA GLY A 31 26.16 8.78 32.80
C GLY A 31 24.96 7.88 32.98
N LEU A 32 24.48 7.22 31.94
CA LEU A 32 23.32 6.36 32.02
C LEU A 32 23.72 4.90 31.87
N ASP A 33 22.86 4.03 32.39
CA ASP A 33 23.01 2.59 32.21
C ASP A 33 22.23 2.19 30.97
N VAL A 34 22.92 1.60 29.99
CA VAL A 34 22.35 1.29 28.69
C VAL A 34 22.52 -0.18 28.40
N THR A 35 21.44 -0.85 28.04
CA THR A 35 21.50 -2.19 27.47
C THR A 35 21.09 -2.10 26.01
N SER A 36 21.12 -3.22 25.30
CA SER A 36 20.77 -3.18 23.89
C SER A 36 20.29 -4.55 23.44
N ILE A 37 19.34 -4.54 22.52
CA ILE A 37 18.76 -5.75 21.96
C ILE A 37 18.86 -5.70 20.45
N LYS A 38 19.27 -6.81 19.85
CA LYS A 38 19.36 -6.93 18.40
C LYS A 38 18.33 -7.95 17.93
N ILE A 39 17.52 -7.57 16.94
CA ILE A 39 16.48 -8.42 16.41
C ILE A 39 16.86 -8.83 14.99
N ASP A 40 17.05 -10.13 14.77
CA ASP A 40 17.39 -10.67 13.46
C ASP A 40 16.20 -11.44 12.92
N PRO A 41 15.62 -11.05 11.80
CA PRO A 41 14.39 -11.73 11.35
C PRO A 41 14.65 -13.04 10.62
N TYR A 42 15.82 -13.65 10.76
CA TYR A 42 16.05 -14.91 10.10
C TYR A 42 15.63 -16.08 10.99
N ILE A 43 15.53 -17.26 10.39
CA ILE A 43 14.90 -18.39 11.08
C ILE A 43 15.87 -19.10 12.01
N ASN A 44 17.17 -18.88 11.88
CA ASN A 44 18.14 -19.57 12.72
C ASN A 44 17.90 -19.26 14.20
N ILE A 45 18.47 -20.11 15.05
CA ILE A 45 18.40 -19.94 16.49
C ILE A 45 19.72 -19.45 17.07
N ASP A 46 20.83 -20.03 16.62
CA ASP A 46 22.17 -19.64 17.03
C ASP A 46 23.04 -19.45 15.81
N ALA A 47 24.34 -19.25 16.03
CA ALA A 47 25.32 -19.23 14.96
C ALA A 47 26.14 -20.50 14.92
N GLY A 48 25.77 -21.51 15.68
CA GLY A 48 26.49 -22.77 15.68
C GLY A 48 26.36 -23.57 14.41
N THR A 49 25.41 -23.22 13.54
CA THR A 49 25.31 -23.82 12.22
C THR A 49 25.97 -23.01 11.14
N PHE A 50 26.04 -21.69 11.31
CA PHE A 50 26.60 -20.80 10.30
C PHE A 50 28.01 -21.24 9.89
N SER A 51 28.21 -21.39 8.60
CA SER A 51 29.55 -21.64 8.09
C SER A 51 30.40 -20.39 8.22
N PRO A 52 31.69 -20.54 8.52
CA PRO A 52 32.54 -19.34 8.65
C PRO A 52 32.70 -18.58 7.35
N TYR A 53 32.82 -19.28 6.23
CA TYR A 53 32.92 -18.61 4.94
C TYR A 53 31.59 -18.04 4.47
N GLU A 54 30.51 -18.29 5.19
CA GLU A 54 29.19 -17.80 4.79
C GLU A 54 28.76 -16.56 5.55
N HIS A 55 29.13 -16.45 6.82
CA HIS A 55 28.79 -15.28 7.64
C HIS A 55 29.98 -14.69 8.37
N GLY A 56 30.89 -15.53 8.84
CA GLY A 56 32.11 -15.05 9.45
C GLY A 56 31.99 -14.62 10.89
N GLU A 57 32.96 -15.07 11.71
CA GLU A 57 33.17 -14.55 13.05
C GLU A 57 31.93 -14.74 13.93
N VAL A 58 31.69 -16.00 14.26
CA VAL A 58 30.90 -16.33 15.45
C VAL A 58 31.49 -15.61 16.65
N TYR A 59 30.68 -14.83 17.35
CA TYR A 59 31.07 -14.16 18.58
C TYR A 59 30.54 -14.95 19.76
N VAL A 60 31.35 -15.08 20.80
CA VAL A 60 31.04 -15.95 21.92
C VAL A 60 30.84 -15.09 23.16
N LEU A 61 29.65 -15.13 23.73
CA LEU A 61 29.39 -14.41 24.96
C LEU A 61 29.95 -15.17 26.15
N ASP A 62 29.99 -14.53 27.31
CA ASP A 62 30.66 -15.13 28.45
C ASP A 62 29.74 -16.06 29.24
N ASP A 63 28.60 -16.44 28.68
CA ASP A 63 27.80 -17.54 29.19
C ASP A 63 27.84 -18.74 28.27
N GLY A 64 28.55 -18.64 27.15
CA GLY A 64 28.67 -19.74 26.22
C GLY A 64 27.78 -19.66 25.01
N ALA A 65 27.18 -18.52 24.72
CA ALA A 65 26.30 -18.41 23.57
C ALA A 65 27.08 -17.99 22.34
N GLU A 66 26.74 -18.60 21.21
CA GLU A 66 27.30 -18.23 19.90
C GLU A 66 26.26 -17.41 19.17
N VAL A 67 26.53 -16.12 18.99
CA VAL A 67 25.54 -15.18 18.53
C VAL A 67 26.09 -14.42 17.32
N ASP A 68 25.30 -13.45 16.86
CA ASP A 68 25.69 -12.55 15.81
C ASP A 68 26.94 -11.75 16.21
N LEU A 69 27.67 -11.25 15.20
CA LEU A 69 28.76 -10.34 15.50
C LEU A 69 28.29 -8.94 15.87
N ASP A 70 27.02 -8.61 15.63
CA ASP A 70 26.51 -7.32 16.03
C ASP A 70 26.49 -7.16 17.54
N LEU A 71 26.23 -8.24 18.26
CA LEU A 71 26.38 -8.17 19.70
C LEU A 71 27.82 -7.91 20.09
N GLY A 72 28.77 -8.40 19.29
CA GLY A 72 30.16 -8.05 19.52
C GLY A 72 30.43 -6.57 19.32
N ASN A 73 29.78 -5.97 18.32
CA ASN A 73 29.93 -4.55 18.10
C ASN A 73 29.35 -3.74 19.25
N TYR A 74 28.20 -4.16 19.77
CA TYR A 74 27.63 -3.47 20.93
C TYR A 74 28.53 -3.62 22.14
N GLU A 75 29.07 -4.82 22.37
CA GLU A 75 29.95 -5.02 23.51
C GLU A 75 31.17 -4.12 23.43
N ARG A 76 31.75 -3.97 22.24
CA ARG A 76 32.91 -3.10 22.10
C ARG A 76 32.55 -1.64 22.29
N PHE A 77 31.45 -1.17 21.69
CA PHE A 77 31.16 0.26 21.75
C PHE A 77 30.58 0.70 23.10
N LEU A 78 29.89 -0.17 23.81
CA LEU A 78 29.23 0.19 25.06
C LEU A 78 29.97 -0.27 26.30
N ASP A 79 30.88 -1.25 26.18
CA ASP A 79 31.65 -1.78 27.30
C ASP A 79 30.75 -2.50 28.30
N VAL A 80 29.91 -3.40 27.79
CA VAL A 80 28.96 -4.15 28.61
C VAL A 80 29.15 -5.64 28.34
N THR A 81 28.34 -6.45 29.03
CA THR A 81 28.35 -7.90 28.89
C THR A 81 26.92 -8.36 28.64
N LEU A 82 26.61 -8.74 27.42
CA LEU A 82 25.28 -9.14 27.01
C LEU A 82 25.09 -10.64 27.14
N HIS A 83 23.84 -11.06 27.16
CA HIS A 83 23.47 -12.47 27.32
C HIS A 83 22.79 -12.98 26.05
N ARG A 84 22.44 -14.26 26.07
CA ARG A 84 21.88 -14.89 24.89
C ARG A 84 20.53 -14.31 24.51
N ASP A 85 19.75 -13.84 25.47
CA ASP A 85 18.44 -13.32 25.18
C ASP A 85 18.46 -11.89 24.65
N ASN A 86 19.60 -11.22 24.70
CA ASN A 86 19.76 -9.91 24.07
C ASN A 86 19.76 -10.01 22.55
N ASN A 87 19.54 -11.19 21.98
CA ASN A 87 19.53 -11.39 20.54
C ASN A 87 18.29 -12.20 20.16
N ILE A 88 17.20 -11.51 19.86
CA ILE A 88 15.96 -12.15 19.45
C ILE A 88 16.01 -12.47 17.97
N THR A 89 15.54 -13.65 17.60
CA THR A 89 15.34 -13.97 16.19
C THR A 89 13.92 -14.48 15.99
N THR A 90 13.51 -14.59 14.73
CA THR A 90 12.20 -15.15 14.39
C THR A 90 12.10 -16.60 14.84
N GLY A 91 13.16 -17.38 14.65
CA GLY A 91 13.16 -18.76 15.09
C GLY A 91 12.96 -18.92 16.58
N LYS A 92 13.62 -18.08 17.37
CA LYS A 92 13.47 -18.14 18.83
C LYS A 92 12.04 -17.86 19.25
N ILE A 93 11.43 -16.82 18.67
CA ILE A 93 10.07 -16.45 19.04
C ILE A 93 9.09 -17.54 18.64
N TYR A 94 9.18 -17.99 17.40
CA TYR A 94 8.22 -18.99 16.94
C TYR A 94 8.41 -20.30 17.66
N LYS A 95 9.64 -20.65 18.05
CA LYS A 95 9.86 -21.88 18.80
C LYS A 95 9.29 -21.79 20.20
N LEU A 96 9.53 -20.67 20.89
CA LEU A 96 8.93 -20.48 22.21
C LEU A 96 7.41 -20.56 22.15
N VAL A 97 6.80 -19.96 21.13
CA VAL A 97 5.33 -19.95 21.08
C VAL A 97 4.80 -21.33 20.70
N ILE A 98 5.45 -22.01 19.75
CA ILE A 98 4.98 -23.34 19.34
C ILE A 98 5.10 -24.32 20.48
N GLU A 99 6.17 -24.21 21.27
CA GLU A 99 6.32 -25.11 22.42
C GLU A 99 5.31 -24.78 23.51
N LYS A 100 5.11 -23.51 23.80
CA LYS A 100 4.08 -23.13 24.77
C LYS A 100 2.71 -23.67 24.37
N GLU A 101 2.39 -23.62 23.07
CA GLU A 101 1.09 -24.12 22.62
C GLU A 101 1.02 -25.64 22.71
N ARG A 102 2.11 -26.34 22.41
CA ARG A 102 2.07 -27.79 22.35
C ARG A 102 2.01 -28.44 23.73
N THR A 103 2.31 -27.71 24.80
CA THR A 103 2.17 -28.23 26.16
C THR A 103 0.99 -27.59 26.88
N GLY A 104 0.03 -27.07 26.11
CA GLY A 104 -1.23 -26.62 26.64
C GLY A 104 -1.21 -25.56 27.72
N GLU A 105 -0.48 -24.47 27.54
CA GLU A 105 -0.59 -23.33 28.44
C GLU A 105 -1.19 -22.11 27.77
N TYR A 106 -1.91 -22.30 26.67
CA TYR A 106 -2.85 -21.31 26.17
C TYR A 106 -4.29 -21.71 26.46
N LEU A 107 -4.49 -22.88 27.07
CA LEU A 107 -5.78 -23.32 27.62
C LEU A 107 -6.82 -23.60 26.54
N GLY A 108 -6.39 -24.23 25.46
CA GLY A 108 -7.31 -24.65 24.43
C GLY A 108 -7.71 -23.60 23.42
N LYS A 109 -7.14 -22.40 23.49
CA LYS A 109 -7.49 -21.35 22.56
C LYS A 109 -6.74 -21.53 21.25
N THR A 110 -7.17 -20.77 20.24
CA THR A 110 -6.46 -20.73 18.96
C THR A 110 -5.34 -19.72 19.07
N VAL A 111 -4.12 -20.17 18.81
CA VAL A 111 -2.94 -19.32 18.89
C VAL A 111 -2.70 -18.74 17.52
N GLN A 112 -2.64 -17.42 17.45
CA GLN A 112 -2.51 -16.70 16.19
C GLN A 112 -1.32 -15.77 16.29
N VAL A 113 -0.85 -15.31 15.13
CA VAL A 113 0.28 -14.37 15.10
C VAL A 113 -0.06 -13.12 15.90
N VAL A 114 -1.18 -12.49 15.57
CA VAL A 114 -1.75 -11.42 16.38
C VAL A 114 -2.92 -12.01 17.17
N PRO A 115 -2.91 -11.97 18.50
CA PRO A 115 -1.95 -11.26 19.33
C PRO A 115 -0.85 -12.08 20.00
N HIS A 116 -0.70 -13.37 19.72
CA HIS A 116 0.12 -14.19 20.60
C HIS A 116 1.61 -14.04 20.31
N ILE A 117 2.01 -14.03 19.05
CA ILE A 117 3.42 -13.83 18.72
C ILE A 117 3.87 -12.43 19.10
N THR A 118 3.01 -11.44 18.92
CA THR A 118 3.39 -10.07 19.27
C THR A 118 3.39 -9.85 20.78
N ASP A 119 2.51 -10.51 21.52
CA ASP A 119 2.60 -10.52 22.97
C ASP A 119 3.89 -11.15 23.44
N ALA A 120 4.30 -12.26 22.81
CA ALA A 120 5.56 -12.90 23.18
C ALA A 120 6.74 -11.97 22.94
N ILE A 121 6.77 -11.32 21.78
CA ILE A 121 7.85 -10.37 21.47
C ILE A 121 7.90 -9.26 22.51
N GLN A 122 6.74 -8.70 22.86
CA GLN A 122 6.73 -7.58 23.80
C GLN A 122 7.19 -8.01 25.19
N GLU A 123 6.77 -9.18 25.65
CA GLU A 123 7.20 -9.65 26.96
C GLU A 123 8.70 -9.94 26.99
N TRP A 124 9.21 -10.56 25.92
CA TRP A 124 10.66 -10.79 25.82
C TRP A 124 11.43 -9.48 25.91
N VAL A 125 11.01 -8.46 25.15
CA VAL A 125 11.74 -7.20 25.12
C VAL A 125 11.67 -6.51 26.48
N GLU A 126 10.49 -6.47 27.09
CA GLU A 126 10.36 -5.88 28.41
C GLU A 126 11.18 -6.63 29.44
N ARG A 127 11.37 -7.95 29.24
CA ARG A 127 12.07 -8.76 30.22
C ARG A 127 13.57 -8.54 30.17
N VAL A 128 14.19 -8.70 29.00
CA VAL A 128 15.65 -8.62 28.97
C VAL A 128 16.16 -7.20 29.05
N ALA A 129 15.28 -6.20 29.08
CA ALA A 129 15.72 -4.81 29.22
C ALA A 129 15.96 -4.41 30.66
N GLN A 130 15.47 -5.18 31.63
CA GLN A 130 15.72 -4.92 33.04
C GLN A 130 16.86 -5.75 33.59
N THR A 131 17.41 -6.64 32.79
CA THR A 131 18.55 -7.44 33.22
C THR A 131 19.79 -6.55 33.26
N PRO A 132 20.52 -6.49 34.38
CA PRO A 132 21.72 -5.67 34.43
C PRO A 132 22.83 -6.22 33.55
N VAL A 133 23.53 -5.30 32.88
CA VAL A 133 24.65 -5.69 32.02
C VAL A 133 25.96 -5.11 32.50
N GLN A 134 25.97 -4.13 33.39
CA GLN A 134 27.18 -3.53 33.93
C GLN A 134 27.08 -3.67 35.44
N GLY A 135 27.58 -4.79 35.95
CA GLY A 135 27.54 -5.04 37.38
C GLY A 135 26.20 -5.59 37.83
N SER A 136 25.47 -4.80 38.60
CA SER A 136 24.18 -5.22 39.12
C SER A 136 23.12 -4.13 39.08
N SER A 137 23.42 -2.97 38.52
CA SER A 137 22.48 -1.86 38.48
C SER A 137 21.55 -2.00 37.28
N LYS A 138 20.28 -1.67 37.48
CA LYS A 138 19.30 -1.81 36.42
C LYS A 138 19.60 -0.82 35.29
N PRO A 139 19.40 -1.21 34.05
CA PRO A 139 19.54 -0.26 32.94
C PRO A 139 18.44 0.80 33.00
N GLN A 140 18.71 1.92 32.34
CA GLN A 140 17.77 3.02 32.26
C GLN A 140 17.30 3.32 30.86
N VAL A 141 18.09 3.01 29.85
CA VAL A 141 17.70 3.12 28.46
C VAL A 141 18.01 1.79 27.79
N CYS A 142 17.22 1.44 26.79
CA CYS A 142 17.45 0.24 26.00
C CYS A 142 17.39 0.61 24.53
N ILE A 143 18.43 0.26 23.79
CA ILE A 143 18.48 0.49 22.34
C ILE A 143 18.09 -0.81 21.67
N VAL A 144 17.00 -0.78 20.91
CA VAL A 144 16.54 -1.95 20.17
C VAL A 144 16.80 -1.70 18.70
N GLU A 145 17.57 -2.57 18.06
CA GLU A 145 17.89 -2.45 16.65
C GLU A 145 17.19 -3.55 15.88
N LEU A 146 16.32 -3.17 14.96
CA LEU A 146 15.51 -4.08 14.18
C LEU A 146 16.17 -4.32 12.83
N GLY A 147 16.51 -5.57 12.55
CA GLY A 147 17.17 -5.89 11.30
C GLY A 147 16.21 -5.97 10.13
N GLY A 148 16.75 -5.74 8.95
CA GLY A 148 15.94 -5.71 7.75
C GLY A 148 15.34 -4.36 7.47
N THR A 149 14.60 -4.29 6.37
CA THR A 149 14.01 -3.05 5.89
C THR A 149 12.50 -3.13 5.98
N ILE A 150 11.88 -1.99 6.34
CA ILE A 150 10.44 -1.92 6.53
C ILE A 150 9.72 -2.21 5.22
N GLY A 151 8.73 -3.10 5.28
CA GLY A 151 8.03 -3.55 4.11
C GLY A 151 8.30 -4.99 3.76
N ASP A 152 9.39 -5.56 4.27
CA ASP A 152 9.68 -6.97 4.09
C ASP A 152 8.67 -7.84 4.84
N ILE A 153 8.45 -9.05 4.32
CA ILE A 153 7.53 -10.00 4.95
C ILE A 153 8.07 -10.48 6.29
N GLU A 154 9.38 -10.61 6.42
CA GLU A 154 9.97 -11.25 7.59
C GLU A 154 9.83 -10.40 8.84
N GLY A 155 9.76 -9.09 8.69
CA GLY A 155 9.75 -8.18 9.81
C GLY A 155 8.42 -7.63 10.23
N MET A 156 7.32 -8.11 9.66
CA MET A 156 5.99 -7.59 9.97
C MET A 156 5.51 -7.94 11.37
N PRO A 157 5.72 -9.17 11.87
CA PRO A 157 5.38 -9.43 13.28
C PRO A 157 6.07 -8.48 14.25
N PHE A 158 7.30 -8.06 13.95
CA PHE A 158 8.04 -7.21 14.86
C PHE A 158 7.55 -5.77 14.84
N VAL A 159 7.19 -5.24 13.67
CA VAL A 159 6.68 -3.88 13.67
C VAL A 159 5.27 -3.83 14.24
N GLU A 160 4.49 -4.90 14.10
CA GLU A 160 3.20 -4.95 14.76
C GLU A 160 3.35 -4.99 16.28
N ALA A 161 4.27 -5.83 16.76
CA ALA A 161 4.62 -5.87 18.17
C ALA A 161 5.02 -4.50 18.69
N PHE A 162 5.79 -3.75 17.92
CA PHE A 162 6.29 -2.49 18.44
C PHE A 162 5.29 -1.34 18.33
N ARG A 163 4.34 -1.41 17.41
CA ARG A 163 3.18 -0.52 17.48
C ARG A 163 2.44 -0.67 18.81
N GLN A 164 2.00 -1.90 19.08
CA GLN A 164 1.33 -2.15 20.36
C GLN A 164 2.22 -1.76 21.54
N PHE A 165 3.52 -2.01 21.43
CA PHE A 165 4.46 -1.74 22.51
C PHE A 165 4.58 -0.25 22.79
N GLN A 166 4.70 0.57 21.74
CA GLN A 166 4.75 2.01 21.94
C GLN A 166 3.56 2.48 22.73
N PHE A 167 2.40 1.85 22.56
CA PHE A 167 1.31 2.30 23.43
C PHE A 167 1.31 1.65 24.80
N ARG A 168 1.94 0.48 24.96
CA ARG A 168 1.97 -0.18 26.25
C ARG A 168 2.93 0.47 27.24
N VAL A 169 4.04 1.04 26.76
CA VAL A 169 5.02 1.63 27.64
C VAL A 169 4.92 3.16 27.68
N LYS A 170 3.78 3.73 27.30
CA LYS A 170 3.55 5.15 27.52
C LYS A 170 4.50 6.06 26.75
N ARG A 171 4.16 6.34 25.50
CA ARG A 171 4.97 7.01 24.48
C ARG A 171 6.03 7.99 24.99
N GLU A 172 5.82 8.68 26.10
CA GLU A 172 6.88 9.50 26.64
C GLU A 172 8.12 8.68 27.03
N ASN A 173 8.06 7.36 26.87
CA ASN A 173 9.18 6.47 27.16
C ASN A 173 9.66 5.73 25.92
N PHE A 174 9.26 6.17 24.73
CA PHE A 174 9.50 5.42 23.52
C PHE A 174 9.88 6.38 22.40
N CYS A 175 11.04 6.18 21.78
CA CYS A 175 11.53 7.01 20.71
C CYS A 175 11.98 6.13 19.56
N LEU A 176 11.70 6.56 18.33
CA LEU A 176 12.02 5.79 17.14
C LEU A 176 12.93 6.60 16.23
N ALA A 177 14.02 5.99 15.76
CA ALA A 177 14.97 6.60 14.86
C ALA A 177 15.01 5.81 13.57
N HIS A 178 14.80 6.48 12.43
CA HIS A 178 14.69 5.82 11.15
C HIS A 178 15.91 6.15 10.31
N VAL A 179 16.62 5.12 9.86
CA VAL A 179 17.84 5.28 9.08
C VAL A 179 17.51 4.95 7.63
N SER A 180 17.74 5.89 6.73
CA SER A 180 17.34 5.73 5.34
C SER A 180 18.48 6.11 4.42
N LEU A 181 18.33 5.74 3.15
CA LEU A 181 19.32 6.03 2.11
C LEU A 181 18.86 7.21 1.29
N VAL A 182 19.70 8.24 1.21
CA VAL A 182 19.48 9.37 0.31
C VAL A 182 20.40 9.19 -0.89
N PRO A 183 19.94 8.56 -1.97
CA PRO A 183 20.83 8.25 -3.08
C PRO A 183 21.18 9.49 -3.86
N LEU A 184 22.19 9.35 -4.72
CA LEU A 184 22.74 10.48 -5.47
C LEU A 184 23.22 9.99 -6.81
N PRO A 185 22.37 10.09 -7.83
CA PRO A 185 22.79 9.70 -9.18
C PRO A 185 23.75 10.74 -9.76
N LYS A 186 24.92 10.27 -10.20
CA LYS A 186 25.93 11.21 -10.66
C LYS A 186 25.62 11.79 -12.04
N ALA A 187 24.55 11.33 -12.68
CA ALA A 187 24.11 11.98 -13.91
C ALA A 187 23.71 13.42 -13.64
N THR A 188 23.26 13.74 -12.43
CA THR A 188 22.89 15.10 -12.06
C THR A 188 23.45 15.57 -10.73
N GLY A 189 23.97 14.68 -9.90
CA GLY A 189 24.63 15.11 -8.67
C GLY A 189 23.73 15.81 -7.69
N GLU A 190 22.52 15.33 -7.51
CA GLU A 190 21.56 15.91 -6.58
C GLU A 190 21.03 14.81 -5.66
N PRO A 191 20.97 15.05 -4.35
CA PRO A 191 20.46 14.01 -3.45
C PRO A 191 18.95 13.89 -3.57
N LYS A 192 18.47 12.66 -3.65
CA LYS A 192 17.06 12.37 -3.85
C LYS A 192 16.43 11.89 -2.56
N THR A 193 15.35 12.54 -2.15
CA THR A 193 14.63 12.19 -0.94
C THR A 193 13.41 11.33 -1.19
N LYS A 194 13.16 10.92 -2.41
CA LYS A 194 11.93 10.20 -2.75
C LYS A 194 11.86 8.80 -2.15
N PRO A 195 12.95 8.01 -2.15
CA PRO A 195 12.89 6.73 -1.47
C PRO A 195 12.64 6.84 0.03
N THR A 196 13.20 7.87 0.67
CA THR A 196 12.90 8.11 2.08
C THR A 196 11.43 8.44 2.29
N GLN A 197 10.84 9.21 1.37
CA GLN A 197 9.43 9.51 1.45
C GLN A 197 8.60 8.23 1.41
N SER A 198 8.93 7.34 0.48
CA SER A 198 8.20 6.09 0.36
C SER A 198 8.35 5.23 1.62
N SER A 199 9.56 5.11 2.14
CA SER A 199 9.76 4.21 3.28
C SER A 199 9.10 4.77 4.53
N VAL A 200 9.12 6.08 4.73
CA VAL A 200 8.43 6.66 5.88
C VAL A 200 6.93 6.54 5.73
N ARG A 201 6.43 6.56 4.50
CA ARG A 201 5.01 6.30 4.28
C ARG A 201 4.62 4.88 4.71
N GLU A 202 5.42 3.88 4.30
CA GLU A 202 5.16 2.52 4.76
C GLU A 202 5.27 2.40 6.28
N LEU A 203 6.24 3.08 6.88
CA LEU A 203 6.40 3.02 8.33
C LEU A 203 5.19 3.59 9.05
N ARG A 204 4.72 4.76 8.60
CA ARG A 204 3.51 5.35 9.17
C ARG A 204 2.30 4.45 8.99
N GLY A 205 2.16 3.84 7.81
CA GLY A 205 1.07 2.90 7.61
C GLY A 205 1.08 1.76 8.59
N CYS A 206 2.26 1.17 8.83
CA CYS A 206 2.34 0.09 9.81
C CYS A 206 2.10 0.52 11.25
N GLY A 207 2.08 1.82 11.54
CA GLY A 207 1.65 2.30 12.84
C GLY A 207 2.69 3.05 13.64
N LEU A 208 3.90 3.20 13.14
CA LEU A 208 4.99 3.85 13.87
C LEU A 208 5.33 5.19 13.25
N SER A 209 5.76 6.13 14.07
CA SER A 209 6.08 7.48 13.62
C SER A 209 7.48 7.85 14.07
N PRO A 210 8.38 8.23 13.16
CA PRO A 210 9.76 8.52 13.57
C PRO A 210 9.88 9.79 14.38
N ASP A 211 10.87 9.78 15.28
CA ASP A 211 11.26 10.96 16.03
C ASP A 211 12.57 11.56 15.53
N LEU A 212 13.47 10.73 15.00
CA LEU A 212 14.68 11.18 14.34
C LEU A 212 14.76 10.52 12.98
N ILE A 213 15.30 11.24 12.00
CA ILE A 213 15.63 10.67 10.71
C ILE A 213 17.14 10.78 10.54
N VAL A 214 17.78 9.65 10.27
CA VAL A 214 19.21 9.62 10.05
C VAL A 214 19.44 9.28 8.59
N CYS A 215 19.94 10.24 7.84
CA CYS A 215 20.18 10.08 6.42
C CYS A 215 21.58 9.54 6.17
N ARG A 216 21.72 8.78 5.11
CA ARG A 216 22.97 8.13 4.76
C ARG A 216 23.38 8.56 3.36
N SER A 217 24.47 9.31 3.27
CA SER A 217 24.96 9.84 2.01
C SER A 217 26.48 9.88 2.08
N GLU A 218 27.11 10.31 0.98
CA GLU A 218 28.57 10.30 0.93
C GLU A 218 29.17 11.63 1.37
N LYS A 219 28.60 12.76 0.99
CA LYS A 219 28.99 14.01 1.63
C LYS A 219 27.77 14.64 2.28
N PRO A 220 27.96 15.70 3.08
CA PRO A 220 26.80 16.31 3.74
C PRO A 220 25.74 16.78 2.77
N ILE A 221 24.51 16.77 3.23
CA ILE A 221 23.37 17.29 2.49
C ILE A 221 23.04 18.67 3.03
N GLY A 222 22.48 19.51 2.18
CA GLY A 222 22.21 20.89 2.53
C GLY A 222 20.96 21.04 3.37
N LEU A 223 20.56 22.29 3.56
CA LEU A 223 19.36 22.59 4.33
C LEU A 223 18.09 22.46 3.51
N GLU A 224 18.19 22.48 2.19
CA GLU A 224 16.99 22.28 1.38
C GLU A 224 16.55 20.82 1.39
N VAL A 225 17.49 19.89 1.27
CA VAL A 225 17.16 18.47 1.39
C VAL A 225 16.64 18.18 2.78
N LYS A 226 17.26 18.77 3.79
CA LYS A 226 16.84 18.60 5.16
C LYS A 226 15.42 19.09 5.38
N GLU A 227 15.08 20.22 4.75
CA GLU A 227 13.75 20.78 4.92
C GLU A 227 12.70 19.97 4.18
N LYS A 228 13.05 19.44 3.00
CA LYS A 228 12.12 18.56 2.29
C LYS A 228 11.84 17.29 3.09
N ILE A 229 12.88 16.70 3.69
CA ILE A 229 12.69 15.50 4.48
C ILE A 229 11.84 15.80 5.71
N SER A 230 12.13 16.90 6.40
CA SER A 230 11.34 17.21 7.59
C SER A 230 9.90 17.54 7.23
N ASN A 231 9.66 18.05 6.03
CA ASN A 231 8.30 18.32 5.60
C ASN A 231 7.54 17.04 5.33
N PHE A 232 8.15 16.08 4.64
CA PHE A 232 7.41 14.86 4.32
C PHE A 232 7.38 13.84 5.45
N CYS A 233 8.28 13.92 6.42
CA CYS A 233 8.38 12.90 7.46
C CYS A 233 7.94 13.39 8.83
N HIS A 234 7.53 14.64 8.96
CA HIS A 234 6.89 15.18 10.16
C HIS A 234 7.84 15.28 11.34
N VAL A 235 9.10 15.57 11.09
CA VAL A 235 10.07 15.83 12.15
C VAL A 235 10.52 17.28 12.03
N GLY A 236 11.30 17.72 13.00
CA GLY A 236 11.92 19.02 12.91
C GLY A 236 13.17 18.93 12.07
N PRO A 237 13.61 20.05 11.50
CA PRO A 237 14.83 20.02 10.67
C PRO A 237 16.09 19.73 11.47
N ASP A 238 16.08 19.97 12.79
CA ASP A 238 17.20 19.59 13.63
C ASP A 238 17.18 18.10 13.97
N GLN A 239 16.06 17.43 13.79
CA GLN A 239 15.93 16.01 13.99
C GLN A 239 16.22 15.22 12.73
N VAL A 240 16.67 15.86 11.68
CA VAL A 240 17.22 15.20 10.51
C VAL A 240 18.73 15.22 10.66
N ILE A 241 19.31 14.05 10.84
CA ILE A 241 20.72 13.90 11.16
C ILE A 241 21.42 13.32 9.94
N CYS A 242 22.41 14.03 9.44
CA CYS A 242 23.18 13.56 8.29
C CYS A 242 24.46 12.89 8.79
N ILE A 243 24.67 11.66 8.36
CA ILE A 243 25.87 10.90 8.69
C ILE A 243 26.50 10.51 7.36
N HIS A 244 27.55 11.21 6.96
CA HIS A 244 28.27 10.90 5.74
C HIS A 244 29.37 9.90 6.04
N ASP A 245 30.13 9.51 5.02
CA ASP A 245 31.24 8.59 5.20
C ASP A 245 32.42 9.35 5.80
N LEU A 246 32.79 9.00 7.03
CA LEU A 246 33.82 9.68 7.77
C LEU A 246 35.13 8.89 7.73
N ASN A 247 36.10 9.33 8.51
CA ASN A 247 37.40 8.67 8.56
C ASN A 247 37.28 7.27 9.12
N SER A 248 36.82 7.15 10.35
CA SER A 248 36.68 5.88 11.04
C SER A 248 35.26 5.75 11.58
N ILE A 249 35.00 4.63 12.24
CA ILE A 249 33.72 4.47 12.95
C ILE A 249 33.72 5.19 14.28
N TYR A 250 34.87 5.62 14.77
CA TYR A 250 34.93 6.33 16.03
C TYR A 250 34.55 7.79 15.91
N HIS A 251 34.26 8.27 14.70
CA HIS A 251 33.82 9.63 14.47
C HIS A 251 32.32 9.77 14.42
N VAL A 252 31.58 8.67 14.50
CA VAL A 252 30.12 8.71 14.38
C VAL A 252 29.48 9.19 15.67
N PRO A 253 29.90 8.75 16.86
CA PRO A 253 29.35 9.36 18.07
C PRO A 253 29.70 10.82 18.22
N LEU A 254 30.87 11.25 17.73
CA LEU A 254 31.22 12.67 17.80
C LEU A 254 30.38 13.49 16.84
N LEU A 255 30.11 12.96 15.64
CA LEU A 255 29.23 13.64 14.70
C LEU A 255 27.79 13.65 15.19
N MET A 256 27.38 12.65 15.97
CA MET A 256 26.05 12.68 16.56
C MET A 256 25.96 13.70 17.68
N GLU A 257 27.00 13.83 18.48
CA GLU A 257 27.01 14.85 19.52
C GLU A 257 27.14 16.25 18.94
N GLN A 258 27.68 16.39 17.73
CA GLN A 258 27.76 17.70 17.11
C GLN A 258 26.41 18.17 16.58
N ASN A 259 25.54 17.24 16.23
CA ASN A 259 24.20 17.57 15.75
C ASN A 259 23.19 17.71 16.87
N GLY A 260 23.65 17.75 18.11
CA GLY A 260 22.75 17.98 19.24
C GLY A 260 21.75 16.88 19.49
N VAL A 261 22.17 15.63 19.37
CA VAL A 261 21.26 14.51 19.63
C VAL A 261 21.00 14.37 21.11
N ILE A 262 21.99 14.68 21.95
CA ILE A 262 21.85 14.47 23.39
C ILE A 262 20.77 15.37 23.96
N GLU A 263 20.70 16.62 23.50
CA GLU A 263 19.68 17.52 24.03
C GLU A 263 18.29 17.10 23.61
N TYR A 264 18.13 16.66 22.36
CA TYR A 264 16.83 16.19 21.92
C TYR A 264 16.39 14.96 22.70
N LEU A 265 17.30 14.02 22.94
CA LEU A 265 16.92 12.85 23.71
C LEU A 265 16.68 13.17 25.17
N ASN A 266 17.40 14.15 25.71
CA ASN A 266 17.20 14.56 27.09
C ASN A 266 15.85 15.21 27.29
N GLU A 267 15.33 15.89 26.27
CA GLU A 267 14.00 16.47 26.41
C GLU A 267 12.89 15.52 26.00
N ARG A 268 13.14 14.65 25.03
CA ARG A 268 12.09 13.79 24.47
C ARG A 268 11.83 12.58 25.33
N LEU A 269 12.87 11.96 25.85
CA LEU A 269 12.72 10.84 26.77
C LEU A 269 12.70 11.28 28.22
N GLN A 270 12.87 12.57 28.48
CA GLN A 270 12.77 13.14 29.82
C GLN A 270 13.78 12.54 30.78
N LEU A 271 14.93 12.14 30.26
CA LEU A 271 16.07 11.88 31.12
C LEU A 271 16.41 13.16 31.88
N ASN A 272 17.19 13.03 32.95
CA ASN A 272 17.51 14.23 33.70
C ASN A 272 19.01 14.43 33.80
N ILE A 273 19.71 14.27 32.67
CA ILE A 273 21.13 14.56 32.62
C ILE A 273 21.34 16.03 32.97
N ASP A 274 22.33 16.30 33.82
CA ASP A 274 22.71 17.67 34.17
C ASP A 274 23.74 18.14 33.16
N MET A 275 23.28 18.83 32.13
CA MET A 275 24.14 19.19 31.00
C MET A 275 25.06 20.34 31.41
N SER A 276 26.05 19.99 32.23
CA SER A 276 27.02 20.98 32.70
C SER A 276 28.45 20.54 32.51
N LYS A 277 28.78 19.28 32.79
CA LYS A 277 30.16 18.81 32.69
C LYS A 277 30.50 18.64 31.22
N ARG A 278 30.92 19.76 30.61
CA ARG A 278 31.33 19.79 29.21
C ARG A 278 30.26 19.22 28.28
N THR A 279 29.02 19.22 28.74
CA THR A 279 27.95 18.42 28.16
C THR A 279 28.42 16.96 28.05
N LYS A 280 28.78 16.42 29.21
CA LYS A 280 29.00 14.98 29.39
C LYS A 280 30.13 14.47 28.50
N CYS A 281 31.35 14.88 28.89
CA CYS A 281 32.58 14.74 28.13
C CYS A 281 32.73 13.39 27.44
N LEU A 282 32.86 13.44 26.13
CA LEU A 282 33.36 12.32 25.34
C LEU A 282 34.84 12.54 25.06
N GLN A 283 35.60 12.75 26.13
CA GLN A 283 36.97 13.24 26.01
C GLN A 283 37.94 12.19 25.48
N GLN A 284 38.01 11.01 26.11
CA GLN A 284 38.92 10.00 25.63
C GLN A 284 38.46 9.39 24.31
N TRP A 285 37.17 9.45 23.99
CA TRP A 285 36.77 9.10 22.63
C TRP A 285 37.28 10.11 21.63
N ARG A 286 37.33 11.39 22.01
CA ARG A 286 37.94 12.40 21.15
C ARG A 286 39.42 12.11 20.95
N ASP A 287 40.13 11.75 22.02
CA ASP A 287 41.54 11.40 21.90
C ASP A 287 41.73 10.22 20.94
N LEU A 288 40.92 9.18 21.09
CA LEU A 288 41.06 8.00 20.23
C LEU A 288 40.76 8.33 18.78
N ALA A 289 39.69 9.07 18.53
CA ALA A 289 39.35 9.43 17.15
C ALA A 289 40.38 10.36 16.55
N ARG A 290 41.07 11.15 17.37
CA ARG A 290 42.15 11.97 16.86
C ARG A 290 43.36 11.13 16.52
N ARG A 291 43.71 10.17 17.38
CA ARG A 291 44.83 9.27 17.08
C ARG A 291 44.58 8.47 15.81
N THR A 292 43.31 8.19 15.50
CA THR A 292 43.05 7.41 14.30
C THR A 292 43.50 8.13 13.03
N GLU A 293 43.54 9.47 13.03
CA GLU A 293 43.93 10.23 11.86
C GLU A 293 45.29 10.90 12.02
N THR A 294 46.07 10.47 13.00
CA THR A 294 47.37 11.05 13.31
C THR A 294 48.52 10.08 13.16
N VAL A 295 48.32 8.79 13.43
CA VAL A 295 49.40 7.83 13.42
C VAL A 295 50.05 7.76 12.04
N ARG A 296 51.37 7.64 12.02
CA ARG A 296 52.14 7.63 10.78
C ARG A 296 53.01 6.40 10.61
N ARG A 297 53.70 5.96 11.65
CA ARG A 297 54.64 4.86 11.51
C ARG A 297 53.90 3.54 11.32
N GLU A 298 54.35 2.74 10.37
CA GLU A 298 53.63 1.55 9.95
C GLU A 298 54.13 0.31 10.68
N VAL A 299 53.21 -0.63 10.89
CA VAL A 299 53.54 -1.98 11.34
C VAL A 299 52.75 -2.94 10.47
N CYS A 300 53.43 -3.93 9.91
CA CYS A 300 52.81 -4.87 8.98
C CYS A 300 52.68 -6.23 9.64
N ILE A 301 51.46 -6.75 9.68
CA ILE A 301 51.16 -8.02 10.32
C ILE A 301 50.52 -8.93 9.28
N ALA A 302 50.89 -10.21 9.32
CA ALA A 302 50.35 -11.20 8.41
C ALA A 302 49.27 -12.02 9.10
N VAL A 303 48.22 -12.35 8.35
CA VAL A 303 47.10 -13.14 8.84
C VAL A 303 46.94 -14.33 7.92
N VAL A 304 47.38 -15.51 8.39
CA VAL A 304 47.32 -16.73 7.60
C VAL A 304 45.91 -17.30 7.75
N GLY A 305 45.04 -16.97 6.83
CA GLY A 305 43.62 -17.27 6.98
C GLY A 305 43.05 -18.05 5.82
N LYS A 306 42.26 -19.06 6.15
CA LYS A 306 41.64 -19.94 5.16
C LYS A 306 40.75 -19.18 4.19
N TYR A 307 39.68 -18.58 4.70
CA TYR A 307 38.72 -17.86 3.87
C TYR A 307 39.24 -16.44 3.72
N THR A 308 40.12 -16.24 2.73
CA THR A 308 40.79 -14.95 2.57
C THR A 308 39.79 -13.82 2.36
N LYS A 309 38.62 -14.12 1.81
CA LYS A 309 37.55 -13.14 1.74
C LYS A 309 37.25 -12.61 3.14
N PHE A 310 36.93 -11.32 3.21
CA PHE A 310 36.77 -10.64 4.49
C PHE A 310 35.39 -10.03 4.60
N THR A 311 34.37 -10.83 4.31
CA THR A 311 33.00 -10.43 4.62
C THR A 311 32.79 -10.56 6.13
N ASP A 312 33.61 -9.83 6.90
CA ASP A 312 33.56 -9.88 8.35
C ASP A 312 33.86 -11.29 8.87
N SER A 313 34.82 -11.97 8.24
CA SER A 313 35.17 -13.32 8.66
C SER A 313 36.33 -13.35 9.65
N TYR A 314 36.99 -12.22 9.88
CA TYR A 314 38.00 -12.09 10.92
C TYR A 314 37.81 -10.77 11.65
N ALA A 315 36.56 -10.43 11.96
CA ALA A 315 36.24 -9.08 12.40
C ALA A 315 36.85 -8.77 13.76
N SER A 316 36.59 -9.61 14.75
CA SER A 316 37.12 -9.37 16.09
C SER A 316 38.65 -9.42 16.10
N VAL A 317 39.24 -10.26 15.26
CA VAL A 317 40.69 -10.36 15.18
C VAL A 317 41.29 -9.06 14.63
N VAL A 318 40.78 -8.60 13.49
CA VAL A 318 41.26 -7.37 12.88
C VAL A 318 41.08 -6.20 13.84
N LYS A 319 39.96 -6.20 14.58
CA LYS A 319 39.71 -5.07 15.46
C LYS A 319 40.59 -5.12 16.70
N ALA A 320 40.92 -6.32 17.19
CA ALA A 320 41.89 -6.40 18.27
C ALA A 320 43.25 -5.88 17.82
N LEU A 321 43.62 -6.19 16.59
CA LEU A 321 44.88 -5.67 16.04
C LEU A 321 44.86 -4.15 15.93
N GLN A 322 43.72 -3.59 15.51
CA GLN A 322 43.62 -2.14 15.40
C GLN A 322 43.67 -1.46 16.77
N HIS A 323 42.93 -1.99 17.75
CA HIS A 323 42.97 -1.42 19.09
C HIS A 323 44.35 -1.51 19.69
N ALA A 324 45.11 -2.56 19.35
CA ALA A 324 46.47 -2.68 19.85
C ALA A 324 47.37 -1.66 19.19
N ALA A 325 47.29 -1.53 17.86
CA ALA A 325 48.17 -0.62 17.14
C ALA A 325 47.90 0.84 17.50
N LEU A 326 46.66 1.21 17.77
CA LEU A 326 46.38 2.61 18.08
C LEU A 326 46.98 3.02 19.42
N ALA A 327 46.94 2.14 20.41
CA ALA A 327 47.56 2.46 21.69
C ALA A 327 49.08 2.44 21.62
N VAL A 328 49.65 1.68 20.67
CA VAL A 328 51.08 1.71 20.41
C VAL A 328 51.47 2.91 19.57
N ASN A 329 50.49 3.66 19.06
CA ASN A 329 50.71 4.86 18.28
C ASN A 329 51.37 4.54 16.94
N ARG A 330 50.84 3.54 16.25
CA ARG A 330 51.36 3.17 14.95
C ARG A 330 50.23 2.76 14.02
N LYS A 331 50.48 2.89 12.73
CA LYS A 331 49.52 2.54 11.71
C LYS A 331 49.65 1.06 11.37
N LEU A 332 48.51 0.39 11.23
CA LEU A 332 48.47 -1.05 11.01
C LEU A 332 48.19 -1.33 9.54
N GLU A 333 49.08 -2.12 8.93
CA GLU A 333 48.89 -2.59 7.57
C GLU A 333 48.73 -4.11 7.64
N LEU A 334 47.58 -4.60 7.22
CA LEU A 334 47.21 -5.99 7.40
C LEU A 334 47.30 -6.74 6.09
N VAL A 335 48.01 -7.86 6.09
CA VAL A 335 48.17 -8.71 4.91
C VAL A 335 47.40 -9.99 5.14
N PHE A 336 46.60 -10.38 4.17
CA PHE A 336 45.82 -11.61 4.22
C PHE A 336 46.47 -12.64 3.30
N ILE A 337 46.94 -13.73 3.90
CA ILE A 337 47.68 -14.77 3.19
C ILE A 337 46.87 -16.05 3.24
N GLU A 338 46.47 -16.55 2.07
CA GLU A 338 45.76 -17.82 2.00
C GLU A 338 46.64 -18.93 2.54
N SER A 339 46.07 -19.77 3.39
CA SER A 339 46.85 -20.84 4.01
C SER A 339 47.04 -22.01 3.07
N CYS A 340 46.12 -22.23 2.13
CA CYS A 340 46.26 -23.32 1.18
C CYS A 340 47.24 -22.98 0.06
N LEU A 341 47.56 -21.70 -0.14
CA LEU A 341 48.55 -21.30 -1.12
C LEU A 341 49.97 -21.36 -0.58
N LEU A 342 50.17 -22.01 0.57
CA LEU A 342 51.49 -22.18 1.15
C LEU A 342 52.02 -23.60 1.03
N GLU A 343 51.15 -24.59 0.93
CA GLU A 343 51.60 -25.96 0.70
C GLU A 343 52.13 -26.11 -0.71
N GLU A 344 53.18 -26.88 -0.87
CA GLU A 344 53.81 -27.05 -2.17
C GLU A 344 52.95 -27.81 -3.17
N GLU A 345 51.70 -28.16 -2.86
CA GLU A 345 50.81 -28.68 -3.89
C GLU A 345 50.53 -27.60 -4.94
N THR A 346 50.34 -26.36 -4.51
CA THR A 346 50.22 -25.27 -5.46
C THR A 346 51.53 -25.04 -6.20
N LEU A 347 52.66 -25.25 -5.51
CA LEU A 347 53.96 -25.22 -6.18
C LEU A 347 54.01 -26.21 -7.33
N HIS A 348 53.48 -27.42 -7.10
CA HIS A 348 53.41 -28.40 -8.18
C HIS A 348 52.45 -27.93 -9.27
N SER A 349 51.37 -27.25 -8.90
CA SER A 349 50.39 -26.83 -9.89
C SER A 349 50.84 -25.58 -10.63
N GLU A 350 51.02 -24.47 -9.92
CA GLU A 350 51.63 -23.27 -10.50
C GLU A 350 52.42 -22.52 -9.45
N PRO A 351 53.73 -22.35 -9.64
CA PRO A 351 54.58 -21.76 -8.61
C PRO A 351 54.46 -20.25 -8.48
N SER A 352 53.78 -19.56 -9.38
CA SER A 352 53.73 -18.10 -9.36
C SER A 352 53.02 -17.59 -8.09
N LYS A 353 51.77 -17.99 -7.91
CA LYS A 353 51.04 -17.53 -6.73
C LYS A 353 51.65 -18.08 -5.45
N TYR A 354 52.16 -19.31 -5.50
CA TYR A 354 52.88 -19.85 -4.35
C TYR A 354 54.00 -18.91 -3.93
N HIS A 355 54.83 -18.50 -4.89
CA HIS A 355 55.98 -17.67 -4.56
C HIS A 355 55.57 -16.28 -4.11
N LYS A 356 54.56 -15.70 -4.72
CA LYS A 356 54.18 -14.35 -4.30
C LYS A 356 53.55 -14.36 -2.91
N GLU A 357 52.74 -15.36 -2.60
CA GLU A 357 52.22 -15.49 -1.24
C GLU A 357 53.33 -15.71 -0.23
N TRP A 358 54.32 -16.54 -0.58
CA TRP A 358 55.41 -16.75 0.37
C TRP A 358 56.25 -15.50 0.55
N GLN A 359 56.37 -14.67 -0.49
CA GLN A 359 57.11 -13.43 -0.34
C GLN A 359 56.35 -12.43 0.53
N LYS A 360 55.03 -12.36 0.36
CA LYS A 360 54.22 -11.52 1.24
C LYS A 360 54.34 -11.97 2.69
N LEU A 361 54.35 -13.28 2.92
CA LEU A 361 54.57 -13.77 4.29
C LEU A 361 55.97 -13.47 4.78
N CYS A 362 56.95 -13.42 3.87
CA CYS A 362 58.33 -13.23 4.28
C CYS A 362 58.64 -11.78 4.63
N ASP A 363 58.02 -10.81 3.95
CA ASP A 363 58.33 -9.41 4.18
C ASP A 363 57.49 -8.78 5.29
N SER A 364 56.96 -9.56 6.22
CA SER A 364 56.12 -9.06 7.29
C SER A 364 56.89 -8.99 8.60
N HIS A 365 56.39 -8.16 9.52
CA HIS A 365 57.04 -7.98 10.81
C HIS A 365 56.51 -8.90 11.88
N GLY A 366 55.33 -9.47 11.70
CA GLY A 366 54.74 -10.36 12.68
C GLY A 366 53.70 -11.23 12.03
N ILE A 367 53.43 -12.37 12.66
CA ILE A 367 52.52 -13.37 12.12
C ILE A 367 51.41 -13.60 13.12
N LEU A 368 50.18 -13.73 12.62
CA LEU A 368 49.00 -14.03 13.42
C LEU A 368 48.24 -15.15 12.73
N VAL A 369 48.20 -16.33 13.35
CA VAL A 369 47.42 -17.45 12.85
C VAL A 369 46.09 -17.47 13.61
N PRO A 370 44.97 -17.20 12.96
CA PRO A 370 43.68 -17.22 13.65
C PRO A 370 43.09 -18.62 13.71
N GLY A 371 42.02 -18.74 14.49
CA GLY A 371 41.40 -20.03 14.71
C GLY A 371 40.25 -20.34 13.78
N GLY A 372 40.52 -21.12 12.74
CA GLY A 372 39.49 -21.57 11.83
C GLY A 372 38.81 -22.81 12.37
N PHE A 373 37.49 -22.77 12.45
CA PHE A 373 36.71 -23.91 12.92
C PHE A 373 36.68 -24.96 11.81
N GLY A 374 37.77 -25.72 11.75
CA GLY A 374 37.92 -26.74 10.72
C GLY A 374 39.36 -27.18 10.64
N SER A 375 39.67 -27.90 9.56
CA SER A 375 41.02 -28.37 9.29
C SER A 375 41.49 -28.03 7.89
N ARG A 376 40.73 -27.20 7.16
CA ARG A 376 41.09 -26.86 5.79
C ARG A 376 42.20 -25.83 5.79
N GLY A 377 43.30 -26.15 5.11
CA GLY A 377 44.43 -25.23 5.06
C GLY A 377 45.35 -25.28 6.25
N MET A 378 45.19 -26.26 7.14
CA MET A 378 46.04 -26.33 8.32
C MET A 378 47.51 -26.58 7.95
N GLU A 379 47.76 -27.19 6.79
CA GLU A 379 49.14 -27.43 6.37
C GLU A 379 49.90 -26.12 6.19
N GLY A 380 49.27 -25.13 5.56
CA GLY A 380 49.89 -23.82 5.46
C GLY A 380 50.15 -23.21 6.82
N LYS A 381 49.25 -23.45 7.78
CA LYS A 381 49.45 -22.93 9.12
C LYS A 381 50.68 -23.57 9.76
N ILE A 382 50.89 -24.87 9.55
CA ILE A 382 52.08 -25.52 10.09
C ILE A 382 53.32 -24.94 9.43
N ARG A 383 53.28 -24.74 8.11
CA ARG A 383 54.44 -24.19 7.41
C ARG A 383 54.77 -22.78 7.91
N ALA A 384 53.73 -21.97 8.16
CA ALA A 384 53.97 -20.61 8.63
C ALA A 384 54.50 -20.59 10.05
N CYS A 385 53.95 -21.42 10.93
CA CYS A 385 54.50 -21.52 12.28
C CYS A 385 55.96 -21.97 12.26
N GLN A 386 56.29 -22.90 11.37
CA GLN A 386 57.67 -23.36 11.28
C GLN A 386 58.59 -22.25 10.78
N TRP A 387 58.18 -21.57 9.70
CA TRP A 387 58.98 -20.47 9.18
C TRP A 387 59.22 -19.40 10.25
N ALA A 388 58.18 -19.04 10.99
CA ALA A 388 58.35 -18.05 12.03
C ALA A 388 59.20 -18.57 13.19
N ARG A 389 59.21 -19.88 13.40
CA ARG A 389 59.99 -20.43 14.51
C ARG A 389 61.47 -20.43 14.17
N GLU A 390 61.82 -20.70 12.92
CA GLU A 390 63.23 -20.77 12.51
C GLU A 390 63.74 -19.47 11.91
N ASN A 391 63.03 -18.36 12.10
CA ASN A 391 63.49 -17.07 11.63
C ASN A 391 63.41 -15.98 12.69
N GLN A 392 63.03 -16.31 13.92
CA GLN A 392 62.93 -15.35 15.02
C GLN A 392 61.95 -14.22 14.70
N LYS A 393 60.82 -14.58 14.09
CA LYS A 393 59.76 -13.63 13.78
C LYS A 393 58.64 -13.76 14.79
N PRO A 394 58.11 -12.66 15.34
CA PRO A 394 57.11 -12.78 16.40
C PRO A 394 55.80 -13.34 15.89
N LEU A 395 55.18 -14.20 16.70
CA LEU A 395 53.99 -14.93 16.31
C LEU A 395 53.03 -15.06 17.49
N LEU A 396 51.74 -14.98 17.19
CA LEU A 396 50.67 -15.25 18.14
C LEU A 396 49.65 -16.17 17.49
N GLY A 397 49.31 -17.26 18.17
CA GLY A 397 48.35 -18.23 17.66
C GLY A 397 47.11 -18.27 18.52
N ILE A 398 45.96 -18.47 17.87
CA ILE A 398 44.66 -18.28 18.49
C ILE A 398 43.82 -19.54 18.28
N CYS A 399 43.80 -20.42 19.27
CA CYS A 399 42.86 -21.54 19.43
C CYS A 399 43.09 -22.64 18.40
N LEU A 400 43.84 -22.33 17.37
CA LEU A 400 44.33 -23.32 16.42
C LEU A 400 45.80 -23.12 16.09
N GLY A 401 46.31 -21.89 16.19
CA GLY A 401 47.74 -21.68 16.19
C GLY A 401 48.42 -22.34 17.37
N LEU A 402 47.69 -22.64 18.44
CA LEU A 402 48.27 -23.44 19.51
C LEU A 402 48.48 -24.88 19.05
N GLN A 403 47.44 -25.48 18.47
CA GLN A 403 47.58 -26.83 17.94
C GLN A 403 48.62 -26.88 16.84
N ALA A 404 48.57 -25.94 15.89
CA ALA A 404 49.55 -25.93 14.81
C ALA A 404 50.96 -25.72 15.33
N ALA A 405 51.11 -24.86 16.33
CA ALA A 405 52.43 -24.59 16.89
C ALA A 405 52.99 -25.83 17.56
N VAL A 406 52.19 -26.50 18.39
CA VAL A 406 52.70 -27.70 19.07
C VAL A 406 52.94 -28.81 18.07
N ILE A 407 52.15 -28.89 17.00
CA ILE A 407 52.35 -29.91 15.99
C ILE A 407 53.68 -29.70 15.27
N GLU A 408 53.93 -28.47 14.79
CA GLU A 408 55.19 -28.24 14.11
C GLU A 408 56.38 -28.36 15.06
N PHE A 409 56.20 -27.99 16.32
CA PHE A 409 57.27 -28.14 17.30
C PHE A 409 57.65 -29.61 17.45
N ALA A 410 56.66 -30.47 17.74
CA ALA A 410 56.93 -31.90 17.80
C ALA A 410 57.59 -32.37 16.52
N ARG A 411 56.94 -32.14 15.37
CA ARG A 411 57.42 -32.62 14.09
C ARG A 411 58.90 -32.29 13.88
N ASN A 412 59.23 -31.00 13.85
CA ASN A 412 60.55 -30.58 13.41
C ASN A 412 61.48 -30.20 14.56
N LYS A 413 61.19 -30.64 15.78
CA LYS A 413 62.17 -30.49 16.85
C LYS A 413 62.30 -31.70 17.75
N LEU A 414 61.36 -32.66 17.73
CA LEU A 414 61.45 -33.84 18.58
C LEU A 414 61.37 -35.14 17.79
N GLY A 415 61.37 -35.06 16.45
CA GLY A 415 61.49 -36.24 15.62
C GLY A 415 60.22 -37.02 15.37
N LEU A 416 59.09 -36.62 15.97
CA LEU A 416 57.83 -37.32 15.78
C LEU A 416 57.21 -36.87 14.46
N LYS A 417 57.86 -37.27 13.36
CA LYS A 417 57.53 -36.78 12.02
C LYS A 417 56.13 -37.17 11.57
N ASP A 418 55.43 -38.02 12.32
CA ASP A 418 54.06 -38.41 11.98
C ASP A 418 53.04 -37.83 12.95
N ALA A 419 53.41 -36.77 13.66
CA ALA A 419 52.48 -36.13 14.58
C ALA A 419 51.42 -35.35 13.82
N ASN A 420 50.17 -35.53 14.23
CA ASN A 420 49.04 -34.86 13.58
C ASN A 420 47.89 -34.81 14.56
N THR A 421 46.70 -34.51 14.04
CA THR A 421 45.51 -34.35 14.85
C THR A 421 44.64 -35.61 14.78
N THR A 422 43.59 -35.59 15.59
CA THR A 422 42.43 -36.43 15.36
C THR A 422 41.30 -35.66 14.71
N GLU A 423 41.45 -34.33 14.57
CA GLU A 423 40.57 -33.55 13.71
C GLU A 423 40.45 -34.20 12.34
N ILE A 424 41.59 -34.32 11.66
CA ILE A 424 41.72 -35.13 10.46
C ILE A 424 42.85 -36.12 10.70
N ASP A 425 42.89 -37.15 9.87
CA ASP A 425 43.82 -38.26 10.03
C ASP A 425 43.64 -38.83 11.43
N PRO A 426 42.50 -39.45 11.72
CA PRO A 426 42.30 -40.04 13.06
C PRO A 426 43.08 -41.31 13.27
N ASN A 427 43.74 -41.82 12.24
CA ASN A 427 44.56 -43.02 12.33
C ASN A 427 46.01 -42.59 12.42
N THR A 428 46.48 -42.38 13.65
CA THR A 428 47.85 -41.94 13.89
C THR A 428 48.31 -42.47 15.23
N ALA A 429 49.52 -43.05 15.25
CA ALA A 429 50.10 -43.51 16.50
C ALA A 429 50.40 -42.35 17.43
N ASN A 430 50.93 -41.26 16.87
CA ASN A 430 51.33 -40.09 17.66
C ASN A 430 50.24 -39.03 17.56
N ALA A 431 49.18 -39.20 18.35
CA ALA A 431 48.10 -38.22 18.41
C ALA A 431 48.55 -37.10 19.33
N LEU A 432 49.08 -36.02 18.74
CA LEU A 432 49.58 -34.91 19.55
C LEU A 432 48.44 -34.13 20.17
N VAL A 433 47.33 -33.97 19.45
CA VAL A 433 46.13 -33.34 19.98
C VAL A 433 45.05 -34.40 20.12
N ILE A 434 44.35 -34.35 21.24
CA ILE A 434 43.31 -35.32 21.56
C ILE A 434 42.01 -34.58 21.77
N ASP A 435 40.96 -35.29 22.17
CA ASP A 435 39.64 -34.70 22.37
C ASP A 435 39.23 -34.96 23.82
N MET A 436 39.30 -33.93 24.66
CA MET A 436 38.95 -34.02 26.07
C MET A 436 37.73 -33.14 26.32
N PRO A 437 36.53 -33.66 26.07
CA PRO A 437 35.33 -32.83 26.17
C PRO A 437 35.02 -32.47 27.62
N GLU A 438 34.07 -31.55 27.77
CA GLU A 438 33.62 -31.13 29.09
C GLU A 438 32.55 -32.07 29.61
N HIS A 439 32.66 -32.44 30.88
CA HIS A 439 31.69 -33.31 31.55
C HIS A 439 31.20 -32.59 32.80
N HIS A 440 30.18 -31.75 32.63
CA HIS A 440 29.53 -31.08 33.74
C HIS A 440 28.19 -31.74 34.02
N THR A 441 27.81 -31.78 35.30
CA THR A 441 26.56 -32.41 35.69
C THR A 441 25.39 -31.69 35.02
N GLY A 442 24.64 -32.43 34.21
CA GLY A 442 23.63 -31.85 33.36
C GLY A 442 23.92 -32.16 31.90
N GLN A 443 24.86 -33.08 31.70
CA GLN A 443 25.29 -33.51 30.38
C GLN A 443 25.14 -35.01 30.28
N LEU A 444 24.72 -35.48 29.10
CA LEU A 444 24.79 -36.89 28.73
C LEU A 444 25.67 -36.96 27.49
N GLY A 445 26.96 -37.19 27.71
CA GLY A 445 27.95 -37.12 26.66
C GLY A 445 28.97 -36.04 26.94
N GLY A 446 29.37 -35.27 25.92
CA GLY A 446 30.32 -34.20 26.11
C GLY A 446 30.16 -33.07 25.10
N THR A 447 30.45 -31.85 25.52
CA THR A 447 30.35 -30.68 24.67
C THR A 447 31.59 -29.82 24.84
N MET A 448 31.67 -28.76 24.03
CA MET A 448 32.85 -27.91 24.01
C MET A 448 33.03 -27.19 25.34
N ARG A 449 34.24 -26.66 25.53
CA ARG A 449 34.46 -25.65 26.56
C ARG A 449 34.00 -24.32 25.96
N LEU A 450 32.91 -23.78 26.51
CA LEU A 450 32.19 -22.68 25.92
C LEU A 450 31.92 -21.63 26.98
N GLY A 451 32.47 -20.44 26.80
CA GLY A 451 32.19 -19.33 27.67
C GLY A 451 33.39 -18.95 28.52
N LYS A 452 33.11 -18.14 29.53
CA LYS A 452 34.16 -17.59 30.37
C LYS A 452 34.67 -18.64 31.34
N ARG A 453 35.98 -18.87 31.33
CA ARG A 453 36.63 -19.82 32.22
C ARG A 453 37.84 -19.16 32.87
N ILE A 454 38.21 -19.65 34.04
CA ILE A 454 39.33 -19.12 34.79
C ILE A 454 40.61 -19.83 34.37
N THR A 455 41.72 -19.08 34.40
CA THR A 455 43.03 -19.58 33.98
C THR A 455 44.07 -19.11 34.99
N VAL A 456 44.89 -20.05 35.46
CA VAL A 456 45.93 -19.74 36.43
C VAL A 456 47.30 -19.95 35.80
N PHE A 457 48.20 -19.01 36.03
CA PHE A 457 49.55 -19.07 35.49
C PHE A 457 50.43 -19.98 36.34
N SER A 458 51.58 -20.37 35.77
CA SER A 458 52.43 -21.37 36.40
C SER A 458 53.51 -20.75 37.29
N ASP A 459 54.40 -19.94 36.72
CA ASP A 459 55.60 -19.53 37.44
C ASP A 459 55.99 -18.12 37.02
N GLY A 460 57.21 -17.72 37.38
CA GLY A 460 57.67 -16.36 37.25
C GLY A 460 58.11 -15.93 35.86
N PRO A 461 59.11 -16.60 35.29
CA PRO A 461 59.69 -16.12 34.03
C PRO A 461 58.81 -16.31 32.82
N SER A 462 57.91 -15.36 32.58
CA SER A 462 57.08 -15.35 31.38
C SER A 462 56.64 -13.92 31.09
N VAL A 463 56.47 -13.61 29.81
CA VAL A 463 56.09 -12.25 29.43
C VAL A 463 54.58 -12.07 29.48
N ILE A 464 53.81 -13.12 29.18
CA ILE A 464 52.36 -13.01 29.18
C ILE A 464 51.84 -12.66 30.56
N ARG A 465 52.50 -13.13 31.60
CA ARG A 465 52.12 -12.71 32.94
C ARG A 465 52.38 -11.22 33.15
N GLN A 466 53.42 -10.69 32.51
CA GLN A 466 53.74 -9.27 32.63
C GLN A 466 52.72 -8.40 31.89
N LEU A 467 52.40 -8.76 30.65
CA LEU A 467 51.46 -7.98 29.86
C LEU A 467 50.08 -7.96 30.51
N TYR A 468 49.74 -8.98 31.29
CA TYR A 468 48.46 -9.05 31.97
C TYR A 468 48.46 -8.31 33.30
N GLY A 469 49.51 -7.55 33.61
CA GLY A 469 49.58 -6.86 34.88
C GLY A 469 49.96 -7.73 36.04
N ASN A 470 50.65 -8.83 35.80
CA ASN A 470 51.04 -9.79 36.83
C ASN A 470 49.90 -10.17 37.78
N PRO A 471 48.80 -10.73 37.26
CA PRO A 471 47.76 -11.27 38.14
C PRO A 471 47.96 -12.76 38.34
N LYS A 472 47.22 -13.31 39.30
CA LYS A 472 47.28 -14.75 39.53
C LYS A 472 46.40 -15.51 38.57
N SER A 473 45.30 -14.91 38.13
CA SER A 473 44.37 -15.58 37.23
C SER A 473 43.85 -14.58 36.19
N VAL A 474 43.18 -15.11 35.18
CA VAL A 474 42.59 -14.28 34.12
C VAL A 474 41.41 -15.04 33.54
N GLN A 475 40.29 -14.34 33.39
CA GLN A 475 39.08 -14.92 32.83
C GLN A 475 39.00 -14.59 31.35
N GLU A 476 38.85 -15.62 30.52
CA GLU A 476 38.83 -15.46 29.08
C GLU A 476 37.68 -16.28 28.53
N ARG A 477 37.58 -16.37 27.20
CA ARG A 477 36.45 -17.03 26.55
C ARG A 477 36.95 -18.15 25.64
N HIS A 478 36.40 -19.34 25.84
CA HIS A 478 36.84 -20.54 25.15
C HIS A 478 35.74 -21.03 24.22
N ARG A 479 36.13 -21.51 23.05
CA ARG A 479 35.23 -22.18 22.12
C ARG A 479 35.91 -23.35 21.43
N HIS A 480 36.66 -24.14 22.18
CA HIS A 480 37.44 -25.22 21.60
C HIS A 480 36.90 -26.58 22.03
N ARG A 481 37.38 -27.61 21.35
CA ARG A 481 37.03 -28.98 21.68
C ARG A 481 38.24 -29.86 21.92
N TYR A 482 39.32 -29.68 21.16
CA TYR A 482 40.50 -30.53 21.24
C TYR A 482 41.59 -29.87 22.06
N GLU A 483 42.35 -30.69 22.78
CA GLU A 483 43.47 -30.21 23.58
C GLU A 483 44.75 -30.95 23.19
N VAL A 484 45.80 -30.78 23.97
CA VAL A 484 47.04 -31.52 23.77
C VAL A 484 47.15 -32.58 24.87
N ASN A 485 47.94 -33.63 24.58
CA ASN A 485 47.98 -34.80 25.44
C ASN A 485 49.08 -34.65 26.49
N PRO A 486 48.77 -34.83 27.78
CA PRO A 486 49.75 -34.50 28.84
C PRO A 486 51.05 -35.28 28.76
N LYS A 487 51.02 -36.53 28.29
CA LYS A 487 52.26 -37.26 28.05
C LYS A 487 53.21 -36.37 27.25
N TYR A 488 52.75 -35.85 26.13
CA TYR A 488 53.60 -35.01 25.31
C TYR A 488 53.85 -33.65 25.92
N VAL A 489 52.96 -33.14 26.78
CA VAL A 489 53.20 -31.82 27.37
C VAL A 489 54.39 -31.90 28.32
N HIS A 490 54.60 -33.05 28.96
CA HIS A 490 55.84 -33.15 29.71
C HIS A 490 56.98 -33.74 28.87
N LEU A 491 56.68 -34.35 27.73
CA LEU A 491 57.73 -34.75 26.81
C LEU A 491 58.45 -33.54 26.25
N LEU A 492 57.73 -32.68 25.54
CA LEU A 492 58.32 -31.47 24.94
C LEU A 492 58.22 -30.27 25.88
N GLU A 493 58.67 -30.45 27.12
CA GLU A 493 58.91 -29.32 28.01
C GLU A 493 60.38 -29.15 28.35
N GLU A 494 61.17 -30.21 28.21
CA GLU A 494 62.62 -30.12 28.34
C GLU A 494 63.26 -29.42 27.15
N GLN A 495 62.54 -29.28 26.05
CA GLN A 495 63.12 -28.87 24.78
C GLN A 495 62.90 -27.40 24.47
N GLY A 496 62.14 -26.69 25.29
CA GLY A 496 62.00 -25.26 25.12
C GLY A 496 60.58 -24.75 25.06
N MET A 497 59.60 -25.63 25.24
CA MET A 497 58.19 -25.26 25.11
C MET A 497 57.58 -25.24 26.51
N ARG A 498 57.62 -24.08 27.15
CA ARG A 498 57.10 -23.92 28.49
C ARG A 498 55.61 -23.63 28.47
N PHE A 499 54.89 -24.24 29.40
CA PHE A 499 53.45 -24.04 29.55
C PHE A 499 53.19 -23.11 30.72
N VAL A 500 52.67 -21.92 30.43
CA VAL A 500 52.63 -20.85 31.41
C VAL A 500 51.31 -20.82 32.18
N GLY A 501 50.20 -21.14 31.53
CA GLY A 501 48.91 -21.05 32.18
C GLY A 501 48.02 -22.21 31.81
N THR A 502 47.16 -22.58 32.76
CA THR A 502 46.18 -23.62 32.52
C THR A 502 45.08 -23.51 33.57
N ASP A 503 44.20 -24.49 33.60
CA ASP A 503 43.01 -24.46 34.42
C ASP A 503 43.36 -24.62 35.89
N VAL A 504 42.34 -24.79 36.72
CA VAL A 504 42.57 -24.98 38.14
C VAL A 504 42.92 -26.44 38.43
N ASP A 505 42.47 -27.37 37.59
CA ASP A 505 42.73 -28.79 37.79
C ASP A 505 43.97 -29.26 37.03
N LYS A 506 44.58 -28.40 36.22
CA LYS A 506 45.84 -28.68 35.52
C LYS A 506 45.73 -29.92 34.62
N THR A 507 44.57 -30.16 34.04
CA THR A 507 44.39 -31.30 33.16
C THR A 507 44.44 -30.90 31.68
N ARG A 508 44.33 -29.62 31.37
CA ARG A 508 44.45 -29.12 30.01
C ARG A 508 45.52 -28.04 29.99
N MET A 509 45.91 -27.64 28.79
CA MET A 509 46.94 -26.63 28.60
C MET A 509 46.39 -25.52 27.73
N GLU A 510 46.65 -24.27 28.12
CA GLU A 510 46.02 -23.12 27.49
C GLU A 510 47.00 -22.14 26.87
N ILE A 511 48.15 -21.89 27.51
CA ILE A 511 49.12 -20.93 27.02
C ILE A 511 50.48 -21.61 26.95
N ILE A 512 51.01 -21.73 25.74
CA ILE A 512 52.39 -22.17 25.54
C ILE A 512 53.22 -20.95 25.16
N GLU A 513 54.51 -21.02 25.49
CA GLU A 513 55.45 -19.93 25.22
C GLU A 513 56.83 -20.54 25.07
N LEU A 514 57.27 -20.73 23.83
CA LEU A 514 58.59 -21.34 23.63
C LEU A 514 59.66 -20.28 23.86
N SER A 515 60.52 -20.52 24.83
CA SER A 515 61.57 -19.58 25.18
C SER A 515 62.73 -19.68 24.20
N GLY A 516 63.60 -18.68 24.24
CA GLY A 516 64.61 -18.53 23.20
C GLY A 516 64.05 -17.96 21.92
N HIS A 517 63.15 -16.97 22.03
CA HIS A 517 62.45 -16.39 20.90
C HIS A 517 61.91 -15.05 21.37
N PRO A 518 61.91 -14.01 20.52
CA PRO A 518 61.37 -12.71 20.95
C PRO A 518 59.96 -12.80 21.46
N TYR A 519 59.03 -13.29 20.64
CA TYR A 519 57.63 -13.39 21.03
C TYR A 519 57.01 -14.54 20.25
N PHE A 520 56.93 -15.71 20.89
CA PHE A 520 56.29 -16.89 20.31
C PHE A 520 55.38 -17.48 21.38
N VAL A 521 54.11 -17.09 21.37
CA VAL A 521 53.14 -17.57 22.34
C VAL A 521 51.90 -18.04 21.61
N ALA A 522 51.05 -18.78 22.32
CA ALA A 522 49.82 -19.30 21.77
C ALA A 522 48.80 -19.45 22.89
N THR A 523 47.52 -19.41 22.53
CA THR A 523 46.44 -19.46 23.49
C THR A 523 45.31 -20.31 22.95
N GLN A 524 44.72 -21.13 23.83
CA GLN A 524 43.56 -21.93 23.42
C GLN A 524 42.31 -21.07 23.32
N TYR A 525 42.18 -20.06 24.17
CA TYR A 525 41.02 -19.19 24.17
C TYR A 525 41.13 -18.16 23.06
N HIS A 526 40.15 -17.27 23.00
CA HIS A 526 40.19 -16.15 22.07
C HIS A 526 40.36 -14.87 22.85
N PRO A 527 41.50 -14.18 22.73
CA PRO A 527 41.66 -12.91 23.44
C PRO A 527 41.00 -11.73 22.76
N GLU A 528 40.55 -11.90 21.52
CA GLU A 528 39.94 -10.84 20.75
C GLU A 528 38.47 -10.63 21.07
N TYR A 529 37.92 -11.38 22.03
CA TYR A 529 36.55 -11.17 22.46
C TYR A 529 36.44 -10.20 23.62
N LEU A 530 37.54 -9.92 24.31
CA LEU A 530 37.54 -8.96 25.40
C LEU A 530 38.33 -7.69 25.06
N SER A 531 38.61 -7.49 23.78
CA SER A 531 39.35 -6.31 23.33
C SER A 531 38.37 -5.17 23.11
N ARG A 532 38.66 -4.02 23.72
CA ARG A 532 37.84 -2.83 23.64
C ARG A 532 38.62 -1.69 23.00
N PRO A 533 37.94 -0.70 22.43
CA PRO A 533 38.67 0.44 21.85
C PRO A 533 39.55 1.18 22.84
N LEU A 534 39.14 1.28 24.10
CA LEU A 534 39.87 2.05 25.09
C LEU A 534 40.69 1.19 26.04
N LYS A 535 40.76 -0.13 25.82
CA LYS A 535 41.67 -1.00 26.56
C LYS A 535 41.96 -2.24 25.73
N PRO A 536 43.11 -2.29 25.07
CA PRO A 536 43.42 -3.42 24.18
C PRO A 536 43.64 -4.72 24.93
N SER A 537 43.93 -5.81 24.21
CA SER A 537 44.18 -7.02 24.97
C SER A 537 45.66 -7.34 24.99
N PRO A 538 46.17 -7.80 26.13
CA PRO A 538 47.62 -7.92 26.34
C PRO A 538 48.33 -8.82 25.34
N PRO A 539 47.75 -9.95 24.92
CA PRO A 539 48.43 -10.73 23.86
C PRO A 539 48.67 -9.95 22.57
N PHE A 540 47.66 -9.28 22.04
CA PHE A 540 47.86 -8.49 20.83
C PHE A 540 48.73 -7.28 21.10
N LEU A 541 48.64 -6.71 22.30
CA LEU A 541 49.51 -5.61 22.66
C LEU A 541 50.97 -6.04 22.57
N GLY A 542 51.29 -7.20 23.12
CA GLY A 542 52.66 -7.68 23.04
C GLY A 542 53.07 -8.05 21.63
N LEU A 543 52.14 -8.61 20.86
CA LEU A 543 52.47 -8.94 19.48
C LEU A 543 52.80 -7.69 18.66
N ILE A 544 52.12 -6.58 18.93
CA ILE A 544 52.42 -5.34 18.23
C ILE A 544 53.71 -4.72 18.76
N LEU A 545 53.90 -4.74 20.08
CA LEU A 545 55.12 -4.19 20.65
C LEU A 545 56.37 -4.98 20.28
N ALA A 546 56.21 -6.24 19.88
CA ALA A 546 57.34 -7.04 19.48
C ALA A 546 57.67 -6.87 18.01
N SER A 547 56.64 -6.73 17.17
CA SER A 547 56.85 -6.61 15.74
C SER A 547 57.46 -5.28 15.34
N VAL A 548 57.66 -4.38 16.29
CA VAL A 548 58.25 -3.09 16.00
C VAL A 548 59.37 -2.83 17.01
N ASP A 549 59.75 -3.88 17.73
CA ASP A 549 60.91 -3.89 18.62
C ASP A 549 60.74 -2.88 19.75
N ARG A 550 59.55 -2.84 20.33
CA ARG A 550 59.26 -1.98 21.47
C ARG A 550 58.83 -2.77 22.69
N LEU A 551 58.97 -4.09 22.67
CA LEU A 551 58.43 -4.92 23.73
C LEU A 551 59.25 -4.79 25.02
N ASN A 552 60.56 -5.04 24.94
CA ASN A 552 61.40 -4.99 26.14
C ASN A 552 61.35 -3.61 26.79
N GLN A 553 61.37 -2.55 25.98
CA GLN A 553 61.23 -1.20 26.52
C GLN A 553 59.90 -1.01 27.23
N TYR A 554 58.83 -1.64 26.77
CA TYR A 554 57.53 -1.51 27.40
C TYR A 554 57.45 -2.30 28.70
N ILE A 555 58.23 -3.38 28.82
CA ILE A 555 58.15 -4.24 30.00
C ILE A 555 58.58 -3.46 31.25
N GLN A 556 59.58 -2.59 31.11
CA GLN A 556 60.07 -1.82 32.24
C GLN A 556 59.33 -0.50 32.39
N MET B 1 -2.48 -0.61 -34.49
CA MET B 1 -1.56 0.30 -33.82
C MET B 1 -0.98 -0.35 -32.57
N LYS B 2 0.34 -0.41 -32.51
CA LYS B 2 1.08 -0.99 -31.41
C LYS B 2 1.59 0.11 -30.48
N TYR B 3 1.64 -0.18 -29.20
CA TYR B 3 2.05 0.80 -28.19
C TYR B 3 3.19 0.25 -27.36
N ILE B 4 4.09 1.14 -26.97
CA ILE B 4 5.13 0.85 -25.98
C ILE B 4 5.11 1.96 -24.96
N LEU B 5 4.82 1.61 -23.71
CA LEU B 5 4.78 2.56 -22.61
C LEU B 5 6.04 2.43 -21.77
N VAL B 6 6.66 3.55 -21.44
CA VAL B 6 7.93 3.61 -20.73
C VAL B 6 7.68 4.32 -19.42
N THR B 7 7.76 3.59 -18.31
CA THR B 7 7.50 4.13 -16.98
C THR B 7 8.78 4.17 -16.15
N GLY B 8 8.71 4.88 -15.03
CA GLY B 8 9.88 5.12 -14.22
C GLY B 8 9.71 4.62 -12.80
N GLY B 9 10.83 4.29 -12.17
CA GLY B 9 10.81 3.51 -10.95
C GLY B 9 11.04 4.25 -9.65
N VAL B 10 12.27 4.21 -9.16
CA VAL B 10 12.54 4.56 -7.77
C VAL B 10 12.65 6.07 -7.60
N ILE B 11 13.36 6.74 -8.49
CA ILE B 11 13.60 8.17 -8.42
C ILE B 11 13.22 8.78 -9.77
N SER B 12 13.47 10.08 -9.90
CA SER B 12 13.07 10.80 -11.10
C SER B 12 14.17 10.85 -12.14
N GLY B 13 15.35 11.33 -11.79
CA GLY B 13 16.41 11.43 -12.77
C GLY B 13 17.02 10.09 -13.14
N VAL B 14 16.19 9.17 -13.63
CA VAL B 14 16.63 7.79 -13.82
C VAL B 14 16.94 7.45 -15.27
N GLY B 15 16.64 8.32 -16.22
CA GLY B 15 17.06 8.11 -17.59
C GLY B 15 16.00 7.60 -18.54
N LYS B 16 14.77 8.10 -18.40
CA LYS B 16 13.65 7.58 -19.18
C LYS B 16 13.67 8.08 -20.63
N GLY B 17 14.08 9.33 -20.82
CA GLY B 17 14.03 9.92 -22.15
C GLY B 17 14.94 9.24 -23.14
N VAL B 18 16.16 8.90 -22.71
CA VAL B 18 17.09 8.24 -23.62
C VAL B 18 16.63 6.82 -23.93
N ILE B 19 16.02 6.13 -22.97
CA ILE B 19 15.49 4.79 -23.23
C ILE B 19 14.39 4.85 -24.27
N ALA B 20 13.45 5.79 -24.11
CA ALA B 20 12.35 5.90 -25.06
C ALA B 20 12.83 6.30 -26.45
N SER B 21 13.75 7.26 -26.52
CA SER B 21 14.31 7.66 -27.81
C SER B 21 15.06 6.52 -28.49
N SER B 22 15.74 5.68 -27.71
CA SER B 22 16.48 4.58 -28.30
C SER B 22 15.55 3.49 -28.82
N PHE B 23 14.47 3.20 -28.10
CA PHE B 23 13.43 2.34 -28.65
C PHE B 23 12.99 2.85 -30.01
N GLY B 24 12.70 4.15 -30.08
CA GLY B 24 12.28 4.73 -31.35
C GLY B 24 13.30 4.55 -32.45
N THR B 25 14.58 4.81 -32.13
CA THR B 25 15.63 4.71 -33.14
C THR B 25 15.77 3.28 -33.66
N LEU B 26 15.73 2.29 -32.77
CA LEU B 26 15.78 0.89 -33.19
C LEU B 26 14.65 0.55 -34.13
N LEU B 27 13.41 0.81 -33.70
CA LEU B 27 12.26 0.46 -34.52
C LEU B 27 12.28 1.20 -35.85
N LYS B 28 12.76 2.45 -35.86
CA LYS B 28 12.88 3.20 -37.11
C LYS B 28 13.87 2.53 -38.05
N SER B 29 15.03 2.14 -37.53
CA SER B 29 16.01 1.46 -38.37
C SER B 29 15.48 0.14 -38.93
N CYS B 30 14.59 -0.52 -38.20
CA CYS B 30 14.01 -1.76 -38.68
C CYS B 30 12.92 -1.57 -39.74
N GLY B 31 12.64 -0.34 -40.14
CA GLY B 31 11.71 -0.10 -41.23
C GLY B 31 10.28 0.20 -40.84
N LEU B 32 10.04 0.69 -39.62
CA LEU B 32 8.71 0.98 -39.15
C LEU B 32 8.48 2.48 -39.04
N ASP B 33 7.21 2.87 -39.09
CA ASP B 33 6.80 4.25 -38.85
C ASP B 33 6.50 4.41 -37.38
N VAL B 34 7.22 5.31 -36.71
CA VAL B 34 7.15 5.47 -35.26
C VAL B 34 6.79 6.91 -34.93
N THR B 35 5.78 7.10 -34.10
CA THR B 35 5.50 8.38 -33.48
C THR B 35 5.80 8.25 -31.99
N SER B 36 5.64 9.36 -31.26
CA SER B 36 5.94 9.30 -29.84
C SER B 36 5.16 10.38 -29.11
N ILE B 37 4.76 10.07 -27.88
CA ILE B 37 4.01 10.98 -27.03
C ILE B 37 4.72 11.11 -25.71
N LYS B 38 4.84 12.34 -25.22
CA LYS B 38 5.45 12.62 -23.92
C LYS B 38 4.38 13.16 -22.98
N ILE B 39 4.27 12.57 -21.80
CA ILE B 39 3.29 12.96 -20.81
C ILE B 39 4.00 13.61 -19.64
N ASP B 40 3.71 14.89 -19.39
CA ASP B 40 4.29 15.64 -18.29
C ASP B 40 3.21 15.89 -17.24
N PRO B 41 3.36 15.40 -16.03
CA PRO B 41 2.26 15.55 -15.05
C PRO B 41 2.21 16.91 -14.38
N TYR B 42 2.85 17.93 -14.92
CA TYR B 42 2.79 19.24 -14.29
C TYR B 42 1.59 20.03 -14.83
N ILE B 43 1.27 21.12 -14.13
CA ILE B 43 0.01 21.81 -14.40
C ILE B 43 0.13 22.78 -15.57
N ASN B 44 1.33 23.12 -16.00
CA ASN B 44 1.50 24.07 -17.09
C ASN B 44 0.83 23.56 -18.37
N ILE B 45 0.60 24.48 -19.30
CA ILE B 45 0.02 24.16 -20.60
C ILE B 45 1.07 24.22 -21.70
N ASP B 46 1.91 25.25 -21.68
CA ASP B 46 3.00 25.41 -22.64
C ASP B 46 4.28 25.71 -21.90
N ALA B 47 5.34 26.06 -22.64
CA ALA B 47 6.57 26.54 -22.06
C ALA B 47 6.74 28.04 -22.24
N GLY B 48 5.70 28.73 -22.69
CA GLY B 48 5.76 30.17 -22.87
C GLY B 48 5.84 30.96 -21.58
N THR B 49 5.56 30.33 -20.44
CA THR B 49 5.76 30.95 -19.14
C THR B 49 7.08 30.59 -18.50
N PHE B 50 7.62 29.41 -18.81
CA PHE B 50 8.85 28.93 -18.20
C PHE B 50 9.98 29.95 -18.35
N SER B 51 10.60 30.29 -17.24
CA SER B 51 11.79 31.13 -17.30
C SER B 51 12.96 30.33 -17.88
N PRO B 52 13.82 30.98 -18.65
CA PRO B 52 14.96 30.23 -19.23
C PRO B 52 15.93 29.74 -18.18
N TYR B 53 16.19 30.52 -17.14
CA TYR B 53 17.07 30.08 -16.07
C TYR B 53 16.42 29.05 -15.16
N GLU B 54 15.14 28.75 -15.36
CA GLU B 54 14.43 27.81 -14.51
C GLU B 54 14.29 26.44 -15.14
N HIS B 55 14.12 26.37 -16.45
CA HIS B 55 14.00 25.10 -17.16
C HIS B 55 14.92 24.99 -18.37
N GLY B 56 15.12 26.08 -19.09
CA GLY B 56 16.07 26.10 -20.18
C GLY B 56 15.57 25.54 -21.49
N GLU B 57 15.85 26.26 -22.58
CA GLU B 57 15.69 25.76 -23.94
C GLU B 57 14.24 25.33 -24.22
N VAL B 58 13.39 26.34 -24.30
CA VAL B 58 12.13 26.20 -25.03
C VAL B 58 12.42 25.68 -26.43
N TYR B 59 11.81 24.57 -26.81
CA TYR B 59 11.91 24.02 -28.15
C TYR B 59 10.67 24.40 -28.93
N VAL B 60 10.85 24.76 -30.19
CA VAL B 60 9.79 25.32 -31.01
C VAL B 60 9.49 24.34 -32.14
N LEU B 61 8.26 23.83 -32.17
CA LEU B 61 7.85 22.95 -33.26
C LEU B 61 7.52 23.77 -34.50
N ASP B 62 7.35 23.09 -35.62
CA ASP B 62 7.18 23.81 -36.88
C ASP B 62 5.73 24.19 -37.14
N ASP B 63 4.87 24.12 -36.13
CA ASP B 63 3.55 24.73 -36.17
C ASP B 63 3.46 25.92 -35.24
N GLY B 64 4.52 26.23 -34.52
CA GLY B 64 4.54 27.35 -33.62
C GLY B 64 4.34 27.03 -32.16
N ALA B 65 4.44 25.78 -31.76
CA ALA B 65 4.24 25.41 -30.37
C ALA B 65 5.55 25.48 -29.60
N GLU B 66 5.47 25.99 -28.38
CA GLU B 66 6.61 26.01 -27.45
C GLU B 66 6.40 24.90 -26.44
N VAL B 67 7.23 23.87 -26.51
CA VAL B 67 7.00 22.64 -25.78
C VAL B 67 8.25 22.30 -24.97
N ASP B 68 8.19 21.14 -24.32
CA ASP B 68 9.32 20.58 -23.60
C ASP B 68 10.50 20.34 -24.55
N LEU B 69 11.71 20.28 -23.97
CA LEU B 69 12.86 19.89 -24.76
C LEU B 69 12.91 18.40 -25.05
N ASP B 70 12.11 17.59 -24.34
CA ASP B 70 12.07 16.16 -24.61
C ASP B 70 11.51 15.88 -26.00
N LEU B 71 10.56 16.67 -26.45
CA LEU B 71 10.12 16.54 -27.84
C LEU B 71 11.25 16.88 -28.80
N GLY B 72 12.15 17.78 -28.41
CA GLY B 72 13.33 18.03 -29.21
C GLY B 72 14.25 16.81 -29.27
N ASN B 73 14.37 16.10 -28.15
CA ASN B 73 15.18 14.89 -28.14
C ASN B 73 14.58 13.82 -29.03
N TYR B 74 13.25 13.66 -29.01
CA TYR B 74 12.60 12.70 -29.89
C TYR B 74 12.79 13.09 -31.35
N GLU B 75 12.64 14.38 -31.65
CA GLU B 75 12.80 14.83 -33.03
C GLU B 75 14.21 14.52 -33.53
N ARG B 76 15.23 14.74 -32.70
CA ARG B 76 16.58 14.45 -33.13
C ARG B 76 16.83 12.96 -33.29
N PHE B 77 16.36 12.14 -32.34
CA PHE B 77 16.70 10.72 -32.40
C PHE B 77 15.87 9.96 -33.44
N LEU B 78 14.65 10.39 -33.73
CA LEU B 78 13.76 9.67 -34.63
C LEU B 78 13.67 10.29 -36.01
N ASP B 79 14.06 11.56 -36.18
CA ASP B 79 14.01 12.26 -37.47
C ASP B 79 12.57 12.44 -37.94
N VAL B 80 11.72 12.95 -37.06
CA VAL B 80 10.30 13.16 -37.35
C VAL B 80 9.94 14.61 -37.04
N THR B 81 8.67 14.94 -37.27
CA THR B 81 8.13 16.27 -37.01
C THR B 81 6.88 16.11 -36.17
N LEU B 82 6.96 16.44 -34.89
CA LEU B 82 5.87 16.28 -33.95
C LEU B 82 5.04 17.56 -33.85
N HIS B 83 3.84 17.41 -33.32
CA HIS B 83 2.89 18.51 -33.19
C HIS B 83 2.64 18.81 -31.71
N ARG B 84 1.81 19.82 -31.47
CA ARG B 84 1.57 20.27 -30.12
C ARG B 84 0.86 19.22 -29.27
N ASP B 85 0.04 18.38 -29.88
CA ASP B 85 -0.70 17.39 -29.13
C ASP B 85 0.13 16.15 -28.79
N ASN B 86 1.31 16.02 -29.36
CA ASN B 86 2.24 14.96 -28.97
C ASN B 86 2.82 15.18 -27.58
N ASN B 87 2.37 16.22 -26.86
CA ASN B 87 2.87 16.53 -25.53
C ASN B 87 1.68 16.77 -24.60
N ILE B 88 1.20 15.73 -23.95
CA ILE B 88 0.08 15.83 -23.03
C ILE B 88 0.59 16.27 -21.67
N THR B 89 -0.13 17.19 -21.03
CA THR B 89 0.13 17.52 -19.64
C THR B 89 -1.15 17.41 -18.83
N THR B 90 -1.02 17.46 -17.51
CA THR B 90 -2.18 17.45 -16.63
C THR B 90 -3.05 18.68 -16.86
N GLY B 91 -2.44 19.84 -17.04
CA GLY B 91 -3.19 21.05 -17.31
C GLY B 91 -4.02 20.97 -18.57
N LYS B 92 -3.45 20.41 -19.64
CA LYS B 92 -4.19 20.27 -20.90
C LYS B 92 -5.41 19.38 -20.72
N ILE B 93 -5.24 18.24 -20.06
CA ILE B 93 -6.34 17.30 -19.88
C ILE B 93 -7.43 17.92 -19.01
N TYR B 94 -7.04 18.49 -17.87
CA TYR B 94 -8.05 19.03 -16.98
C TYR B 94 -8.73 20.23 -17.59
N LYS B 95 -8.04 21.02 -18.40
CA LYS B 95 -8.68 22.15 -19.06
C LYS B 95 -9.67 21.70 -20.12
N LEU B 96 -9.28 20.73 -20.94
CA LEU B 96 -10.22 20.19 -21.92
C LEU B 96 -11.47 19.63 -21.25
N VAL B 97 -11.31 18.92 -20.13
CA VAL B 97 -12.48 18.31 -19.49
C VAL B 97 -13.33 19.38 -18.79
N ILE B 98 -12.71 20.35 -18.13
CA ILE B 98 -13.47 21.39 -17.45
C ILE B 98 -14.24 22.22 -18.45
N GLU B 99 -13.65 22.50 -19.61
CA GLU B 99 -14.36 23.27 -20.63
C GLU B 99 -15.49 22.46 -21.25
N LYS B 100 -15.24 21.18 -21.54
CA LYS B 100 -16.31 20.32 -22.04
C LYS B 100 -17.49 20.28 -21.08
N GLU B 101 -17.21 20.22 -19.77
CA GLU B 101 -18.29 20.18 -18.79
C GLU B 101 -19.02 21.51 -18.70
N ARG B 102 -18.30 22.62 -18.80
CA ARG B 102 -18.91 23.93 -18.60
C ARG B 102 -19.79 24.36 -19.77
N THR B 103 -19.67 23.73 -20.93
CA THR B 103 -20.55 24.01 -22.06
C THR B 103 -21.54 22.88 -22.30
N GLY B 104 -21.79 22.08 -21.27
CA GLY B 104 -22.85 21.09 -21.28
C GLY B 104 -22.83 20.05 -22.37
N GLU B 105 -21.70 19.38 -22.60
CA GLU B 105 -21.68 18.23 -23.48
C GLU B 105 -21.39 16.93 -22.74
N TYR B 106 -21.62 16.90 -21.43
CA TYR B 106 -21.77 15.67 -20.69
C TYR B 106 -23.22 15.41 -20.33
N LEU B 107 -24.12 16.32 -20.70
CA LEU B 107 -25.58 16.13 -20.65
C LEU B 107 -26.10 16.05 -19.21
N GLY B 108 -25.58 16.89 -18.34
CA GLY B 108 -26.08 16.99 -16.99
C GLY B 108 -25.57 15.96 -16.02
N LYS B 109 -24.63 15.11 -16.42
CA LYS B 109 -24.10 14.11 -15.52
C LYS B 109 -23.04 14.70 -14.62
N THR B 110 -22.66 13.93 -13.59
CA THR B 110 -21.56 14.31 -12.72
C THR B 110 -20.26 13.85 -13.37
N VAL B 111 -19.35 14.79 -13.59
CA VAL B 111 -18.07 14.50 -14.21
C VAL B 111 -17.08 14.20 -13.12
N GLN B 112 -16.45 13.04 -13.19
CA GLN B 112 -15.54 12.56 -12.18
C GLN B 112 -14.22 12.20 -12.83
N VAL B 113 -13.18 12.09 -12.01
CA VAL B 113 -11.86 11.72 -12.52
C VAL B 113 -11.94 10.37 -13.22
N VAL B 114 -12.46 9.36 -12.54
CA VAL B 114 -12.80 8.08 -13.14
C VAL B 114 -14.32 8.05 -13.33
N PRO B 115 -14.83 7.91 -14.55
CA PRO B 115 -14.09 7.57 -15.77
C PRO B 115 -13.80 8.72 -16.74
N HIS B 116 -14.10 9.97 -16.42
CA HIS B 116 -14.13 10.98 -17.48
C HIS B 116 -12.74 11.49 -17.84
N ILE B 117 -11.90 11.76 -16.85
CA ILE B 117 -10.54 12.20 -17.13
C ILE B 117 -9.74 11.09 -17.80
N THR B 118 -9.95 9.84 -17.37
CA THR B 118 -9.22 8.73 -17.97
C THR B 118 -9.74 8.40 -19.37
N ASP B 119 -11.03 8.56 -19.63
CA ASP B 119 -11.54 8.47 -20.98
C ASP B 119 -10.94 9.54 -21.87
N ALA B 120 -10.82 10.76 -21.36
CA ALA B 120 -10.21 11.83 -22.14
C ALA B 120 -8.76 11.51 -22.49
N ILE B 121 -7.99 11.04 -21.50
CA ILE B 121 -6.60 10.66 -21.75
C ILE B 121 -6.51 9.57 -22.82
N GLN B 122 -7.37 8.55 -22.72
CA GLN B 122 -7.30 7.45 -23.68
C GLN B 122 -7.65 7.90 -25.08
N GLU B 123 -8.67 8.74 -25.23
CA GLU B 123 -9.05 9.22 -26.55
C GLU B 123 -7.96 10.12 -27.15
N TRP B 124 -7.37 10.99 -26.33
CA TRP B 124 -6.24 11.80 -26.81
C TRP B 124 -5.10 10.93 -27.32
N VAL B 125 -4.72 9.91 -26.55
CA VAL B 125 -3.59 9.07 -26.94
C VAL B 125 -3.90 8.30 -28.21
N GLU B 126 -5.10 7.71 -28.29
CA GLU B 126 -5.49 7.00 -29.50
C GLU B 126 -5.55 7.93 -30.70
N ARG B 127 -5.86 9.21 -30.47
CA ARG B 127 -6.03 10.15 -31.56
C ARG B 127 -4.69 10.58 -32.15
N VAL B 128 -3.79 11.09 -31.32
CA VAL B 128 -2.55 11.63 -31.89
C VAL B 128 -1.57 10.55 -32.30
N ALA B 129 -1.89 9.27 -32.06
CA ALA B 129 -1.01 8.19 -32.49
C ALA B 129 -1.23 7.79 -33.94
N GLN B 130 -2.34 8.19 -34.55
CA GLN B 130 -2.59 7.93 -35.96
C GLN B 130 -2.23 9.11 -36.85
N THR B 131 -1.83 10.22 -36.26
CA THR B 131 -1.41 11.37 -37.04
C THR B 131 -0.04 11.08 -37.66
N PRO B 132 0.12 11.22 -38.98
CA PRO B 132 1.42 10.97 -39.60
C PRO B 132 2.45 12.02 -39.18
N VAL B 133 3.67 11.54 -38.94
CA VAL B 133 4.77 12.43 -38.58
C VAL B 133 5.89 12.42 -39.60
N GLN B 134 5.94 11.45 -40.50
CA GLN B 134 6.96 11.36 -41.53
C GLN B 134 6.21 11.30 -42.86
N GLY B 135 5.95 12.48 -43.42
CA GLY B 135 5.23 12.55 -44.67
C GLY B 135 3.73 12.45 -44.49
N SER B 136 3.15 11.37 -44.98
CA SER B 136 1.71 11.16 -44.89
C SER B 136 1.32 9.74 -44.52
N SER B 137 2.28 8.86 -44.24
CA SER B 137 1.98 7.47 -43.93
C SER B 137 1.65 7.33 -42.45
N LYS B 138 0.68 6.48 -42.15
CA LYS B 138 0.25 6.29 -40.78
C LYS B 138 1.36 5.63 -39.96
N PRO B 139 1.54 6.01 -38.71
CA PRO B 139 2.50 5.31 -37.85
C PRO B 139 2.02 3.90 -37.55
N GLN B 140 2.97 3.05 -37.16
CA GLN B 140 2.69 1.67 -36.82
C GLN B 140 3.01 1.34 -35.38
N VAL B 141 3.93 2.04 -34.75
CA VAL B 141 4.21 1.91 -33.34
C VAL B 141 4.19 3.30 -32.73
N CYS B 142 3.80 3.38 -31.47
CA CYS B 142 3.81 4.63 -30.73
C CYS B 142 4.50 4.41 -29.40
N ILE B 143 5.52 5.22 -29.11
CA ILE B 143 6.23 5.18 -27.85
C ILE B 143 5.65 6.25 -26.95
N VAL B 144 5.08 5.85 -25.82
CA VAL B 144 4.51 6.77 -24.86
C VAL B 144 5.42 6.79 -23.64
N GLU B 145 5.94 7.96 -23.30
CA GLU B 145 6.82 8.11 -22.15
C GLU B 145 6.11 8.90 -21.06
N LEU B 146 5.93 8.27 -19.91
CA LEU B 146 5.20 8.84 -18.80
C LEU B 146 6.19 9.45 -17.81
N GLY B 147 6.06 10.75 -17.57
CA GLY B 147 6.97 11.43 -16.68
C GLY B 147 6.63 11.20 -15.22
N GLY B 148 7.64 11.33 -14.38
CA GLY B 148 7.47 11.09 -12.96
C GLY B 148 7.67 9.63 -12.59
N THR B 149 7.53 9.37 -11.30
CA THR B 149 7.76 8.05 -10.74
C THR B 149 6.46 7.48 -10.20
N ILE B 150 6.29 6.16 -10.39
CA ILE B 150 5.07 5.48 -9.98
C ILE B 150 4.89 5.56 -8.48
N GLY B 151 3.69 5.95 -8.04
CA GLY B 151 3.40 6.17 -6.65
C GLY B 151 3.16 7.62 -6.32
N ASP B 152 3.60 8.55 -7.17
CA ASP B 152 3.33 9.96 -6.98
C ASP B 152 1.85 10.25 -7.18
N ILE B 153 1.37 11.30 -6.51
CA ILE B 153 -0.03 11.72 -6.62
C ILE B 153 -0.33 12.26 -8.01
N GLU B 154 0.64 12.91 -8.65
CA GLU B 154 0.37 13.62 -9.89
C GLU B 154 0.11 12.68 -11.05
N GLY B 155 0.66 11.48 -11.01
CA GLY B 155 0.57 10.55 -12.12
C GLY B 155 -0.45 9.45 -12.00
N MET B 156 -1.32 9.49 -11.00
CA MET B 156 -2.31 8.44 -10.79
C MET B 156 -3.41 8.42 -11.84
N PRO B 157 -3.95 9.57 -12.26
CA PRO B 157 -4.91 9.54 -13.39
C PRO B 157 -4.34 8.87 -14.63
N PHE B 158 -3.05 9.03 -14.89
CA PHE B 158 -2.46 8.49 -16.11
C PHE B 158 -2.25 6.98 -16.02
N VAL B 159 -1.85 6.46 -14.86
CA VAL B 159 -1.69 5.02 -14.78
C VAL B 159 -3.06 4.34 -14.73
N GLU B 160 -4.08 5.00 -14.19
CA GLU B 160 -5.42 4.44 -14.27
C GLU B 160 -5.92 4.40 -15.71
N ALA B 161 -5.72 5.50 -16.44
CA ALA B 161 -6.03 5.55 -17.85
C ALA B 161 -5.34 4.43 -18.61
N PHE B 162 -4.09 4.14 -18.30
CA PHE B 162 -3.36 3.16 -19.10
C PHE B 162 -3.66 1.72 -18.70
N ARG B 163 -4.09 1.46 -17.47
CA ARG B 163 -4.69 0.17 -17.14
C ARG B 163 -5.89 -0.12 -18.04
N GLN B 164 -6.87 0.79 -17.99
CA GLN B 164 -8.04 0.61 -18.87
C GLN B 164 -7.63 0.52 -20.33
N PHE B 165 -6.63 1.30 -20.74
CA PHE B 165 -6.19 1.34 -22.13
C PHE B 165 -5.59 0.02 -22.56
N GLN B 166 -4.72 -0.57 -21.73
CA GLN B 166 -4.16 -1.87 -22.06
C GLN B 166 -5.25 -2.87 -22.35
N PHE B 167 -6.39 -2.76 -21.67
CA PHE B 167 -7.44 -3.71 -22.07
C PHE B 167 -8.27 -3.24 -23.25
N ARG B 168 -8.30 -1.94 -23.54
CA ARG B 168 -9.08 -1.46 -24.67
C ARG B 168 -8.42 -1.73 -26.02
N VAL B 169 -7.09 -1.73 -26.08
CA VAL B 169 -6.40 -1.95 -27.34
C VAL B 169 -5.86 -3.37 -27.47
N LYS B 170 -6.41 -4.33 -26.72
CA LYS B 170 -6.08 -5.73 -26.96
C LYS B 170 -4.62 -6.08 -26.72
N ARG B 171 -4.27 -6.37 -25.47
CA ARG B 171 -2.93 -6.54 -24.93
C ARG B 171 -1.86 -7.04 -25.92
N GLU B 172 -2.20 -7.85 -26.90
CA GLU B 172 -1.21 -8.20 -27.91
C GLU B 172 -0.69 -6.98 -28.69
N ASN B 173 -1.23 -5.79 -28.39
CA ASN B 173 -0.80 -4.55 -29.03
C ASN B 173 -0.23 -3.57 -28.02
N PHE B 174 0.11 -4.02 -26.82
CA PHE B 174 0.50 -3.13 -25.74
C PHE B 174 1.65 -3.74 -24.97
N CYS B 175 2.76 -3.01 -24.86
CA CYS B 175 3.94 -3.46 -24.15
C CYS B 175 4.41 -2.38 -23.21
N LEU B 176 4.86 -2.76 -22.01
CA LEU B 176 5.28 -1.82 -20.99
C LEU B 176 6.73 -2.09 -20.61
N ALA B 177 7.54 -1.04 -20.56
CA ALA B 177 8.94 -1.12 -20.18
C ALA B 177 9.16 -0.26 -18.95
N HIS B 178 9.72 -0.85 -17.89
CA HIS B 178 9.88 -0.18 -16.62
C HIS B 178 11.35 0.10 -16.38
N VAL B 179 11.69 1.37 -16.17
CA VAL B 179 13.06 1.81 -15.96
C VAL B 179 13.24 2.10 -14.48
N SER B 180 14.19 1.43 -13.84
CA SER B 180 14.36 1.54 -12.40
C SER B 180 15.81 1.76 -12.05
N LEU B 181 16.05 2.14 -10.80
CA LEU B 181 17.39 2.40 -10.29
C LEU B 181 17.85 1.21 -9.46
N VAL B 182 18.99 0.64 -9.83
CA VAL B 182 19.64 -0.39 -9.02
C VAL B 182 20.80 0.26 -8.29
N PRO B 183 20.60 0.74 -7.06
CA PRO B 183 21.65 1.49 -6.38
C PRO B 183 22.77 0.59 -5.92
N LEU B 184 23.87 1.22 -5.54
CA LEU B 184 25.09 0.49 -5.19
C LEU B 184 25.82 1.26 -4.11
N PRO B 185 25.58 0.91 -2.85
CA PRO B 185 26.32 1.56 -1.75
C PRO B 185 27.76 1.08 -1.71
N LYS B 186 28.69 2.02 -1.74
CA LYS B 186 30.09 1.64 -1.82
C LYS B 186 30.64 1.12 -0.49
N ALA B 187 29.84 1.15 0.57
CA ALA B 187 30.24 0.49 1.81
C ALA B 187 30.41 -1.01 1.59
N THR B 188 29.68 -1.59 0.64
CA THR B 188 29.80 -3.01 0.33
C THR B 188 29.91 -3.33 -1.16
N GLY B 189 29.64 -2.38 -2.04
CA GLY B 189 29.85 -2.61 -3.46
C GLY B 189 29.02 -3.72 -4.06
N GLU B 190 27.76 -3.80 -3.69
CA GLU B 190 26.85 -4.81 -4.20
C GLU B 190 25.58 -4.12 -4.72
N PRO B 191 25.11 -4.48 -5.91
CA PRO B 191 23.89 -3.84 -6.42
C PRO B 191 22.66 -4.34 -5.69
N LYS B 192 21.78 -3.42 -5.32
CA LYS B 192 20.60 -3.73 -4.53
C LYS B 192 19.37 -3.68 -5.41
N THR B 193 18.59 -4.76 -5.41
CA THR B 193 17.37 -4.85 -6.19
C THR B 193 16.12 -4.55 -5.38
N LYS B 194 16.24 -4.18 -4.13
CA LYS B 194 15.08 -4.00 -3.26
C LYS B 194 14.20 -2.82 -3.65
N PRO B 195 14.75 -1.66 -4.02
CA PRO B 195 13.89 -0.58 -4.50
C PRO B 195 13.13 -0.92 -5.77
N THR B 196 13.76 -1.69 -6.67
CA THR B 196 13.04 -2.15 -7.86
C THR B 196 11.90 -3.09 -7.48
N GLN B 197 12.11 -3.95 -6.49
CA GLN B 197 11.05 -4.81 -6.01
C GLN B 197 9.86 -4.00 -5.52
N SER B 198 10.14 -2.97 -4.72
CA SER B 198 9.06 -2.13 -4.20
C SER B 198 8.32 -1.40 -5.33
N SER B 199 9.05 -0.84 -6.28
CA SER B 199 8.38 -0.05 -7.32
C SER B 199 7.57 -0.94 -8.25
N VAL B 200 8.05 -2.14 -8.55
CA VAL B 200 7.26 -3.06 -9.38
C VAL B 200 6.05 -3.56 -8.61
N ARG B 201 6.15 -3.67 -7.30
CA ARG B 201 4.97 -4.01 -6.50
C ARG B 201 3.89 -2.92 -6.60
N GLU B 202 4.29 -1.66 -6.47
CA GLU B 202 3.33 -0.57 -6.65
C GLU B 202 2.75 -0.56 -8.06
N LEU B 203 3.59 -0.82 -9.07
CA LEU B 203 3.11 -0.84 -10.44
C LEU B 203 2.07 -1.93 -10.67
N ARG B 204 2.35 -3.14 -10.17
CA ARG B 204 1.38 -4.23 -10.26
C ARG B 204 0.10 -3.90 -9.53
N GLY B 205 0.20 -3.29 -8.34
CA GLY B 205 -0.99 -2.89 -7.63
C GLY B 205 -1.86 -1.94 -8.42
N CYS B 206 -1.25 -0.94 -9.06
CA CYS B 206 -2.02 -0.01 -9.88
C CYS B 206 -2.61 -0.64 -11.13
N GLY B 207 -2.21 -1.85 -11.51
CA GLY B 207 -2.89 -2.58 -12.57
C GLY B 207 -2.05 -2.90 -13.78
N LEU B 208 -0.80 -2.49 -13.84
CA LEU B 208 0.06 -2.70 -15.00
C LEU B 208 1.15 -3.70 -14.69
N SER B 209 1.56 -4.45 -15.70
CA SER B 209 2.57 -5.50 -15.55
C SER B 209 3.68 -5.29 -16.55
N PRO B 210 4.93 -5.18 -16.13
CA PRO B 210 6.01 -4.90 -17.08
C PRO B 210 6.31 -6.07 -17.99
N ASP B 211 6.75 -5.74 -19.20
CA ASP B 211 7.26 -6.71 -20.15
C ASP B 211 8.77 -6.66 -20.28
N LEU B 212 9.38 -5.50 -20.09
CA LEU B 212 10.81 -5.33 -20.01
C LEU B 212 11.15 -4.58 -18.75
N ILE B 213 12.29 -4.91 -18.15
CA ILE B 213 12.85 -4.14 -17.05
C ILE B 213 14.18 -3.60 -17.52
N VAL B 214 14.35 -2.28 -17.43
CA VAL B 214 15.59 -1.63 -17.80
C VAL B 214 16.22 -1.10 -16.53
N CYS B 215 17.34 -1.69 -16.14
CA CYS B 215 18.04 -1.31 -14.93
C CYS B 215 19.05 -0.22 -15.22
N ARG B 216 19.28 0.62 -14.24
CA ARG B 216 20.17 1.76 -14.37
C ARG B 216 21.25 1.68 -13.30
N SER B 217 22.49 1.46 -13.72
CA SER B 217 23.62 1.30 -12.83
C SER B 217 24.84 1.89 -13.51
N GLU B 218 25.98 1.87 -12.80
CA GLU B 218 27.19 2.49 -13.34
C GLU B 218 28.05 1.49 -14.11
N LYS B 219 28.21 0.27 -13.64
CA LYS B 219 28.79 -0.76 -14.49
C LYS B 219 27.79 -1.90 -14.66
N PRO B 220 28.07 -2.85 -15.56
CA PRO B 220 27.11 -3.95 -15.75
C PRO B 220 26.83 -4.72 -14.48
N ILE B 221 25.63 -5.27 -14.40
CA ILE B 221 25.23 -6.14 -13.32
C ILE B 221 25.31 -7.58 -13.80
N GLY B 222 25.55 -8.50 -12.87
CA GLY B 222 25.76 -9.89 -13.21
C GLY B 222 24.47 -10.62 -13.49
N LEU B 223 24.59 -11.94 -13.62
CA LEU B 223 23.43 -12.78 -13.86
C LEU B 223 22.66 -13.11 -12.59
N GLU B 224 23.29 -12.96 -11.42
CA GLU B 224 22.56 -13.21 -10.18
C GLU B 224 21.59 -12.07 -9.88
N VAL B 225 22.02 -10.83 -10.06
CA VAL B 225 21.11 -9.69 -9.91
C VAL B 225 20.00 -9.78 -10.94
N LYS B 226 20.34 -10.14 -12.17
CA LYS B 226 19.37 -10.29 -13.23
C LYS B 226 18.34 -11.35 -12.90
N GLU B 227 18.78 -12.46 -12.29
CA GLU B 227 17.86 -13.53 -11.96
C GLU B 227 16.96 -13.16 -10.78
N LYS B 228 17.51 -12.43 -9.80
CA LYS B 228 16.67 -11.96 -8.70
C LYS B 228 15.59 -10.99 -9.20
N ILE B 229 15.96 -10.09 -10.11
CA ILE B 229 14.97 -9.15 -10.64
C ILE B 229 13.91 -9.89 -11.45
N SER B 230 14.33 -10.83 -12.29
CA SER B 230 13.33 -11.55 -13.08
C SER B 230 12.44 -12.40 -12.20
N ASN B 231 12.95 -12.85 -11.05
CA ASN B 231 12.12 -13.64 -10.15
C ASN B 231 11.08 -12.77 -9.47
N PHE B 232 11.45 -11.58 -9.01
CA PHE B 232 10.48 -10.76 -8.30
C PHE B 232 9.57 -9.95 -9.23
N CYS B 233 9.95 -9.74 -10.48
CA CYS B 233 9.18 -8.87 -11.37
C CYS B 233 8.47 -9.62 -12.49
N HIS B 234 8.61 -10.94 -12.55
CA HIS B 234 7.82 -11.81 -13.44
C HIS B 234 8.16 -11.61 -14.90
N VAL B 235 9.41 -11.32 -15.22
CA VAL B 235 9.88 -11.25 -16.60
C VAL B 235 10.90 -12.37 -16.80
N GLY B 236 11.33 -12.53 -18.04
CA GLY B 236 12.41 -13.44 -18.33
C GLY B 236 13.73 -12.76 -18.06
N PRO B 237 14.79 -13.54 -17.82
CA PRO B 237 16.10 -12.92 -17.56
C PRO B 237 16.69 -12.21 -18.77
N ASP B 238 16.25 -12.55 -19.98
CA ASP B 238 16.65 -11.82 -21.17
C ASP B 238 15.89 -10.52 -21.34
N GLN B 239 14.76 -10.36 -20.65
CA GLN B 239 13.98 -9.15 -20.65
C GLN B 239 14.40 -8.20 -19.55
N VAL B 240 15.46 -8.49 -18.83
CA VAL B 240 16.10 -7.56 -17.93
C VAL B 240 17.28 -6.96 -18.68
N ILE B 241 17.19 -5.67 -18.97
CA ILE B 241 18.16 -4.98 -19.82
C ILE B 241 18.97 -4.05 -18.93
N CYS B 242 20.28 -4.23 -18.94
CA CYS B 242 21.17 -3.39 -18.16
C CYS B 242 21.74 -2.30 -19.08
N ILE B 243 21.57 -1.05 -18.65
CA ILE B 243 22.10 0.11 -19.37
C ILE B 243 22.99 0.85 -18.37
N HIS B 244 24.29 0.68 -18.50
CA HIS B 244 25.24 1.37 -17.65
C HIS B 244 25.60 2.71 -18.29
N ASP B 245 26.47 3.47 -17.62
CA ASP B 245 26.92 4.75 -18.15
C ASP B 245 27.95 4.49 -19.24
N LEU B 246 27.62 4.86 -20.48
CA LEU B 246 28.43 4.60 -21.64
C LEU B 246 29.19 5.86 -22.05
N ASN B 247 29.85 5.79 -23.20
CA ASN B 247 30.61 6.93 -23.70
C ASN B 247 29.70 8.10 -24.03
N SER B 248 28.79 7.90 -24.96
CA SER B 248 27.86 8.92 -25.41
C SER B 248 26.44 8.40 -25.32
N ILE B 249 25.49 9.24 -25.71
CA ILE B 249 24.10 8.79 -25.82
C ILE B 249 23.85 8.02 -27.10
N TYR B 250 24.78 8.06 -28.05
CA TYR B 250 24.61 7.32 -29.29
C TYR B 250 24.96 5.86 -29.16
N HIS B 251 25.41 5.42 -27.99
CA HIS B 251 25.71 4.03 -27.72
C HIS B 251 24.57 3.28 -27.09
N VAL B 252 23.47 3.96 -26.76
CA VAL B 252 22.35 3.33 -26.06
C VAL B 252 21.50 2.50 -27.02
N PRO B 253 21.19 2.97 -28.24
CA PRO B 253 20.50 2.07 -29.17
C PRO B 253 21.33 0.89 -29.58
N LEU B 254 22.66 1.03 -29.65
CA LEU B 254 23.51 -0.12 -29.99
C LEU B 254 23.55 -1.12 -28.85
N LEU B 255 23.60 -0.64 -27.60
CA LEU B 255 23.54 -1.53 -26.45
C LEU B 255 22.18 -2.18 -26.32
N MET B 256 21.12 -1.53 -26.78
CA MET B 256 19.81 -2.17 -26.77
C MET B 256 19.70 -3.23 -27.85
N GLU B 257 20.28 -2.98 -29.01
CA GLU B 257 20.29 -4.00 -30.05
C GLU B 257 21.21 -5.16 -29.71
N GLN B 258 22.21 -4.94 -28.84
CA GLN B 258 23.07 -6.04 -28.43
C GLN B 258 22.38 -6.97 -27.44
N ASN B 259 21.42 -6.47 -26.68
CA ASN B 259 20.66 -7.28 -25.74
C ASN B 259 19.44 -7.93 -26.37
N GLY B 260 19.33 -7.89 -27.68
CA GLY B 260 18.24 -8.58 -28.37
C GLY B 260 16.87 -8.02 -28.08
N VAL B 261 16.73 -6.71 -28.03
CA VAL B 261 15.43 -6.10 -27.80
C VAL B 261 14.55 -6.22 -29.03
N ILE B 262 15.15 -6.16 -30.22
CA ILE B 262 14.37 -6.16 -31.46
C ILE B 262 13.64 -7.48 -31.62
N GLU B 263 14.28 -8.59 -31.29
CA GLU B 263 13.62 -9.89 -31.45
C GLU B 263 12.47 -10.04 -30.46
N TYR B 264 12.67 -9.59 -29.22
CA TYR B 264 11.59 -9.67 -28.25
C TYR B 264 10.41 -8.81 -28.67
N LEU B 265 10.66 -7.61 -29.18
CA LEU B 265 9.55 -6.78 -29.60
C LEU B 265 8.90 -7.30 -30.87
N ASN B 266 9.67 -7.94 -31.73
CA ASN B 266 9.13 -8.52 -32.95
C ASN B 266 8.21 -9.69 -32.65
N GLU B 267 8.48 -10.43 -31.57
CA GLU B 267 7.59 -11.53 -31.22
C GLU B 267 6.45 -11.09 -30.31
N ARG B 268 6.69 -10.10 -29.45
CA ARG B 268 5.70 -9.71 -28.43
C ARG B 268 4.63 -8.80 -29.00
N LEU B 269 5.01 -7.85 -29.85
CA LEU B 269 4.06 -6.99 -30.51
C LEU B 269 3.64 -7.53 -31.86
N GLN B 270 4.20 -8.65 -32.28
CA GLN B 270 3.82 -9.34 -33.51
C GLN B 270 4.01 -8.46 -34.74
N LEU B 271 4.99 -7.57 -34.70
CA LEU B 271 5.46 -6.94 -35.92
C LEU B 271 5.96 -8.03 -36.87
N ASN B 272 6.11 -7.68 -38.14
CA ASN B 272 6.57 -8.70 -39.06
C ASN B 272 7.83 -8.26 -39.78
N ILE B 273 8.79 -7.72 -39.03
CA ILE B 273 10.09 -7.40 -39.58
C ILE B 273 10.74 -8.67 -40.11
N ASP B 274 11.31 -8.58 -41.31
CA ASP B 274 12.04 -9.70 -41.91
C ASP B 274 13.48 -9.60 -41.45
N MET B 275 13.81 -10.32 -40.39
CA MET B 275 15.12 -10.19 -39.74
C MET B 275 16.18 -10.88 -40.59
N SER B 276 16.51 -10.23 -41.71
CA SER B 276 17.52 -10.76 -42.61
C SER B 276 18.59 -9.75 -42.98
N LYS B 277 18.22 -8.50 -43.25
CA LYS B 277 19.18 -7.49 -43.68
C LYS B 277 19.99 -7.06 -42.46
N ARG B 278 21.03 -7.84 -42.18
CA ARG B 278 21.95 -7.57 -41.07
C ARG B 278 21.22 -7.41 -39.75
N THR B 279 20.02 -7.97 -39.66
CA THR B 279 19.06 -7.63 -38.62
C THR B 279 18.88 -6.11 -38.59
N LYS B 280 18.47 -5.58 -39.73
CA LYS B 280 17.98 -4.21 -39.86
C LYS B 280 19.05 -3.19 -39.45
N CYS B 281 20.05 -3.09 -40.34
CA CYS B 281 21.31 -2.38 -40.13
C CYS B 281 21.14 -1.03 -39.44
N LEU B 282 21.80 -0.90 -38.30
CA LEU B 282 22.06 0.39 -37.68
C LEU B 282 23.47 0.84 -38.04
N GLN B 283 23.74 0.86 -39.35
CA GLN B 283 25.11 1.00 -39.84
C GLN B 283 25.68 2.40 -39.65
N GLN B 284 24.99 3.44 -40.14
CA GLN B 284 25.51 4.78 -39.98
C GLN B 284 25.42 5.26 -38.53
N TRP B 285 24.52 4.70 -37.72
CA TRP B 285 24.59 4.97 -36.29
C TRP B 285 25.84 4.36 -35.68
N ARG B 286 26.26 3.20 -36.17
CA ARG B 286 27.52 2.62 -35.73
C ARG B 286 28.69 3.51 -36.11
N ASP B 287 28.68 4.03 -37.34
CA ASP B 287 29.73 4.95 -37.77
C ASP B 287 29.78 6.18 -36.87
N LEU B 288 28.63 6.77 -36.57
CA LEU B 288 28.60 7.98 -35.75
C LEU B 288 29.08 7.69 -34.34
N ALA B 289 28.62 6.60 -33.74
CA ALA B 289 29.04 6.26 -32.38
C ALA B 289 30.52 5.90 -32.34
N ARG B 290 31.07 5.39 -33.45
CA ARG B 290 32.51 5.15 -33.49
C ARG B 290 33.28 6.45 -33.59
N ARG B 291 32.81 7.39 -34.42
CA ARG B 291 33.47 8.69 -34.52
C ARG B 291 33.45 9.43 -33.19
N THR B 292 32.43 9.18 -32.36
CA THR B 292 32.37 9.88 -31.09
C THR B 292 33.56 9.54 -30.19
N GLU B 293 34.14 8.35 -30.33
CA GLU B 293 35.25 7.93 -29.49
C GLU B 293 36.57 7.87 -30.25
N THR B 294 36.63 8.50 -31.41
CA THR B 294 37.80 8.49 -32.28
C THR B 294 38.41 9.85 -32.51
N VAL B 295 37.59 10.92 -32.56
CA VAL B 295 38.07 12.24 -32.90
C VAL B 295 39.13 12.69 -31.90
N ARG B 296 40.17 13.36 -32.40
CA ARG B 296 41.29 13.80 -31.59
C ARG B 296 41.56 15.29 -31.66
N ARG B 297 41.52 15.88 -32.85
CA ARG B 297 41.88 17.28 -33.00
C ARG B 297 40.80 18.18 -32.41
N GLU B 298 41.22 19.18 -31.65
CA GLU B 298 40.31 19.99 -30.87
C GLU B 298 39.90 21.26 -31.62
N VAL B 299 38.69 21.70 -31.35
CA VAL B 299 38.21 23.02 -31.77
C VAL B 299 37.51 23.64 -30.57
N CYS B 300 37.88 24.87 -30.24
CA CYS B 300 37.36 25.55 -29.06
C CYS B 300 36.42 26.67 -29.48
N ILE B 301 35.20 26.63 -28.97
CA ILE B 301 34.16 27.60 -29.32
C ILE B 301 33.68 28.25 -28.04
N ALA B 302 33.43 29.55 -28.10
CA ALA B 302 32.95 30.31 -26.96
C ALA B 302 31.45 30.54 -27.07
N VAL B 303 30.76 30.46 -25.93
CA VAL B 303 29.33 30.67 -25.86
C VAL B 303 29.07 31.78 -24.85
N VAL B 304 28.75 32.97 -25.34
CA VAL B 304 28.50 34.12 -24.49
C VAL B 304 27.07 34.04 -24.01
N GLY B 305 26.86 33.46 -22.84
CA GLY B 305 25.53 33.13 -22.37
C GLY B 305 25.20 33.71 -21.02
N LYS B 306 24.00 34.26 -20.90
CA LYS B 306 23.53 34.89 -19.67
C LYS B 306 23.51 33.92 -18.50
N TYR B 307 22.69 32.89 -18.59
CA TYR B 307 22.54 31.91 -17.52
C TYR B 307 23.62 30.86 -17.72
N THR B 308 24.82 31.14 -17.19
CA THR B 308 25.96 30.27 -17.43
C THR B 308 25.70 28.85 -16.95
N LYS B 309 24.85 28.68 -15.94
CA LYS B 309 24.42 27.35 -15.54
C LYS B 309 23.82 26.62 -16.74
N PHE B 310 24.07 25.31 -16.79
CA PHE B 310 23.71 24.51 -17.96
C PHE B 310 22.79 23.38 -17.56
N THR B 311 21.75 23.71 -16.80
CA THR B 311 20.68 22.74 -16.57
C THR B 311 19.84 22.63 -17.85
N ASP B 312 20.50 22.24 -18.95
CA ASP B 312 19.85 22.13 -20.25
C ASP B 312 19.29 23.48 -20.71
N SER B 313 20.05 24.55 -20.46
CA SER B 313 19.60 25.88 -20.86
C SER B 313 20.14 26.30 -22.22
N TYR B 314 21.05 25.53 -22.80
CA TYR B 314 21.51 25.74 -24.18
C TYR B 314 21.61 24.40 -24.88
N ALA B 315 20.61 23.54 -24.69
CA ALA B 315 20.73 22.15 -25.09
C ALA B 315 20.81 21.99 -26.60
N SER B 316 19.84 22.55 -27.32
CA SER B 316 19.84 22.44 -28.77
C SER B 316 21.06 23.11 -29.39
N VAL B 317 21.53 24.20 -28.79
CA VAL B 317 22.70 24.90 -29.29
C VAL B 317 23.95 24.03 -29.16
N VAL B 318 24.18 23.50 -27.95
CA VAL B 318 25.34 22.65 -27.72
C VAL B 318 25.29 21.43 -28.61
N LYS B 319 24.08 20.89 -28.84
CA LYS B 319 23.99 19.68 -29.65
C LYS B 319 24.18 19.98 -31.13
N ALA B 320 23.76 21.15 -31.59
CA ALA B 320 24.08 21.53 -32.96
C ALA B 320 25.58 21.67 -33.15
N LEU B 321 26.25 22.22 -32.15
CA LEU B 321 27.72 22.32 -32.21
C LEU B 321 28.37 20.95 -32.23
N GLN B 322 27.85 20.00 -31.45
CA GLN B 322 28.41 18.66 -31.44
C GLN B 322 28.19 17.94 -32.77
N HIS B 323 26.97 18.02 -33.31
CA HIS B 323 26.70 17.40 -34.60
C HIS B 323 27.54 18.00 -35.70
N ALA B 324 27.86 19.30 -35.60
CA ALA B 324 28.72 19.92 -36.60
C ALA B 324 30.14 19.44 -36.45
N ALA B 325 30.67 19.41 -35.22
CA ALA B 325 32.05 19.02 -35.01
C ALA B 325 32.30 17.56 -35.36
N LEU B 326 31.33 16.68 -35.14
CA LEU B 326 31.56 15.27 -35.43
C LEU B 326 31.68 15.02 -36.93
N ALA B 327 30.88 15.71 -37.74
CA ALA B 327 31.00 15.56 -39.19
C ALA B 327 32.26 16.22 -39.73
N VAL B 328 32.78 17.23 -39.02
CA VAL B 328 34.07 17.82 -39.38
C VAL B 328 35.23 16.98 -38.88
N ASN B 329 34.95 15.94 -38.08
CA ASN B 329 35.95 15.01 -37.57
C ASN B 329 36.89 15.70 -36.59
N ARG B 330 36.32 16.44 -35.66
CA ARG B 330 37.11 17.12 -34.66
C ARG B 330 36.39 17.11 -33.31
N LYS B 331 37.18 17.21 -32.25
CA LYS B 331 36.66 17.23 -30.90
C LYS B 331 36.29 18.65 -30.50
N LEU B 332 35.14 18.79 -29.86
CA LEU B 332 34.59 20.10 -29.51
C LEU B 332 34.85 20.38 -28.04
N GLU B 333 35.49 21.52 -27.76
CA GLU B 333 35.69 22.00 -26.40
C GLU B 333 34.90 23.29 -26.27
N LEU B 334 33.92 23.29 -25.37
CA LEU B 334 32.97 24.39 -25.26
C LEU B 334 33.26 25.22 -24.03
N VAL B 335 33.37 26.53 -24.21
CA VAL B 335 33.63 27.47 -23.13
C VAL B 335 32.38 28.29 -22.91
N PHE B 336 31.95 28.39 -21.65
CA PHE B 336 30.78 29.18 -21.28
C PHE B 336 31.26 30.47 -20.61
N ILE B 337 30.94 31.59 -21.24
CA ILE B 337 31.40 32.91 -20.80
C ILE B 337 30.19 33.72 -20.40
N GLU B 338 30.13 34.12 -19.12
CA GLU B 338 29.05 34.98 -18.66
C GLU B 338 29.08 36.30 -19.40
N SER B 339 27.92 36.74 -19.87
CA SER B 339 27.87 37.98 -20.65
C SER B 339 27.92 39.20 -19.76
N CYS B 340 27.45 39.11 -18.52
CA CYS B 340 27.50 40.24 -17.61
C CYS B 340 28.89 40.44 -17.01
N LEU B 341 29.76 39.44 -17.08
CA LEU B 341 31.14 39.58 -16.62
C LEU B 341 32.04 40.17 -17.68
N LEU B 342 31.48 40.74 -18.76
CA LEU B 342 32.25 41.39 -19.79
C LEU B 342 32.14 42.90 -19.77
N GLU B 343 31.05 43.45 -19.23
CA GLU B 343 30.94 44.90 -19.08
C GLU B 343 31.88 45.38 -17.99
N GLU B 344 32.49 46.53 -18.20
CA GLU B 344 33.46 47.06 -17.26
C GLU B 344 32.83 47.49 -15.93
N GLU B 345 31.55 47.26 -15.68
CA GLU B 345 31.03 47.45 -14.33
C GLU B 345 31.67 46.46 -13.36
N THR B 346 31.86 45.21 -13.80
CA THR B 346 32.59 44.27 -12.98
C THR B 346 34.06 44.68 -12.86
N LEU B 347 34.61 45.27 -13.92
CA LEU B 347 35.95 45.84 -13.84
C LEU B 347 36.04 46.87 -12.72
N HIS B 348 35.02 47.73 -12.60
CA HIS B 348 34.99 48.67 -11.50
C HIS B 348 34.84 47.95 -10.17
N SER B 349 34.09 46.85 -10.14
CA SER B 349 33.87 46.16 -8.88
C SER B 349 35.06 45.29 -8.49
N GLU B 350 35.39 44.29 -9.32
CA GLU B 350 36.61 43.51 -9.15
C GLU B 350 37.14 43.06 -10.50
N PRO B 351 38.36 43.48 -10.86
CA PRO B 351 38.88 43.20 -12.20
C PRO B 351 39.36 41.77 -12.42
N SER B 352 39.46 40.94 -11.38
CA SER B 352 40.01 39.60 -11.52
C SER B 352 39.14 38.74 -12.43
N LYS B 353 37.88 38.55 -12.05
CA LYS B 353 37.00 37.72 -12.87
C LYS B 353 36.75 38.35 -14.23
N TYR B 354 36.67 39.68 -14.28
CA TYR B 354 36.57 40.37 -15.57
C TYR B 354 37.70 39.95 -16.50
N HIS B 355 38.94 40.01 -15.99
CA HIS B 355 40.09 39.71 -16.82
C HIS B 355 40.15 38.25 -17.21
N LYS B 356 39.82 37.34 -16.29
CA LYS B 356 39.89 35.93 -16.64
C LYS B 356 38.82 35.54 -17.67
N GLU B 357 37.61 36.09 -17.52
CA GLU B 357 36.59 35.87 -18.54
C GLU B 357 37.00 36.43 -19.88
N TRP B 358 37.60 37.63 -19.89
CA TRP B 358 38.01 38.18 -21.17
C TRP B 358 39.15 37.39 -21.79
N GLN B 359 40.01 36.78 -20.97
CA GLN B 359 41.07 35.94 -21.52
C GLN B 359 40.52 34.65 -22.10
N LYS B 360 39.53 34.05 -21.42
CA LYS B 360 38.86 32.87 -21.97
C LYS B 360 38.19 33.19 -23.29
N LEU B 361 37.57 34.36 -23.39
CA LEU B 361 36.99 34.77 -24.68
C LEU B 361 38.06 35.04 -25.72
N CYS B 362 39.24 35.48 -25.29
CA CYS B 362 40.28 35.84 -26.23
C CYS B 362 40.99 34.63 -26.81
N ASP B 363 41.16 33.56 -26.03
CA ASP B 363 41.91 32.40 -26.51
C ASP B 363 41.04 31.38 -27.23
N SER B 364 39.91 31.78 -27.79
CA SER B 364 38.99 30.88 -28.47
C SER B 364 39.12 31.02 -29.98
N HIS B 365 38.69 29.97 -30.70
CA HIS B 365 38.78 29.96 -32.15
C HIS B 365 37.52 30.47 -32.82
N GLY B 366 36.40 30.51 -32.12
CA GLY B 366 35.16 30.98 -32.70
C GLY B 366 34.20 31.39 -31.61
N ILE B 367 33.26 32.25 -31.96
CA ILE B 367 32.31 32.82 -31.02
C ILE B 367 30.91 32.48 -31.45
N LEU B 368 30.06 32.13 -30.49
CA LEU B 368 28.65 31.85 -30.71
C LEU B 368 27.85 32.60 -29.67
N VAL B 369 27.07 33.59 -30.11
CA VAL B 369 26.17 34.33 -29.24
C VAL B 369 24.77 33.73 -29.39
N PRO B 370 24.24 33.08 -28.37
CA PRO B 370 22.90 32.49 -28.48
C PRO B 370 21.81 33.51 -28.17
N GLY B 371 20.58 33.10 -28.43
CA GLY B 371 19.44 33.98 -28.26
C GLY B 371 18.75 33.87 -26.92
N GLY B 372 19.07 34.79 -26.01
CA GLY B 372 18.41 34.85 -24.73
C GLY B 372 17.12 35.64 -24.83
N PHE B 373 16.03 35.04 -24.37
CA PHE B 373 14.73 35.71 -24.37
C PHE B 373 14.72 36.75 -23.26
N GLY B 374 15.31 37.90 -23.57
CA GLY B 374 15.42 38.98 -22.60
C GLY B 374 16.45 39.99 -23.07
N SER B 375 16.84 40.86 -22.15
CA SER B 375 17.85 41.88 -22.40
C SER B 375 18.94 41.89 -21.34
N ARG B 376 18.97 40.90 -20.46
CA ARG B 376 19.95 40.86 -19.38
C ARG B 376 21.29 40.39 -19.93
N GLY B 377 22.32 41.20 -19.73
CA GLY B 377 23.64 40.85 -20.21
C GLY B 377 23.89 41.17 -21.66
N MET B 378 22.99 41.90 -22.32
CA MET B 378 23.18 42.21 -23.73
C MET B 378 24.42 43.08 -23.97
N GLU B 379 24.84 43.85 -22.96
CA GLU B 379 26.03 44.68 -23.10
C GLU B 379 27.27 43.82 -23.38
N GLY B 380 27.43 42.72 -22.64
CA GLY B 380 28.52 41.80 -22.92
C GLY B 380 28.43 41.23 -24.32
N LYS B 381 27.21 40.99 -24.81
CA LYS B 381 27.05 40.48 -26.16
C LYS B 381 27.52 41.51 -27.18
N ILE B 382 27.24 42.79 -26.94
CA ILE B 382 27.72 43.82 -27.86
C ILE B 382 29.24 43.88 -27.82
N ARG B 383 29.82 43.80 -26.62
CA ARG B 383 31.28 43.86 -26.51
C ARG B 383 31.93 42.67 -27.22
N ALA B 384 31.33 41.48 -27.11
CA ALA B 384 31.89 40.30 -27.75
C ALA B 384 31.76 40.38 -29.26
N CYS B 385 30.61 40.82 -29.76
CA CYS B 385 30.47 41.01 -31.20
C CYS B 385 31.48 42.02 -31.73
N GLN B 386 31.72 43.10 -30.98
CA GLN B 386 32.70 44.09 -31.40
C GLN B 386 34.11 43.51 -31.43
N TRP B 387 34.50 42.82 -30.34
CA TRP B 387 35.81 42.21 -30.29
C TRP B 387 36.03 41.25 -31.46
N ALA B 388 35.03 40.42 -31.75
CA ALA B 388 35.15 39.49 -32.85
C ALA B 388 35.16 40.22 -34.20
N ARG B 389 34.54 41.39 -34.27
CA ARG B 389 34.50 42.10 -35.54
C ARG B 389 35.84 42.75 -35.84
N GLU B 390 36.52 43.25 -34.82
CA GLU B 390 37.80 43.95 -35.01
C GLU B 390 39.00 43.04 -34.79
N ASN B 391 38.81 41.72 -34.78
CA ASN B 391 39.91 40.78 -34.66
C ASN B 391 39.88 39.67 -35.69
N GLN B 392 38.93 39.70 -36.63
CA GLN B 392 38.80 38.69 -37.67
C GLN B 392 38.60 37.29 -37.09
N LYS B 393 37.78 37.19 -36.04
CA LYS B 393 37.43 35.93 -35.42
C LYS B 393 36.06 35.49 -35.88
N PRO B 394 35.86 34.22 -36.26
CA PRO B 394 34.58 33.81 -36.82
C PRO B 394 33.47 33.82 -35.77
N LEU B 395 32.28 34.26 -36.18
CA LEU B 395 31.17 34.46 -35.27
C LEU B 395 29.86 34.08 -35.95
N LEU B 396 28.96 33.49 -35.16
CA LEU B 396 27.59 33.20 -35.57
C LEU B 396 26.65 33.67 -34.48
N GLY B 397 25.64 34.45 -34.86
CA GLY B 397 24.67 34.98 -33.92
C GLY B 397 23.28 34.42 -34.19
N ILE B 398 22.53 34.18 -33.12
CA ILE B 398 21.29 33.41 -33.18
C ILE B 398 20.17 34.21 -32.53
N CYS B 399 19.39 34.92 -33.34
CA CYS B 399 18.10 35.52 -33.00
C CYS B 399 18.24 36.71 -32.05
N LEU B 400 19.39 36.84 -31.45
CA LEU B 400 19.77 38.02 -30.70
C LEU B 400 21.18 38.48 -31.01
N GLY B 401 22.06 37.57 -31.42
CA GLY B 401 23.32 37.98 -32.02
C GLY B 401 23.13 38.75 -33.29
N LEU B 402 21.97 38.62 -33.95
CA LEU B 402 21.68 39.49 -35.08
C LEU B 402 21.44 40.92 -34.61
N GLN B 403 20.57 41.08 -33.61
CA GLN B 403 20.34 42.41 -33.06
C GLN B 403 21.61 42.99 -32.48
N ALA B 404 22.35 42.21 -31.69
CA ALA B 404 23.58 42.71 -31.09
C ALA B 404 24.61 43.06 -32.16
N ALA B 405 24.69 42.25 -33.21
CA ALA B 405 25.65 42.50 -34.27
C ALA B 405 25.32 43.79 -35.00
N VAL B 406 24.05 43.99 -35.37
CA VAL B 406 23.69 45.22 -36.08
C VAL B 406 23.83 46.42 -35.17
N ILE B 407 23.59 46.26 -33.86
CA ILE B 407 23.73 47.37 -32.93
C ILE B 407 25.19 47.79 -32.83
N GLU B 408 26.10 46.84 -32.62
CA GLU B 408 27.50 47.20 -32.53
C GLU B 408 28.03 47.72 -33.86
N PHE B 409 27.53 47.19 -34.97
CA PHE B 409 27.94 47.69 -36.28
C PHE B 409 27.58 49.16 -36.43
N ALA B 410 26.30 49.50 -36.21
CA ALA B 410 25.90 50.89 -36.24
C ALA B 410 26.76 51.72 -35.30
N ARG B 411 26.79 51.35 -34.02
CA ARG B 411 27.50 52.10 -33.00
C ARG B 411 28.93 52.43 -33.43
N ASN B 412 29.75 51.41 -33.66
CA ASN B 412 31.18 51.61 -33.83
C ASN B 412 31.62 51.56 -35.29
N LYS B 413 30.71 51.72 -36.24
CA LYS B 413 31.14 51.89 -37.62
C LYS B 413 30.38 52.96 -38.39
N LEU B 414 29.22 53.43 -37.90
CA LEU B 414 28.46 54.47 -38.61
C LEU B 414 28.18 55.68 -37.73
N GLY B 415 28.75 55.73 -36.52
CA GLY B 415 28.69 56.92 -35.70
C GLY B 415 27.43 57.12 -34.89
N LEU B 416 26.44 56.24 -35.02
CA LEU B 416 25.19 56.37 -34.27
C LEU B 416 25.41 55.82 -32.85
N LYS B 417 26.22 56.55 -32.09
CA LYS B 417 26.69 56.10 -30.78
C LYS B 417 25.57 55.92 -29.77
N ASP B 418 24.35 56.32 -30.09
CA ASP B 418 23.21 56.13 -29.19
C ASP B 418 22.23 55.09 -29.71
N ALA B 419 22.68 54.22 -30.60
CA ALA B 419 21.82 53.17 -31.13
C ALA B 419 21.58 52.10 -30.08
N ASN B 420 20.33 51.70 -29.93
CA ASN B 420 19.96 50.68 -28.94
C ASN B 420 18.64 50.07 -29.37
N THR B 421 18.01 49.35 -28.45
CA THR B 421 16.77 48.63 -28.72
C THR B 421 15.57 49.42 -28.19
N THR B 422 14.39 48.90 -28.51
CA THR B 422 13.19 49.19 -27.75
C THR B 422 12.86 48.08 -26.77
N GLU B 423 13.58 46.96 -26.83
CA GLU B 423 13.54 45.96 -25.76
C GLU B 423 13.73 46.63 -24.41
N ILE B 424 14.88 47.27 -24.23
CA ILE B 424 15.13 48.17 -23.12
C ILE B 424 15.54 49.51 -23.70
N ASP B 425 15.48 50.54 -22.88
CA ASP B 425 15.72 51.91 -23.28
C ASP B 425 14.77 52.22 -24.44
N PRO B 426 13.47 52.29 -24.19
CA PRO B 426 12.51 52.61 -25.27
C PRO B 426 12.53 54.07 -25.65
N ASN B 427 13.28 54.90 -24.94
CA ASN B 427 13.41 56.32 -25.23
C ASN B 427 14.74 56.52 -25.95
N THR B 428 14.71 56.41 -27.28
CA THR B 428 15.91 56.56 -28.09
C THR B 428 15.52 57.12 -29.45
N ALA B 429 16.26 58.14 -29.90
CA ALA B 429 16.03 58.68 -31.23
C ALA B 429 16.39 57.67 -32.30
N ASN B 430 17.50 56.96 -32.11
CA ASN B 430 17.99 55.99 -33.10
C ASN B 430 17.58 54.59 -32.66
N ALA B 431 16.33 54.23 -32.93
CA ALA B 431 15.83 52.89 -32.64
C ALA B 431 16.30 51.97 -33.77
N LEU B 432 17.41 51.27 -33.55
CA LEU B 432 17.95 50.40 -34.59
C LEU B 432 17.10 49.16 -34.77
N VAL B 433 16.56 48.62 -33.67
CA VAL B 433 15.63 47.50 -33.74
C VAL B 433 14.25 48.00 -33.33
N ILE B 434 13.24 47.56 -34.06
CA ILE B 434 11.86 47.97 -33.84
C ILE B 434 11.03 46.74 -33.58
N ASP B 435 9.72 46.91 -33.45
CA ASP B 435 8.81 45.81 -33.16
C ASP B 435 7.78 45.75 -34.29
N MET B 436 7.92 44.77 -35.18
CA MET B 436 7.04 44.56 -36.31
C MET B 436 6.30 43.24 -36.13
N PRO B 437 5.21 43.23 -35.37
CA PRO B 437 4.54 41.97 -35.05
C PRO B 437 3.85 41.39 -36.27
N GLU B 438 3.40 40.14 -36.11
CA GLU B 438 2.67 39.45 -37.17
C GLU B 438 1.21 39.81 -37.12
N HIS B 439 0.62 40.08 -38.29
CA HIS B 439 -0.79 40.39 -38.43
C HIS B 439 -1.40 39.42 -39.43
N HIS B 440 -1.82 38.26 -38.94
CA HIS B 440 -2.52 37.27 -39.75
C HIS B 440 -3.99 37.28 -39.41
N THR B 441 -4.84 37.05 -40.41
CA THR B 441 -6.27 37.06 -40.21
C THR B 441 -6.66 35.99 -39.19
N GLY B 442 -7.25 36.42 -38.08
CA GLY B 442 -7.49 35.55 -36.95
C GLY B 442 -6.79 36.08 -35.72
N GLN B 443 -6.33 37.33 -35.83
CA GLN B 443 -5.63 38.02 -34.76
C GLN B 443 -6.33 39.33 -34.46
N LEU B 444 -6.39 39.68 -33.19
CA LEU B 444 -6.77 41.02 -32.74
C LEU B 444 -5.58 41.57 -31.97
N GLY B 445 -4.71 42.30 -32.67
CA GLY B 445 -3.45 42.74 -32.12
C GLY B 445 -2.28 42.16 -32.88
N GLY B 446 -1.23 41.73 -32.18
CA GLY B 446 -0.09 41.14 -32.84
C GLY B 446 0.66 40.14 -31.97
N THR B 447 1.23 39.12 -32.58
CA THR B 447 1.98 38.10 -31.87
C THR B 447 3.29 37.82 -32.60
N MET B 448 4.12 36.97 -32.00
CA MET B 448 5.44 36.70 -32.54
C MET B 448 5.35 35.99 -33.89
N ARG B 449 6.47 36.00 -34.60
CA ARG B 449 6.67 35.08 -35.72
C ARG B 449 7.08 33.74 -35.11
N LEU B 450 6.20 32.75 -35.22
CA LEU B 450 6.31 31.50 -34.49
C LEU B 450 6.10 30.35 -35.45
N GLY B 451 7.12 29.52 -35.61
CA GLY B 451 7.00 28.32 -36.40
C GLY B 451 7.78 28.39 -37.69
N LYS B 452 7.49 27.45 -38.57
CA LYS B 452 8.23 27.32 -39.81
C LYS B 452 7.81 28.39 -40.80
N ARG B 453 8.79 29.14 -41.30
CA ARG B 453 8.57 30.18 -42.28
C ARG B 453 9.57 30.04 -43.43
N ILE B 454 9.19 30.52 -44.59
CA ILE B 454 10.03 30.44 -45.78
C ILE B 454 10.94 31.65 -45.85
N THR B 455 12.14 31.43 -46.39
CA THR B 455 13.17 32.47 -46.50
C THR B 455 13.80 32.39 -47.88
N VAL B 456 13.89 33.53 -48.56
CA VAL B 456 14.48 33.59 -49.88
C VAL B 456 15.76 34.42 -49.84
N PHE B 457 16.79 33.92 -50.50
CA PHE B 457 18.08 34.59 -50.55
C PHE B 457 18.08 35.69 -51.59
N SER B 458 19.08 36.58 -51.51
CA SER B 458 19.10 37.78 -52.33
C SER B 458 19.88 37.60 -53.64
N ASP B 459 21.17 37.27 -53.55
CA ASP B 459 22.03 37.33 -54.73
C ASP B 459 23.11 36.25 -54.63
N GLY B 460 24.12 36.38 -55.49
CA GLY B 460 25.12 35.35 -55.69
C GLY B 460 26.21 35.27 -54.64
N PRO B 461 26.98 36.35 -54.46
CA PRO B 461 28.17 36.27 -53.59
C PRO B 461 27.85 36.19 -52.12
N SER B 462 27.61 34.97 -51.62
CA SER B 462 27.42 34.74 -50.20
C SER B 462 27.79 33.28 -49.89
N VAL B 463 28.29 33.05 -48.68
CA VAL B 463 28.70 31.70 -48.31
C VAL B 463 27.53 30.90 -47.76
N ILE B 464 26.58 31.56 -47.09
CA ILE B 464 25.44 30.85 -46.50
C ILE B 464 24.61 30.19 -47.58
N ARG B 465 24.53 30.80 -48.76
CA ARG B 465 23.85 30.13 -49.87
C ARG B 465 24.60 28.88 -50.29
N GLN B 466 25.93 28.89 -50.18
CA GLN B 466 26.73 27.72 -50.55
C GLN B 466 26.57 26.58 -49.54
N LEU B 467 26.65 26.89 -48.26
CA LEU B 467 26.53 25.87 -47.23
C LEU B 467 25.15 25.22 -47.26
N TYR B 468 24.14 25.93 -47.74
CA TYR B 468 22.79 25.39 -47.84
C TYR B 468 22.56 24.60 -49.11
N GLY B 469 23.61 24.32 -49.89
CA GLY B 469 23.44 23.61 -51.14
C GLY B 469 22.91 24.45 -52.27
N ASN B 470 23.11 25.75 -52.23
CA ASN B 470 22.61 26.69 -53.23
C ASN B 470 21.14 26.47 -53.60
N PRO B 471 20.23 26.56 -52.64
CA PRO B 471 18.80 26.54 -52.96
C PRO B 471 18.26 27.95 -53.09
N LYS B 472 17.04 28.05 -53.61
CA LYS B 472 16.40 29.35 -53.72
C LYS B 472 15.76 29.77 -52.41
N SER B 473 15.28 28.81 -51.62
CA SER B 473 14.61 29.10 -50.37
C SER B 473 15.03 28.09 -49.31
N VAL B 474 14.67 28.38 -48.06
CA VAL B 474 14.96 27.48 -46.94
C VAL B 474 13.92 27.72 -45.86
N GLN B 475 13.36 26.64 -45.34
CA GLN B 475 12.36 26.72 -44.28
C GLN B 475 13.03 26.53 -42.93
N GLU B 476 12.81 27.47 -42.02
CA GLU B 476 13.44 27.45 -40.72
C GLU B 476 12.39 27.76 -39.67
N ARG B 477 12.81 27.93 -38.42
CA ARG B 477 11.88 28.12 -37.31
C ARG B 477 12.18 29.42 -36.58
N HIS B 478 11.16 30.26 -36.43
CA HIS B 478 11.30 31.58 -35.87
C HIS B 478 10.57 31.65 -34.53
N ARG B 479 11.17 32.36 -33.58
CA ARG B 479 10.53 32.67 -32.30
C ARG B 479 10.88 34.08 -31.85
N HIS B 480 10.85 35.04 -32.76
CA HIS B 480 11.27 36.40 -32.46
C HIS B 480 10.09 37.36 -32.50
N ARG B 481 10.32 38.55 -31.97
CA ARG B 481 9.34 39.62 -32.00
C ARG B 481 9.86 40.90 -32.63
N TYR B 482 11.12 41.25 -32.40
CA TYR B 482 11.70 42.50 -32.86
C TYR B 482 12.53 42.28 -34.11
N GLU B 483 12.52 43.27 -35.00
CA GLU B 483 13.31 43.23 -36.22
C GLU B 483 14.20 44.47 -36.31
N VAL B 484 14.81 44.68 -37.47
CA VAL B 484 15.59 45.89 -37.72
C VAL B 484 14.80 46.79 -38.66
N ASN B 485 15.12 48.09 -38.62
CA ASN B 485 14.31 49.10 -39.32
C ASN B 485 14.85 49.32 -40.73
N PRO B 486 14.00 49.22 -41.76
CA PRO B 486 14.51 49.24 -43.15
C PRO B 486 15.28 50.49 -43.53
N LYS B 487 14.92 51.66 -42.98
CA LYS B 487 15.73 52.86 -43.19
C LYS B 487 17.19 52.52 -42.93
N TYR B 488 17.49 51.96 -41.77
CA TYR B 488 18.86 51.63 -41.44
C TYR B 488 19.38 50.44 -42.23
N VAL B 489 18.52 49.54 -42.70
CA VAL B 489 19.03 48.39 -43.45
C VAL B 489 19.58 48.87 -44.80
N HIS B 490 19.01 49.94 -45.35
CA HIS B 490 19.69 50.47 -46.53
C HIS B 490 20.70 51.56 -46.17
N LEU B 491 20.67 52.09 -44.95
CA LEU B 491 21.73 52.98 -44.50
C LEU B 491 23.05 52.23 -44.40
N LEU B 492 23.10 51.22 -43.54
CA LEU B 492 24.32 50.43 -43.35
C LEU B 492 24.37 49.21 -44.27
N GLU B 493 24.16 49.45 -45.57
CA GLU B 493 24.46 48.44 -46.57
C GLU B 493 25.59 48.87 -47.50
N GLU B 494 25.85 50.16 -47.60
CA GLU B 494 27.02 50.68 -48.29
C GLU B 494 28.31 50.41 -47.56
N GLN B 495 28.23 50.11 -46.26
CA GLN B 495 29.39 50.09 -45.38
C GLN B 495 29.95 48.70 -45.15
N GLY B 496 29.29 47.66 -45.64
CA GLY B 496 29.84 46.32 -45.58
C GLY B 496 28.92 45.28 -44.99
N MET B 497 27.68 45.65 -44.68
CA MET B 497 26.73 44.75 -44.03
C MET B 497 25.69 44.34 -45.06
N ARG B 498 25.95 43.24 -45.76
CA ARG B 498 25.04 42.76 -46.79
C ARG B 498 23.96 41.88 -46.19
N PHE B 499 22.74 42.04 -46.69
CA PHE B 499 21.59 41.25 -46.26
C PHE B 499 21.30 40.19 -47.31
N VAL B 500 21.48 38.93 -46.95
CA VAL B 500 21.50 37.85 -47.92
C VAL B 500 20.13 37.20 -48.08
N GLY B 501 19.35 37.09 -47.02
CA GLY B 501 18.07 36.41 -47.10
C GLY B 501 17.02 37.12 -46.30
N THR B 502 15.78 37.01 -46.78
CA THR B 502 14.65 37.57 -46.06
C THR B 502 13.37 36.90 -46.58
N ASP B 503 12.23 37.44 -46.16
CA ASP B 503 10.94 36.84 -46.43
C ASP B 503 10.57 36.99 -47.90
N VAL B 504 9.33 36.64 -48.23
CA VAL B 504 8.87 36.78 -49.60
C VAL B 504 8.42 38.22 -49.86
N ASP B 505 8.01 38.95 -48.83
CA ASP B 505 7.56 40.32 -48.98
C ASP B 505 8.67 41.33 -48.75
N LYS B 506 9.86 40.88 -48.34
CA LYS B 506 11.05 41.73 -48.19
C LYS B 506 10.81 42.89 -47.21
N THR B 507 9.99 42.67 -46.19
CA THR B 507 9.73 43.71 -45.21
C THR B 507 10.54 43.51 -43.93
N ARG B 508 11.11 42.33 -43.71
CA ARG B 508 11.96 42.06 -42.57
C ARG B 508 13.29 41.53 -43.08
N MET B 509 14.27 41.44 -42.19
CA MET B 509 15.60 40.97 -42.53
C MET B 509 15.96 39.82 -41.61
N GLU B 510 16.54 38.77 -42.19
CA GLU B 510 16.75 37.51 -41.47
C GLU B 510 18.21 37.10 -41.39
N ILE B 511 18.99 37.29 -42.46
CA ILE B 511 20.38 36.87 -42.50
C ILE B 511 21.24 38.06 -42.92
N ILE B 512 22.11 38.50 -42.02
CA ILE B 512 23.13 39.49 -42.36
C ILE B 512 24.46 38.77 -42.46
N GLU B 513 25.35 39.34 -43.27
CA GLU B 513 26.68 38.76 -43.51
C GLU B 513 27.62 39.91 -43.87
N LEU B 514 28.39 40.38 -42.91
CA LEU B 514 29.29 41.49 -43.20
C LEU B 514 30.52 40.97 -43.94
N SER B 515 30.73 41.45 -45.15
CA SER B 515 31.83 41.00 -45.99
C SER B 515 33.13 41.67 -45.55
N GLY B 516 34.24 41.11 -46.02
CA GLY B 516 35.54 41.50 -45.50
C GLY B 516 35.84 40.88 -44.16
N HIS B 517 35.47 39.60 -43.99
CA HIS B 517 35.60 38.88 -42.73
C HIS B 517 35.53 37.40 -43.07
N PRO B 518 36.31 36.54 -42.40
CA PRO B 518 36.24 35.10 -42.68
C PRO B 518 34.84 34.54 -42.58
N TYR B 519 34.22 34.68 -41.40
CA TYR B 519 32.87 34.15 -41.18
C TYR B 519 32.20 35.00 -40.12
N PHE B 520 31.39 35.97 -40.55
CA PHE B 520 30.62 36.83 -39.66
C PHE B 520 29.20 36.88 -40.22
N VAL B 521 28.32 36.00 -39.73
CA VAL B 521 26.95 35.94 -40.18
C VAL B 521 26.04 35.92 -38.96
N ALA B 522 24.75 36.16 -39.20
CA ALA B 522 23.75 36.18 -38.15
C ALA B 522 22.41 35.79 -38.74
N THR B 523 21.53 35.25 -37.90
CA THR B 523 20.24 34.75 -38.34
C THR B 523 19.18 35.10 -37.31
N GLN B 524 18.00 35.52 -37.80
CA GLN B 524 16.89 35.79 -36.88
C GLN B 524 16.27 34.50 -36.37
N TYR B 525 16.24 33.46 -37.18
CA TYR B 525 15.66 32.19 -36.79
C TYR B 525 16.63 31.41 -35.92
N HIS B 526 16.22 30.19 -35.55
CA HIS B 526 17.09 29.29 -34.82
C HIS B 526 17.46 28.12 -35.72
N PRO B 527 18.72 27.99 -36.14
CA PRO B 527 19.09 26.84 -36.97
C PRO B 527 19.31 25.57 -36.19
N GLU B 528 19.38 25.65 -34.87
CA GLU B 528 19.63 24.51 -34.02
C GLU B 528 18.40 23.68 -33.74
N TYR B 529 17.25 24.03 -34.31
CA TYR B 529 16.05 23.23 -34.17
C TYR B 529 15.90 22.20 -35.26
N LEU B 530 16.62 22.34 -36.37
CA LEU B 530 16.58 21.37 -37.45
C LEU B 530 17.89 20.59 -37.57
N SER B 531 18.73 20.64 -36.55
CA SER B 531 20.00 19.92 -36.54
C SER B 531 19.77 18.50 -36.06
N ARG B 532 20.24 17.53 -36.83
CA ARG B 532 20.09 16.12 -36.54
C ARG B 532 21.46 15.48 -36.38
N PRO B 533 21.55 14.34 -35.68
CA PRO B 533 22.85 13.67 -35.55
C PRO B 533 23.47 13.28 -36.87
N LEU B 534 22.68 12.90 -37.86
CA LEU B 534 23.19 12.42 -39.13
C LEU B 534 23.11 13.45 -40.25
N LYS B 535 22.71 14.69 -39.96
CA LYS B 535 22.80 15.79 -40.91
C LYS B 535 22.85 17.11 -40.16
N PRO B 536 24.04 17.69 -40.02
CA PRO B 536 24.17 18.93 -39.23
C PRO B 536 23.51 20.13 -39.89
N SER B 537 23.58 21.29 -39.24
CA SER B 537 22.97 22.42 -39.92
C SER B 537 24.04 23.33 -40.51
N PRO B 538 23.80 23.85 -41.72
CA PRO B 538 24.85 24.54 -42.47
C PRO B 538 25.46 25.75 -41.76
N PRO B 539 24.68 26.57 -41.04
CA PRO B 539 25.34 27.65 -40.29
C PRO B 539 26.38 27.17 -39.29
N PHE B 540 26.05 26.19 -38.45
CA PHE B 540 27.03 25.67 -37.51
C PHE B 540 28.14 24.91 -38.22
N LEU B 541 27.81 24.25 -39.32
CA LEU B 541 28.84 23.58 -40.11
C LEU B 541 29.88 24.58 -40.58
N GLY B 542 29.44 25.72 -41.10
CA GLY B 542 30.38 26.73 -41.53
C GLY B 542 31.13 27.37 -40.38
N LEU B 543 30.46 27.56 -39.25
CA LEU B 543 31.15 28.11 -38.09
C LEU B 543 32.26 27.20 -37.60
N ILE B 544 32.06 25.89 -37.68
CA ILE B 544 33.11 24.96 -37.28
C ILE B 544 34.21 24.89 -38.34
N LEU B 545 33.82 24.86 -39.61
CA LEU B 545 34.81 24.82 -40.68
C LEU B 545 35.65 26.09 -40.77
N ALA B 546 35.15 27.20 -40.23
CA ALA B 546 35.91 28.43 -40.25
C ALA B 546 36.84 28.55 -39.06
N SER B 547 36.40 28.07 -37.89
CA SER B 547 37.20 28.18 -36.68
C SER B 547 38.40 27.27 -36.69
N VAL B 548 38.56 26.45 -37.71
CA VAL B 548 39.70 25.55 -37.81
C VAL B 548 40.30 25.69 -39.21
N ASP B 549 39.89 26.74 -39.91
CA ASP B 549 40.47 27.14 -41.20
C ASP B 549 40.30 26.06 -42.25
N ARG B 550 39.11 25.47 -42.30
CA ARG B 550 38.77 24.46 -43.30
C ARG B 550 37.60 24.89 -44.17
N LEU B 551 37.17 26.14 -44.08
CA LEU B 551 35.96 26.57 -44.76
C LEU B 551 36.16 26.67 -46.26
N ASN B 552 37.15 27.45 -46.70
CA ASN B 552 37.38 27.64 -48.13
C ASN B 552 37.64 26.32 -48.84
N GLN B 553 38.43 25.44 -48.21
CA GLN B 553 38.66 24.12 -48.76
C GLN B 553 37.37 23.32 -48.89
N TYR B 554 36.42 23.49 -47.98
CA TYR B 554 35.16 22.77 -48.05
C TYR B 554 34.24 23.33 -49.12
N ILE B 555 34.38 24.62 -49.44
CA ILE B 555 33.48 25.25 -50.41
C ILE B 555 33.65 24.61 -51.78
N GLN B 556 34.88 24.26 -52.15
CA GLN B 556 35.14 23.66 -53.44
C GLN B 556 35.03 22.14 -53.41
N MET C 1 -0.70 -31.94 -13.26
CA MET C 1 -1.48 -31.59 -12.08
C MET C 1 -1.99 -30.16 -12.18
N LYS C 2 -3.31 -30.00 -12.09
CA LYS C 2 -3.97 -28.72 -12.17
C LYS C 2 -4.33 -28.24 -10.77
N TYR C 3 -4.28 -26.93 -10.57
CA TYR C 3 -4.54 -26.33 -9.26
C TYR C 3 -5.63 -25.29 -9.37
N ILE C 4 -6.43 -25.19 -8.31
CA ILE C 4 -7.39 -24.11 -8.14
C ILE C 4 -7.20 -23.56 -6.74
N LEU C 5 -6.83 -22.30 -6.64
CA LEU C 5 -6.64 -21.63 -5.36
C LEU C 5 -7.82 -20.73 -5.07
N VAL C 6 -8.34 -20.80 -3.84
CA VAL C 6 -9.52 -20.07 -3.43
C VAL C 6 -9.12 -19.14 -2.31
N THR C 7 -9.15 -17.83 -2.58
CA THR C 7 -8.73 -16.81 -1.62
C THR C 7 -9.93 -15.98 -1.17
N GLY C 8 -9.72 -15.20 -0.12
CA GLY C 8 -10.79 -14.47 0.51
C GLY C 8 -10.52 -12.98 0.54
N GLY C 9 -11.60 -12.20 0.56
CA GLY C 9 -11.52 -10.79 0.28
C GLY C 9 -11.58 -9.84 1.45
N VAL C 10 -12.76 -9.29 1.70
CA VAL C 10 -12.89 -8.11 2.56
C VAL C 10 -12.89 -8.50 4.03
N ILE C 11 -13.63 -9.53 4.40
CA ILE C 11 -13.78 -9.98 5.77
C ILE C 11 -13.48 -11.48 5.81
N SER C 12 -13.66 -12.06 7.00
CA SER C 12 -13.33 -13.46 7.19
C SER C 12 -14.51 -14.38 6.96
N GLY C 13 -15.63 -14.16 7.64
CA GLY C 13 -16.76 -15.04 7.48
C GLY C 13 -17.48 -14.85 6.16
N VAL C 14 -16.76 -15.02 5.05
CA VAL C 14 -17.30 -14.66 3.74
C VAL C 14 -17.76 -15.86 2.92
N GLY C 15 -17.49 -17.09 3.37
CA GLY C 15 -18.04 -18.26 2.71
C GLY C 15 -17.11 -19.01 1.80
N LYS C 16 -15.84 -19.14 2.20
CA LYS C 16 -14.84 -19.75 1.33
C LYS C 16 -14.95 -21.27 1.27
N GLY C 17 -15.30 -21.89 2.41
CA GLY C 17 -15.34 -23.34 2.47
C GLY C 17 -16.37 -23.95 1.56
N VAL C 18 -17.56 -23.35 1.51
CA VAL C 18 -18.60 -23.90 0.66
C VAL C 18 -18.28 -23.68 -0.82
N ILE C 19 -17.62 -22.58 -1.17
CA ILE C 19 -17.20 -22.37 -2.54
C ILE C 19 -16.19 -23.42 -2.97
N ALA C 20 -15.19 -23.68 -2.12
CA ALA C 20 -14.17 -24.66 -2.47
C ALA C 20 -14.76 -26.07 -2.56
N SER C 21 -15.62 -26.44 -1.61
CA SER C 21 -16.26 -27.74 -1.65
C SER C 21 -17.14 -27.91 -2.88
N SER C 22 -17.80 -26.83 -3.31
CA SER C 22 -18.65 -26.93 -4.49
C SER C 22 -17.85 -27.07 -5.77
N PHE C 23 -16.72 -26.36 -5.88
CA PHE C 23 -15.79 -26.62 -6.96
C PHE C 23 -15.44 -28.09 -7.02
N GLY C 24 -15.08 -28.66 -5.87
CA GLY C 24 -14.75 -30.07 -5.83
C GLY C 24 -15.87 -30.97 -6.30
N THR C 25 -17.09 -30.69 -5.83
CA THR C 25 -18.24 -31.52 -6.19
C THR C 25 -18.52 -31.47 -7.69
N LEU C 26 -18.45 -30.29 -8.30
CA LEU C 26 -18.63 -30.15 -9.75
C LEU C 26 -17.61 -30.98 -10.50
N LEU C 27 -16.32 -30.75 -10.21
CA LEU C 27 -15.27 -31.45 -10.94
C LEU C 27 -15.36 -32.96 -10.73
N LYS C 28 -15.76 -33.40 -9.53
CA LYS C 28 -15.96 -34.82 -9.27
C LYS C 28 -17.06 -35.38 -10.15
N SER C 29 -18.19 -34.69 -10.22
CA SER C 29 -19.29 -35.16 -11.07
C SER C 29 -18.89 -35.23 -12.54
N CYS C 30 -17.98 -34.36 -12.97
CA CYS C 30 -17.52 -34.39 -14.35
C CYS C 30 -16.53 -35.50 -14.65
N GLY C 31 -16.21 -36.35 -13.68
CA GLY C 31 -15.37 -37.51 -13.93
C GLY C 31 -13.90 -37.34 -13.64
N LEU C 32 -13.51 -36.41 -12.77
CA LEU C 32 -12.13 -36.16 -12.45
C LEU C 32 -11.80 -36.62 -11.04
N ASP C 33 -10.51 -36.88 -10.81
CA ASP C 33 -10.01 -37.20 -9.48
C ASP C 33 -9.56 -35.90 -8.83
N VAL C 34 -10.16 -35.57 -7.68
CA VAL C 34 -9.96 -34.29 -7.01
C VAL C 34 -9.48 -34.54 -5.60
N THR C 35 -8.39 -33.90 -5.22
CA THR C 35 -7.97 -33.81 -3.83
C THR C 35 -8.14 -32.37 -3.37
N SER C 36 -7.85 -32.11 -2.10
CA SER C 36 -8.03 -30.74 -1.61
C SER C 36 -7.12 -30.51 -0.41
N ILE C 37 -6.63 -29.28 -0.30
CA ILE C 37 -5.75 -28.87 0.78
C ILE C 37 -6.33 -27.65 1.45
N LYS C 38 -6.33 -27.64 2.78
CA LYS C 38 -6.80 -26.50 3.56
C LYS C 38 -5.62 -25.89 4.30
N ILE C 39 -5.44 -24.58 4.17
CA ILE C 39 -4.35 -23.87 4.81
C ILE C 39 -4.91 -22.98 5.89
N ASP C 40 -4.52 -23.24 7.15
CA ASP C 40 -4.95 -22.46 8.29
C ASP C 40 -3.77 -21.64 8.81
N PRO C 41 -3.82 -20.32 8.80
CA PRO C 41 -2.65 -19.54 9.20
C PRO C 41 -2.46 -19.42 10.70
N TYR C 42 -3.08 -20.26 11.51
CA TYR C 42 -2.88 -20.16 12.94
C TYR C 42 -1.69 -21.02 13.37
N ILE C 43 -1.24 -20.79 14.61
CA ILE C 43 0.03 -21.37 15.04
C ILE C 43 -0.13 -22.81 15.52
N ASN C 44 -1.34 -23.26 15.80
CA ASN C 44 -1.55 -24.61 16.30
C ASN C 44 -1.03 -25.65 15.30
N ILE C 45 -0.83 -26.86 15.80
CA ILE C 45 -0.40 -27.99 14.99
C ILE C 45 -1.54 -28.97 14.74
N ASP C 46 -2.31 -29.28 15.77
CA ASP C 46 -3.46 -30.16 15.67
C ASP C 46 -4.65 -29.50 16.34
N ALA C 47 -5.75 -30.25 16.49
CA ALA C 47 -6.88 -29.81 17.25
C ALA C 47 -6.98 -30.52 18.59
N GLY C 48 -5.95 -31.26 18.98
CA GLY C 48 -5.93 -31.95 20.26
C GLY C 48 -5.84 -31.04 21.46
N THR C 49 -5.52 -29.76 21.26
CA THR C 49 -5.55 -28.78 22.33
C THR C 49 -6.83 -27.97 22.34
N PHE C 50 -7.46 -27.79 21.18
CA PHE C 50 -8.66 -26.97 21.07
C PHE C 50 -9.73 -27.42 22.07
N SER C 51 -10.23 -26.48 22.84
CA SER C 51 -11.37 -26.76 23.70
C SER C 51 -12.63 -26.93 22.86
N PRO C 52 -13.52 -27.84 23.26
CA PRO C 52 -14.74 -28.03 22.46
C PRO C 52 -15.65 -26.81 22.47
N TYR C 53 -15.77 -26.13 23.60
CA TYR C 53 -16.57 -24.91 23.65
C TYR C 53 -15.90 -23.73 22.97
N GLU C 54 -14.67 -23.88 22.50
CA GLU C 54 -13.94 -22.79 21.87
C GLU C 54 -13.95 -22.88 20.35
N HIS C 55 -13.90 -24.09 19.80
CA HIS C 55 -13.92 -24.29 18.35
C HIS C 55 -14.95 -25.31 17.90
N GLY C 56 -15.15 -26.37 18.68
CA GLY C 56 -16.19 -27.33 18.38
C GLY C 56 -15.85 -28.36 17.34
N GLU C 57 -16.17 -29.62 17.64
CA GLU C 57 -16.17 -30.71 16.68
C GLU C 57 -14.79 -30.90 16.05
N VAL C 58 -13.88 -31.40 16.87
CA VAL C 58 -12.71 -32.11 16.37
C VAL C 58 -13.15 -33.19 15.41
N TYR C 59 -12.64 -33.18 14.18
CA TYR C 59 -12.90 -34.21 13.20
C TYR C 59 -11.71 -35.16 13.16
N VAL C 60 -11.99 -36.45 13.05
CA VAL C 60 -10.97 -37.48 13.17
C VAL C 60 -10.83 -38.18 11.83
N LEU C 61 -9.65 -38.10 11.24
CA LEU C 61 -9.40 -38.81 9.99
C LEU C 61 -9.12 -40.28 10.27
N ASP C 62 -9.10 -41.09 9.22
CA ASP C 62 -9.00 -42.53 9.42
C ASP C 62 -7.56 -43.00 9.55
N ASP C 63 -6.62 -42.09 9.77
CA ASP C 63 -5.28 -42.43 10.20
C ASP C 63 -5.02 -42.01 11.63
N GLY C 64 -6.00 -41.39 12.28
CA GLY C 64 -5.86 -40.97 13.64
C GLY C 64 -5.55 -39.51 13.86
N ALA C 65 -5.70 -38.67 12.85
CA ALA C 65 -5.39 -37.26 12.99
C ALA C 65 -6.62 -36.49 13.45
N GLU C 66 -6.40 -35.55 14.36
CA GLU C 66 -7.45 -34.62 14.81
C GLU C 66 -7.21 -33.29 14.13
N VAL C 67 -8.11 -32.92 13.22
CA VAL C 67 -7.89 -31.81 12.33
C VAL C 67 -9.09 -30.86 12.42
N ASP C 68 -9.04 -29.83 11.57
CA ASP C 68 -10.14 -28.89 11.41
C ASP C 68 -11.40 -29.61 10.95
N LEU C 69 -12.56 -28.98 11.22
CA LEU C 69 -13.80 -29.50 10.67
C LEU C 69 -13.96 -29.21 9.19
N ASP C 70 -13.15 -28.31 8.62
CA ASP C 70 -13.23 -28.04 7.20
C ASP C 70 -12.81 -29.25 6.38
N LEU C 71 -11.86 -30.03 6.87
CA LEU C 71 -11.56 -31.29 6.21
C LEU C 71 -12.74 -32.23 6.27
N GLY C 72 -13.54 -32.15 7.34
CA GLY C 72 -14.78 -32.91 7.38
C GLY C 72 -15.77 -32.46 6.31
N ASN C 73 -15.84 -31.15 6.07
CA ASN C 73 -16.71 -30.65 5.02
C ASN C 73 -16.26 -31.12 3.65
N TYR C 74 -14.95 -31.12 3.40
CA TYR C 74 -14.44 -31.63 2.12
C TYR C 74 -14.74 -33.12 1.98
N GLU C 75 -14.53 -33.88 3.06
CA GLU C 75 -14.80 -35.31 2.98
C GLU C 75 -16.26 -35.58 2.64
N ARG C 76 -17.18 -34.83 3.25
CA ARG C 76 -18.59 -35.04 2.94
C ARG C 76 -18.93 -34.62 1.52
N PHE C 77 -18.44 -33.47 1.06
CA PHE C 77 -18.86 -32.98 -0.25
C PHE C 77 -18.19 -33.71 -1.41
N LEU C 78 -16.97 -34.21 -1.22
CA LEU C 78 -16.21 -34.85 -2.29
C LEU C 78 -16.21 -36.36 -2.23
N ASP C 79 -16.53 -36.96 -1.08
CA ASP C 79 -16.56 -38.41 -0.90
C ASP C 79 -15.16 -39.01 -1.03
N VAL C 80 -14.19 -38.43 -0.31
CA VAL C 80 -12.80 -38.86 -0.35
C VAL C 80 -12.33 -39.13 1.07
N THR C 81 -11.06 -39.54 1.18
CA THR C 81 -10.42 -39.82 2.46
C THR C 81 -9.10 -39.06 2.50
N LEU C 82 -9.05 -37.99 3.28
CA LEU C 82 -7.90 -37.13 3.38
C LEU C 82 -6.99 -37.56 4.52
N HIS C 83 -5.75 -37.09 4.47
CA HIS C 83 -4.73 -37.42 5.45
C HIS C 83 -4.34 -36.18 6.24
N ARG C 84 -3.42 -36.38 7.19
CA ARG C 84 -3.03 -35.30 8.07
C ARG C 84 -2.32 -34.17 7.34
N ASP C 85 -1.61 -34.47 6.26
CA ASP C 85 -0.86 -33.46 5.55
C ASP C 85 -1.74 -32.64 4.60
N ASN C 86 -2.97 -33.05 4.38
CA ASN C 86 -3.92 -32.24 3.62
C ASN C 86 -4.36 -31.00 4.38
N ASN C 87 -3.79 -30.74 5.56
CA ASN C 87 -4.14 -29.59 6.37
C ASN C 87 -2.86 -28.89 6.83
N ILE C 88 -2.39 -27.93 6.05
CA ILE C 88 -1.19 -27.18 6.38
C ILE C 88 -1.54 -26.05 7.33
N THR C 89 -0.71 -25.84 8.34
CA THR C 89 -0.83 -24.65 9.18
C THR C 89 0.52 -23.94 9.25
N THR C 90 0.50 -22.73 9.79
CA THR C 90 1.73 -21.98 9.99
C THR C 90 2.66 -22.69 10.97
N GLY C 91 2.10 -23.25 12.04
CA GLY C 91 2.91 -24.00 12.99
C GLY C 91 3.61 -25.18 12.38
N LYS C 92 2.91 -25.94 11.54
CA LYS C 92 3.52 -27.09 10.88
C LYS C 92 4.70 -26.68 10.01
N ILE C 93 4.52 -25.64 9.20
CA ILE C 93 5.57 -25.20 8.30
C ILE C 93 6.77 -24.68 9.09
N TYR C 94 6.53 -23.81 10.06
CA TYR C 94 7.64 -23.25 10.79
C TYR C 94 8.34 -24.29 11.63
N LYS C 95 7.62 -25.30 12.13
CA LYS C 95 8.27 -26.36 12.89
C LYS C 95 9.13 -27.24 12.00
N LEU C 96 8.61 -27.62 10.83
CA LEU C 96 9.43 -28.39 9.89
C LEU C 96 10.69 -27.64 9.50
N VAL C 97 10.59 -26.32 9.27
CA VAL C 97 11.77 -25.58 8.83
C VAL C 97 12.75 -25.38 9.99
N ILE C 98 12.24 -25.08 11.19
CA ILE C 98 13.13 -24.88 12.33
C ILE C 98 13.86 -26.16 12.67
N GLU C 99 13.19 -27.30 12.56
CA GLU C 99 13.84 -28.57 12.84
C GLU C 99 14.86 -28.92 11.76
N LYS C 100 14.51 -28.71 10.50
CA LYS C 100 15.47 -28.93 9.42
C LYS C 100 16.73 -28.09 9.63
N GLU C 101 16.57 -26.84 10.07
CA GLU C 101 17.73 -25.97 10.29
C GLU C 101 18.54 -26.43 11.49
N ARG C 102 17.88 -26.89 12.55
CA ARG C 102 18.59 -27.21 13.78
C ARG C 102 19.38 -28.51 13.68
N THR C 103 19.12 -29.35 12.68
CA THR C 103 19.91 -30.56 12.46
C THR C 103 20.81 -30.43 11.23
N GLY C 104 21.10 -29.19 10.84
CA GLY C 104 22.09 -28.90 9.83
C GLY C 104 21.91 -29.53 8.46
N GLU C 105 20.72 -29.43 7.86
CA GLU C 105 20.55 -29.82 6.47
C GLU C 105 20.25 -28.64 5.56
N TYR C 106 20.59 -27.43 5.99
CA TYR C 106 20.73 -26.30 5.10
C TYR C 106 22.19 -25.96 4.85
N LEU C 107 23.11 -26.69 5.49
CA LEU C 107 24.55 -26.65 5.20
C LEU C 107 25.20 -25.33 5.60
N GLY C 108 24.81 -24.80 6.74
CA GLY C 108 25.44 -23.61 7.27
C GLY C 108 24.95 -22.31 6.72
N LYS C 109 23.93 -22.30 5.87
CA LYS C 109 23.43 -21.07 5.31
C LYS C 109 22.48 -20.38 6.28
N THR C 110 22.16 -19.13 5.97
CA THR C 110 21.16 -18.39 6.73
C THR C 110 19.79 -18.74 6.19
N VAL C 111 18.92 -19.23 7.07
CA VAL C 111 17.57 -19.63 6.69
C VAL C 111 16.66 -18.44 6.90
N GLN C 112 15.96 -18.05 5.85
CA GLN C 112 15.12 -16.87 5.86
C GLN C 112 13.73 -17.26 5.40
N VAL C 113 12.76 -16.40 5.69
CA VAL C 113 11.39 -16.65 5.27
C VAL C 113 11.31 -16.81 3.77
N VAL C 114 11.82 -15.84 3.03
CA VAL C 114 12.03 -15.95 1.59
C VAL C 114 13.52 -16.21 1.36
N PRO C 115 13.91 -17.31 0.74
CA PRO C 115 13.04 -18.29 0.06
C PRO C 115 12.74 -19.58 0.80
N HIS C 116 13.15 -19.77 2.05
CA HIS C 116 13.14 -21.12 2.60
C HIS C 116 11.76 -21.56 3.07
N ILE C 117 11.03 -20.69 3.75
CA ILE C 117 9.68 -21.03 4.18
C ILE C 117 8.76 -21.19 2.98
N THR C 118 8.93 -20.35 1.96
CA THR C 118 8.08 -20.46 0.78
C THR C 118 8.45 -21.66 -0.08
N ASP C 119 9.72 -22.04 -0.14
CA ASP C 119 10.10 -23.29 -0.76
C ASP C 119 9.49 -24.48 -0.04
N ALA C 120 9.48 -24.44 1.29
CA ALA C 120 8.87 -25.52 2.06
C ALA C 120 7.39 -25.64 1.76
N ILE C 121 6.68 -24.50 1.75
CA ILE C 121 5.25 -24.51 1.44
C ILE C 121 5.00 -25.10 0.05
N GLN C 122 5.80 -24.68 -0.94
CA GLN C 122 5.57 -25.16 -2.30
C GLN C 122 5.83 -26.65 -2.42
N GLU C 123 6.88 -27.15 -1.79
CA GLU C 123 7.16 -28.58 -1.85
C GLU C 123 6.08 -29.40 -1.14
N TRP C 124 5.62 -28.93 0.02
CA TRP C 124 4.51 -29.60 0.70
C TRP C 124 3.28 -29.68 -0.19
N VAL C 125 2.90 -28.57 -0.82
CA VAL C 125 1.69 -28.56 -1.64
C VAL C 125 1.84 -29.47 -2.85
N GLU C 126 2.99 -29.40 -3.53
CA GLU C 126 3.22 -30.29 -4.66
C GLU C 126 3.23 -31.74 -4.24
N ARG C 127 3.64 -32.02 -2.99
CA ARG C 127 3.77 -33.39 -2.53
C ARG C 127 2.41 -34.01 -2.22
N VAL C 128 1.62 -33.37 -1.37
CA VAL C 128 0.37 -34.03 -0.96
C VAL C 128 -0.71 -33.95 -2.02
N ALA C 129 -0.45 -33.28 -3.15
CA ALA C 129 -1.43 -33.23 -4.24
C ALA C 129 -1.36 -34.44 -5.15
N GLN C 130 -0.29 -35.22 -5.10
CA GLN C 130 -0.18 -36.45 -5.87
C GLN C 130 -0.54 -37.68 -5.07
N THR C 131 -0.82 -37.52 -3.78
CA THR C 131 -1.24 -38.64 -2.96
C THR C 131 -2.68 -39.02 -3.33
N PRO C 132 -2.94 -40.29 -3.66
CA PRO C 132 -4.31 -40.69 -4.00
C PRO C 132 -5.23 -40.62 -2.78
N VAL C 133 -6.46 -40.15 -3.02
CA VAL C 133 -7.46 -40.08 -1.98
C VAL C 133 -8.66 -40.95 -2.25
N GLN C 134 -8.86 -41.42 -3.47
CA GLN C 134 -9.97 -42.29 -3.83
C GLN C 134 -9.35 -43.54 -4.43
N GLY C 135 -9.06 -44.51 -3.57
CA GLY C 135 -8.46 -45.75 -4.02
C GLY C 135 -6.96 -45.64 -4.18
N SER C 136 -6.49 -45.72 -5.42
CA SER C 136 -5.07 -45.65 -5.70
C SER C 136 -4.73 -44.81 -6.93
N SER C 137 -5.71 -44.17 -7.55
CA SER C 137 -5.48 -43.39 -8.76
C SER C 137 -5.03 -41.98 -8.39
N LYS C 138 -4.08 -41.45 -9.15
CA LYS C 138 -3.55 -40.14 -8.87
C LYS C 138 -4.61 -39.07 -9.09
N PRO C 139 -4.65 -38.04 -8.27
CA PRO C 139 -5.58 -36.92 -8.52
C PRO C 139 -5.16 -36.16 -9.77
N GLN C 140 -6.13 -35.43 -10.32
CA GLN C 140 -5.90 -34.62 -11.51
C GLN C 140 -6.10 -33.14 -11.27
N VAL C 141 -6.92 -32.76 -10.31
CA VAL C 141 -7.08 -31.38 -9.89
C VAL C 141 -6.91 -31.33 -8.39
N CYS C 142 -6.41 -30.21 -7.89
CA CYS C 142 -6.28 -29.99 -6.46
C CYS C 142 -6.86 -28.63 -6.12
N ILE C 143 -7.79 -28.60 -5.17
CA ILE C 143 -8.39 -27.36 -4.69
C ILE C 143 -7.66 -26.97 -3.42
N VAL C 144 -7.02 -25.80 -3.44
CA VAL C 144 -6.31 -25.28 -2.29
C VAL C 144 -7.10 -24.11 -1.75
N GLU C 145 -7.52 -24.18 -0.50
CA GLU C 145 -8.28 -23.12 0.14
C GLU C 145 -7.43 -22.44 1.20
N LEU C 146 -7.18 -21.15 1.02
CA LEU C 146 -6.32 -20.36 1.88
C LEU C 146 -7.18 -19.62 2.89
N GLY C 147 -6.95 -19.88 4.17
CA GLY C 147 -7.73 -19.24 5.21
C GLY C 147 -7.27 -17.83 5.50
N GLY C 148 -8.19 -17.04 6.01
CA GLY C 148 -7.92 -15.64 6.28
C GLY C 148 -8.17 -14.75 5.08
N THR C 149 -7.93 -13.46 5.29
CA THR C 149 -8.19 -12.45 4.29
C THR C 149 -6.88 -11.82 3.83
N ILE C 150 -6.81 -11.52 2.53
CA ILE C 150 -5.60 -10.97 1.93
C ILE C 150 -5.28 -9.61 2.54
N GLY C 151 -4.03 -9.42 2.95
CA GLY C 151 -3.60 -8.23 3.63
C GLY C 151 -3.25 -8.47 5.08
N ASP C 152 -3.71 -9.56 5.66
CA ASP C 152 -3.33 -9.93 7.02
C ASP C 152 -1.85 -10.32 7.09
N ILE C 153 -1.25 -10.11 8.26
CA ILE C 153 0.15 -10.45 8.48
C ILE C 153 0.36 -11.96 8.45
N GLU C 154 -0.62 -12.73 8.91
CA GLU C 154 -0.43 -14.16 9.10
C GLU C 154 -0.33 -14.91 7.79
N GLY C 155 -0.94 -14.39 6.73
CA GLY C 155 -1.02 -15.08 5.46
C GLY C 155 -0.05 -14.64 4.40
N MET C 156 0.90 -13.77 4.71
CA MET C 156 1.84 -13.25 3.72
C MET C 156 2.84 -14.29 3.23
N PRO C 157 3.41 -15.14 4.10
CA PRO C 157 4.26 -16.23 3.57
C PRO C 157 3.54 -17.11 2.56
N PHE C 158 2.24 -17.33 2.73
CA PHE C 158 1.51 -18.22 1.83
C PHE C 158 1.22 -17.57 0.49
N VAL C 159 0.90 -16.28 0.46
CA VAL C 159 0.66 -15.66 -0.83
C VAL C 159 1.98 -15.45 -1.57
N GLU C 160 3.08 -15.26 -0.86
CA GLU C 160 4.38 -15.21 -1.52
C GLU C 160 4.74 -16.56 -2.13
N ALA C 161 4.54 -17.63 -1.35
CA ALA C 161 4.72 -18.98 -1.85
C ALA C 161 3.90 -19.23 -3.10
N PHE C 162 2.67 -18.75 -3.14
CA PHE C 162 1.81 -19.09 -4.27
C PHE C 162 2.05 -18.21 -5.49
N ARG C 163 2.58 -17.00 -5.32
CA ARG C 163 3.12 -16.26 -6.46
C ARG C 163 4.22 -17.06 -7.16
N GLN C 164 5.26 -17.41 -6.39
CA GLN C 164 6.32 -18.23 -6.97
C GLN C 164 5.78 -19.53 -7.55
N PHE C 165 4.79 -20.13 -6.89
CA PHE C 165 4.24 -21.41 -7.31
C PHE C 165 3.52 -21.29 -8.64
N GLN C 166 2.69 -20.25 -8.81
CA GLN C 166 2.03 -20.04 -10.08
C GLN C 166 3.03 -20.01 -11.21
N PHE C 167 4.22 -19.49 -10.97
CA PHE C 167 5.18 -19.58 -12.09
C PHE C 167 5.92 -20.90 -12.16
N ARG C 168 6.01 -21.65 -11.06
CA ARG C 168 6.70 -22.92 -11.09
C ARG C 168 5.91 -24.03 -11.77
N VAL C 169 4.59 -24.00 -11.67
CA VAL C 169 3.77 -25.05 -12.26
C VAL C 169 3.13 -24.61 -13.59
N LYS C 170 3.69 -23.60 -14.25
CA LYS C 170 3.26 -23.29 -15.61
C LYS C 170 1.80 -22.85 -15.72
N ARG C 171 1.56 -21.56 -15.50
CA ARG C 171 0.26 -20.92 -15.34
C ARG C 171 -0.93 -21.58 -16.06
N GLU C 172 -0.73 -22.22 -17.20
CA GLU C 172 -1.83 -22.96 -17.80
C GLU C 172 -2.33 -24.10 -16.90
N ASN C 173 -1.70 -24.30 -15.75
CA ASN C 173 -2.10 -25.32 -14.78
C ASN C 173 -2.53 -24.71 -13.46
N PHE C 174 -2.78 -23.41 -13.41
CA PHE C 174 -3.01 -22.71 -12.16
C PHE C 174 -4.12 -21.69 -12.34
N CYS C 175 -5.17 -21.79 -11.53
CA CYS C 175 -6.31 -20.90 -11.59
C CYS C 175 -6.62 -20.39 -10.19
N LEU C 176 -6.98 -19.11 -10.08
CA LEU C 176 -7.25 -18.48 -8.80
C LEU C 176 -8.67 -17.94 -8.78
N ALA C 177 -9.42 -18.24 -7.72
CA ALA C 177 -10.78 -17.77 -7.52
C ALA C 177 -10.84 -16.92 -6.26
N HIS C 178 -11.32 -15.69 -6.38
CA HIS C 178 -11.34 -14.75 -5.28
C HIS C 178 -12.76 -14.54 -4.80
N VAL C 179 -12.99 -14.79 -3.52
CA VAL C 179 -14.31 -14.67 -2.91
C VAL C 179 -14.34 -13.39 -2.09
N SER C 180 -15.26 -12.50 -2.39
CA SER C 180 -15.29 -11.19 -1.76
C SER C 180 -16.70 -10.86 -1.30
N LEU C 181 -16.80 -9.83 -0.47
CA LEU C 181 -18.07 -9.36 0.08
C LEU C 181 -18.52 -8.12 -0.69
N VAL C 182 -19.72 -8.19 -1.24
CA VAL C 182 -20.37 -7.02 -1.85
C VAL C 182 -21.41 -6.51 -0.87
N PRO C 183 -21.07 -5.56 0.00
CA PRO C 183 -22.00 -5.14 1.04
C PRO C 183 -23.13 -4.31 0.46
N LEU C 184 -24.16 -4.12 1.28
CA LEU C 184 -25.38 -3.45 0.85
C LEU C 184 -25.96 -2.69 2.01
N PRO C 185 -25.63 -1.40 2.12
CA PRO C 185 -26.22 -0.58 3.19
C PRO C 185 -27.68 -0.28 2.89
N LYS C 186 -28.55 -0.59 3.84
CA LYS C 186 -29.98 -0.44 3.59
C LYS C 186 -30.43 1.02 3.63
N ALA C 187 -29.54 1.94 3.97
CA ALA C 187 -29.87 3.36 3.83
C ALA C 187 -30.15 3.72 2.38
N THR C 188 -29.55 3.01 1.43
CA THR C 188 -29.78 3.25 0.02
C THR C 188 -30.04 1.99 -0.81
N GLY C 189 -29.79 0.81 -0.27
CA GLY C 189 -30.16 -0.42 -0.97
C GLY C 189 -29.44 -0.62 -2.29
N GLU C 190 -28.16 -0.32 -2.35
CA GLU C 190 -27.36 -0.48 -3.56
C GLU C 190 -26.11 -1.29 -3.22
N PRO C 191 -25.77 -2.29 -4.03
CA PRO C 191 -24.56 -3.08 -3.72
C PRO C 191 -23.30 -2.29 -4.04
N LYS C 192 -22.34 -2.34 -3.13
CA LYS C 192 -21.12 -1.57 -3.24
C LYS C 192 -19.96 -2.48 -3.62
N THR C 193 -19.26 -2.13 -4.69
CA THR C 193 -18.13 -2.89 -5.17
C THR C 193 -16.79 -2.33 -4.72
N LYS C 194 -16.77 -1.30 -3.90
CA LYS C 194 -15.52 -0.63 -3.54
C LYS C 194 -14.61 -1.48 -2.65
N PRO C 195 -15.14 -2.21 -1.66
CA PRO C 195 -14.25 -3.11 -0.91
C PRO C 195 -13.63 -4.20 -1.76
N THR C 196 -14.37 -4.72 -2.74
CA THR C 196 -13.81 -5.70 -3.66
C THR C 196 -12.70 -5.08 -4.50
N GLN C 197 -12.87 -3.82 -4.92
CA GLN C 197 -11.82 -3.13 -5.64
C GLN C 197 -10.55 -3.05 -4.81
N SER C 198 -10.69 -2.67 -3.54
CA SER C 198 -9.52 -2.56 -2.68
C SER C 198 -8.84 -3.92 -2.48
N SER C 199 -9.62 -4.96 -2.23
CA SER C 199 -8.99 -6.26 -1.94
C SER C 199 -8.32 -6.84 -3.17
N VAL C 200 -8.90 -6.65 -4.35
CA VAL C 200 -8.25 -7.14 -5.57
C VAL C 200 -7.01 -6.31 -5.87
N ARG C 201 -7.00 -5.04 -5.49
CA ARG C 201 -5.77 -4.26 -5.62
C ARG C 201 -4.65 -4.81 -4.75
N GLU C 202 -4.95 -5.13 -3.48
CA GLU C 202 -3.95 -5.76 -2.64
C GLU C 202 -3.50 -7.11 -3.19
N LEU C 203 -4.43 -7.89 -3.72
CA LEU C 203 -4.08 -9.19 -4.27
C LEU C 203 -3.14 -9.06 -5.46
N ARG C 204 -3.45 -8.14 -6.38
CA ARG C 204 -2.56 -7.89 -7.51
C ARG C 204 -1.20 -7.40 -7.06
N GLY C 205 -1.16 -6.52 -6.05
CA GLY C 205 0.12 -6.08 -5.52
C GLY C 205 0.97 -7.22 -5.01
N CYS C 206 0.36 -8.14 -4.26
CA CYS C 206 1.11 -9.29 -3.76
C CYS C 206 1.56 -10.26 -4.85
N GLY C 207 1.05 -10.14 -6.08
CA GLY C 207 1.58 -10.89 -7.20
C GLY C 207 0.61 -11.85 -7.85
N LEU C 208 -0.61 -11.98 -7.38
CA LEU C 208 -1.58 -12.93 -7.92
C LEU C 208 -2.69 -12.20 -8.64
N SER C 209 -3.24 -12.84 -9.66
CA SER C 209 -4.29 -12.25 -10.49
C SER C 209 -5.48 -13.19 -10.56
N PRO C 210 -6.67 -12.76 -10.19
CA PRO C 210 -7.82 -13.68 -10.18
C PRO C 210 -8.27 -14.08 -11.56
N ASP C 211 -8.80 -15.30 -11.65
CA ASP C 211 -9.45 -15.79 -12.85
C ASP C 211 -10.96 -15.83 -12.72
N LEU C 212 -11.47 -16.05 -11.51
CA LEU C 212 -12.88 -15.95 -11.21
C LEU C 212 -13.06 -15.03 -10.01
N ILE C 213 -14.15 -14.28 -10.00
CA ILE C 213 -14.57 -13.51 -8.84
C ILE C 213 -15.90 -14.06 -8.39
N VAL C 214 -15.98 -14.46 -7.12
CA VAL C 214 -17.21 -14.96 -6.54
C VAL C 214 -17.69 -13.94 -5.53
N CYS C 215 -18.80 -13.29 -5.84
CA CYS C 215 -19.36 -12.26 -4.99
C CYS C 215 -20.33 -12.87 -3.98
N ARG C 216 -20.41 -12.26 -2.82
CA ARG C 216 -21.24 -12.74 -1.73
C ARG C 216 -22.22 -11.65 -1.32
N SER C 217 -23.50 -11.89 -1.57
CA SER C 217 -24.55 -10.93 -1.30
C SER C 217 -25.80 -11.70 -0.88
N GLU C 218 -26.87 -10.97 -0.55
CA GLU C 218 -28.08 -11.62 -0.06
C GLU C 218 -29.08 -11.92 -1.18
N LYS C 219 -29.25 -11.02 -2.13
CA LYS C 219 -29.97 -11.40 -3.34
C LYS C 219 -29.07 -11.20 -4.55
N PRO C 220 -29.48 -11.66 -5.73
CA PRO C 220 -28.61 -11.50 -6.91
C PRO C 220 -28.27 -10.05 -7.19
N ILE C 221 -27.11 -9.85 -7.78
CA ILE C 221 -26.65 -8.55 -8.23
C ILE C 221 -26.87 -8.47 -9.74
N GLY C 222 -27.08 -7.25 -10.23
CA GLY C 222 -27.41 -7.04 -11.62
C GLY C 222 -26.19 -7.11 -12.52
N LEU C 223 -26.40 -6.74 -13.78
CA LEU C 223 -25.32 -6.73 -14.75
C LEU C 223 -24.47 -5.47 -14.67
N GLU C 224 -24.97 -4.41 -14.05
CA GLU C 224 -24.16 -3.21 -13.91
C GLU C 224 -23.09 -3.40 -12.83
N VAL C 225 -23.46 -4.01 -11.70
CA VAL C 225 -22.47 -4.34 -10.67
C VAL C 225 -21.47 -5.33 -11.22
N LYS C 226 -21.94 -6.31 -11.97
CA LYS C 226 -21.08 -7.30 -12.58
C LYS C 226 -20.09 -6.67 -13.54
N GLU C 227 -20.54 -5.68 -14.31
CA GLU C 227 -19.66 -5.03 -15.27
C GLU C 227 -18.65 -4.13 -14.58
N LYS C 228 -19.05 -3.46 -13.50
CA LYS C 228 -18.09 -2.66 -12.73
C LYS C 228 -17.01 -3.54 -12.12
N ILE C 229 -17.40 -4.69 -11.57
CA ILE C 229 -16.41 -5.59 -10.99
C ILE C 229 -15.47 -6.14 -12.06
N SER C 230 -16.02 -6.55 -13.20
CA SER C 230 -15.14 -7.08 -14.24
C SER C 230 -14.23 -6.00 -14.80
N ASN C 231 -14.66 -4.74 -14.75
CA ASN C 231 -13.81 -3.66 -15.23
C ASN C 231 -12.65 -3.42 -14.27
N PHE C 232 -12.91 -3.40 -12.97
CA PHE C 232 -11.83 -3.11 -12.04
C PHE C 232 -10.96 -4.32 -11.71
N CYS C 233 -11.43 -5.53 -11.93
CA CYS C 233 -10.70 -6.73 -11.51
C CYS C 233 -10.13 -7.53 -12.68
N HIS C 234 -10.36 -7.10 -13.91
CA HIS C 234 -9.71 -7.65 -15.11
C HIS C 234 -10.18 -9.06 -15.42
N VAL C 235 -11.43 -9.38 -15.16
CA VAL C 235 -12.01 -10.66 -15.55
C VAL C 235 -13.11 -10.38 -16.57
N GLY C 236 -13.66 -11.44 -17.12
CA GLY C 236 -14.81 -11.31 -17.97
C GLY C 236 -16.06 -11.23 -17.13
N PRO C 237 -17.14 -10.66 -17.67
CA PRO C 237 -18.38 -10.56 -16.88
C PRO C 237 -19.04 -11.90 -16.61
N ASP C 238 -18.72 -12.94 -17.41
CA ASP C 238 -19.19 -14.28 -17.12
C ASP C 238 -18.37 -14.96 -16.04
N GLN C 239 -17.18 -14.45 -15.75
CA GLN C 239 -16.33 -14.94 -14.69
C GLN C 239 -16.58 -14.25 -13.37
N VAL C 240 -17.60 -13.41 -13.29
CA VAL C 240 -18.08 -12.87 -12.04
C VAL C 240 -19.28 -13.72 -11.65
N ILE C 241 -19.15 -14.46 -10.57
CA ILE C 241 -20.14 -15.45 -10.15
C ILE C 241 -20.82 -14.91 -8.89
N CYS C 242 -22.13 -14.78 -8.94
CA CYS C 242 -22.89 -14.31 -7.79
C CYS C 242 -23.47 -15.52 -7.06
N ILE C 243 -23.19 -15.60 -5.77
CA ILE C 243 -23.71 -16.65 -4.90
C ILE C 243 -24.46 -15.94 -3.77
N HIS C 244 -25.77 -15.93 -3.86
CA HIS C 244 -26.60 -15.33 -2.82
C HIS C 244 -26.94 -16.39 -1.78
N ASP C 245 -27.69 -16.00 -0.76
CA ASP C 245 -28.11 -16.93 0.28
C ASP C 245 -29.25 -17.79 -0.26
N LEU C 246 -29.00 -19.09 -0.39
CA LEU C 246 -29.94 -20.02 -0.99
C LEU C 246 -30.64 -20.82 0.11
N ASN C 247 -31.41 -21.82 -0.31
CA ASN C 247 -32.14 -22.66 0.63
C ASN C 247 -31.20 -23.45 1.52
N SER C 248 -30.38 -24.30 0.91
CA SER C 248 -29.44 -25.15 1.62
C SER C 248 -28.05 -24.96 1.03
N ILE C 249 -27.09 -25.69 1.59
CA ILE C 249 -25.74 -25.71 1.01
C ILE C 249 -25.66 -26.62 -0.20
N TYR C 250 -26.66 -27.47 -0.41
CA TYR C 250 -26.65 -28.36 -1.57
C TYR C 250 -27.08 -27.68 -2.84
N HIS C 251 -27.45 -26.40 -2.79
CA HIS C 251 -27.81 -25.62 -3.96
C HIS C 251 -26.66 -24.83 -4.53
N VAL C 252 -25.50 -24.84 -3.88
CA VAL C 252 -24.37 -24.04 -4.31
C VAL C 252 -23.66 -24.68 -5.50
N PRO C 253 -23.43 -25.99 -5.54
CA PRO C 253 -22.89 -26.57 -6.77
C PRO C 253 -23.82 -26.47 -7.94
N LEU C 254 -25.14 -26.50 -7.71
CA LEU C 254 -26.09 -26.34 -8.82
C LEU C 254 -26.09 -24.91 -9.34
N LEU C 255 -25.99 -23.93 -8.44
CA LEU C 255 -25.88 -22.54 -8.86
C LEU C 255 -24.56 -22.25 -9.54
N MET C 256 -23.50 -22.99 -9.19
CA MET C 256 -22.24 -22.83 -9.90
C MET C 256 -22.30 -23.44 -11.28
N GLU C 257 -22.96 -24.58 -11.42
CA GLU C 257 -23.13 -25.17 -12.74
C GLU C 257 -24.10 -24.37 -13.61
N GLN C 258 -24.98 -23.58 -13.01
CA GLN C 258 -25.87 -22.74 -13.80
C GLN C 258 -25.15 -21.53 -14.37
N ASN C 259 -24.10 -21.07 -13.71
CA ASN C 259 -23.31 -19.94 -14.19
C ASN C 259 -22.20 -20.36 -15.13
N GLY C 260 -22.20 -21.61 -15.58
CA GLY C 260 -21.22 -22.05 -16.57
C GLY C 260 -19.80 -22.08 -16.07
N VAL C 261 -19.58 -22.52 -14.84
CA VAL C 261 -18.22 -22.61 -14.31
C VAL C 261 -17.47 -23.76 -14.94
N ILE C 262 -18.17 -24.85 -15.27
CA ILE C 262 -17.50 -26.05 -15.79
C ILE C 262 -16.87 -25.76 -17.14
N GLU C 263 -17.55 -25.01 -17.99
CA GLU C 263 -16.98 -24.72 -19.31
C GLU C 263 -15.77 -23.82 -19.20
N TYR C 264 -15.82 -22.81 -18.32
CA TYR C 264 -14.67 -21.95 -18.14
C TYR C 264 -13.48 -22.73 -17.60
N LEU C 265 -13.70 -23.63 -16.64
CA LEU C 265 -12.58 -24.39 -16.12
C LEU C 265 -12.08 -25.42 -17.13
N ASN C 266 -12.97 -25.94 -17.96
CA ASN C 266 -12.57 -26.89 -18.99
C ASN C 266 -11.71 -26.23 -20.05
N GLU C 267 -11.93 -24.95 -20.32
CA GLU C 267 -11.07 -24.28 -21.30
C GLU C 267 -9.83 -23.66 -20.66
N ARG C 268 -9.93 -23.21 -19.41
CA ARG C 268 -8.83 -22.47 -18.77
C ARG C 268 -7.76 -23.39 -18.23
N LEU C 269 -8.16 -24.50 -17.63
CA LEU C 269 -7.22 -25.50 -17.14
C LEU C 269 -6.96 -26.58 -18.17
N GLN C 270 -7.62 -26.52 -19.31
CA GLN C 270 -7.40 -27.43 -20.43
C GLN C 270 -7.63 -28.89 -20.04
N LEU C 271 -8.56 -29.11 -19.11
CA LEU C 271 -9.10 -30.45 -18.93
C LEU C 271 -9.75 -30.90 -20.24
N ASN C 272 -9.99 -32.20 -20.36
CA ASN C 272 -10.59 -32.65 -21.60
C ASN C 272 -11.89 -33.39 -21.34
N ILE C 273 -12.74 -32.83 -20.48
CA ILE C 273 -14.06 -33.39 -20.25
C ILE C 273 -14.83 -33.38 -21.57
N ASP C 274 -15.50 -34.49 -21.87
CA ASP C 274 -16.35 -34.59 -23.05
C ASP C 274 -17.74 -34.12 -22.67
N MET C 275 -18.01 -32.84 -22.92
CA MET C 275 -19.25 -32.22 -22.44
C MET C 275 -20.42 -32.68 -23.30
N SER C 276 -20.81 -33.93 -23.07
CA SER C 276 -21.93 -34.52 -23.80
C SER C 276 -22.96 -35.17 -22.90
N LYS C 277 -22.54 -35.90 -21.87
CA LYS C 277 -23.47 -36.61 -21.00
C LYS C 277 -24.13 -35.58 -20.09
N ARG C 278 -25.20 -34.97 -20.62
CA ARG C 278 -26.00 -33.98 -19.88
C ARG C 278 -25.13 -32.86 -19.33
N THR C 279 -23.97 -32.65 -19.92
CA THR C 279 -22.90 -31.86 -19.32
C THR C 279 -22.62 -32.40 -17.91
N LYS C 280 -22.29 -33.69 -17.87
CA LYS C 280 -21.73 -34.34 -16.68
C LYS C 280 -22.70 -34.27 -15.50
N CYS C 281 -23.76 -35.07 -15.63
CA CYS C 281 -24.95 -35.06 -14.78
C CYS C 281 -24.64 -34.92 -13.30
N LEU C 282 -25.18 -33.87 -12.71
CA LEU C 282 -25.31 -33.76 -11.26
C LEU C 282 -26.72 -34.17 -10.85
N GLN C 283 -27.10 -35.37 -11.28
CA GLN C 283 -28.50 -35.79 -11.20
C GLN C 283 -28.96 -36.10 -9.78
N GLN C 284 -28.25 -36.98 -9.06
CA GLN C 284 -28.67 -37.29 -7.71
C GLN C 284 -28.42 -36.12 -6.75
N TRP C 285 -27.50 -35.23 -7.06
CA TRP C 285 -27.42 -34.00 -6.28
C TRP C 285 -28.63 -33.13 -6.51
N ARG C 286 -29.17 -33.13 -7.73
CA ARG C 286 -30.42 -32.43 -8.00
C ARG C 286 -31.56 -33.04 -7.20
N ASP C 287 -31.63 -34.37 -7.16
CA ASP C 287 -32.66 -35.04 -6.37
C ASP C 287 -32.55 -34.65 -4.89
N LEU C 288 -31.35 -34.67 -4.35
CA LEU C 288 -31.17 -34.35 -2.93
C LEU C 288 -31.53 -32.90 -2.64
N ALA C 289 -31.09 -31.97 -3.48
CA ALA C 289 -31.41 -30.56 -3.27
C ALA C 289 -32.89 -30.30 -3.45
N ARG C 290 -33.57 -31.11 -4.27
CA ARG C 290 -35.02 -30.97 -4.38
C ARG C 290 -35.71 -31.49 -3.14
N ARG C 291 -35.27 -32.64 -2.62
CA ARG C 291 -35.85 -33.16 -1.39
C ARG C 291 -35.67 -32.20 -0.22
N THR C 292 -34.59 -31.41 -0.24
CA THR C 292 -34.38 -30.49 0.86
C THR C 292 -35.49 -29.45 0.98
N GLU C 293 -36.16 -29.12 -0.13
CA GLU C 293 -37.21 -28.11 -0.11
C GLU C 293 -38.60 -28.72 -0.32
N THR C 294 -38.73 -30.02 -0.15
CA THR C 294 -39.97 -30.75 -0.37
C THR C 294 -40.51 -31.44 0.87
N VAL C 295 -39.64 -31.92 1.76
CA VAL C 295 -40.06 -32.69 2.91
C VAL C 295 -40.99 -31.86 3.78
N ARG C 296 -42.03 -32.50 4.32
CA ARG C 296 -43.04 -31.84 5.12
C ARG C 296 -43.23 -32.44 6.50
N ARG C 297 -43.26 -33.76 6.61
CA ARG C 297 -43.55 -34.40 7.89
C ARG C 297 -42.36 -34.24 8.85
N GLU C 298 -42.65 -33.89 10.09
CA GLU C 298 -41.62 -33.51 11.04
C GLU C 298 -41.21 -34.70 11.90
N VAL C 299 -39.95 -34.69 12.31
CA VAL C 299 -39.43 -35.58 13.33
C VAL C 299 -38.59 -34.75 14.28
N CYS C 300 -38.84 -34.87 15.57
CA CYS C 300 -38.18 -34.06 16.59
C CYS C 300 -37.22 -34.92 17.39
N ILE C 301 -35.96 -34.51 17.42
CA ILE C 301 -34.91 -35.25 18.10
C ILE C 301 -34.27 -34.32 19.13
N ALA C 302 -33.95 -34.87 20.29
CA ALA C 302 -33.33 -34.12 21.36
C ALA C 302 -31.83 -34.41 21.40
N VAL C 303 -31.05 -33.36 21.68
CA VAL C 303 -29.59 -33.46 21.77
C VAL C 303 -29.18 -32.94 23.13
N VAL C 304 -28.83 -33.86 24.04
CA VAL C 304 -28.44 -33.51 25.39
C VAL C 304 -26.98 -33.12 25.36
N GLY C 305 -26.70 -31.84 25.22
CA GLY C 305 -25.36 -31.36 24.97
C GLY C 305 -24.88 -30.34 25.97
N LYS C 306 -23.64 -30.50 26.41
CA LYS C 306 -23.02 -29.63 27.40
C LYS C 306 -22.95 -28.19 26.92
N TYR C 307 -22.21 -27.94 25.85
CA TYR C 307 -22.03 -26.59 25.32
C TYR C 307 -23.18 -26.32 24.37
N THR C 308 -24.31 -25.86 24.93
CA THR C 308 -25.52 -25.70 24.13
C THR C 308 -25.32 -24.73 22.97
N LYS C 309 -24.38 -23.80 23.10
CA LYS C 309 -23.99 -22.97 21.98
C LYS C 309 -23.56 -23.85 20.80
N PHE C 310 -23.89 -23.40 19.60
CA PHE C 310 -23.68 -24.21 18.40
C PHE C 310 -22.80 -23.48 17.41
N THR C 311 -21.68 -22.96 17.89
CA THR C 311 -20.65 -22.46 16.98
C THR C 311 -19.94 -23.65 16.35
N ASP C 312 -20.70 -24.49 15.64
CA ASP C 312 -20.20 -25.70 15.02
C ASP C 312 -19.60 -26.65 16.05
N SER C 313 -20.26 -26.77 17.21
CA SER C 313 -19.78 -27.66 18.25
C SER C 313 -20.40 -29.04 18.20
N TYR C 314 -21.42 -29.25 17.36
CA TYR C 314 -21.98 -30.57 17.10
C TYR C 314 -22.22 -30.72 15.61
N ALA C 315 -21.28 -30.29 14.79
CA ALA C 315 -21.51 -30.14 13.36
C ALA C 315 -21.73 -31.49 12.68
N SER C 316 -20.79 -32.41 12.85
CA SER C 316 -20.93 -33.72 12.22
C SER C 316 -22.15 -34.47 12.73
N VAL C 317 -22.51 -34.28 14.00
CA VAL C 317 -23.68 -34.94 14.58
C VAL C 317 -24.96 -34.41 13.93
N VAL C 318 -25.12 -33.09 13.90
CA VAL C 318 -26.29 -32.48 13.29
C VAL C 318 -26.39 -32.87 11.83
N LYS C 319 -25.26 -32.96 11.14
CA LYS C 319 -25.31 -33.27 9.72
C LYS C 319 -25.62 -34.74 9.48
N ALA C 320 -25.16 -35.63 10.36
CA ALA C 320 -25.59 -37.02 10.24
C ALA C 320 -27.09 -37.15 10.44
N LEU C 321 -27.63 -36.38 11.37
CA LEU C 321 -29.08 -36.39 11.58
C LEU C 321 -29.82 -35.86 10.36
N GLN C 322 -29.29 -34.82 9.72
CA GLN C 322 -29.93 -34.29 8.52
C GLN C 322 -29.87 -35.27 7.36
N HIS C 323 -28.70 -35.87 7.12
CA HIS C 323 -28.59 -36.86 6.05
C HIS C 323 -29.49 -38.04 6.29
N ALA C 324 -29.72 -38.41 7.56
CA ALA C 324 -30.63 -39.51 7.85
C ALA C 324 -32.06 -39.11 7.59
N ALA C 325 -32.47 -37.93 8.06
CA ALA C 325 -33.85 -37.50 7.90
C ALA C 325 -34.22 -37.28 6.44
N LEU C 326 -33.29 -36.81 5.61
CA LEU C 326 -33.63 -36.55 4.21
C LEU C 326 -33.90 -37.84 3.45
N ALA C 327 -33.13 -38.90 3.73
CA ALA C 327 -33.39 -40.18 3.08
C ALA C 327 -34.66 -40.84 3.61
N VAL C 328 -35.05 -40.53 4.85
CA VAL C 328 -36.33 -40.99 5.39
C VAL C 328 -37.49 -40.15 4.89
N ASN C 329 -37.20 -39.05 4.19
CA ASN C 329 -38.20 -38.18 3.60
C ASN C 329 -39.01 -37.46 4.68
N ARG C 330 -38.31 -36.90 5.66
CA ARG C 330 -38.96 -36.17 6.72
C ARG C 330 -38.13 -34.96 7.13
N LYS C 331 -38.81 -33.96 7.68
CA LYS C 331 -38.17 -32.75 8.13
C LYS C 331 -37.68 -32.93 9.56
N LEU C 332 -36.47 -32.45 9.83
CA LEU C 332 -35.81 -32.64 11.11
C LEU C 332 -35.91 -31.36 11.93
N GLU C 333 -36.46 -31.48 13.14
CA GLU C 333 -36.50 -30.39 14.09
C GLU C 333 -35.63 -30.79 15.28
N LEU C 334 -34.57 -30.01 15.51
CA LEU C 334 -33.55 -30.37 16.48
C LEU C 334 -33.68 -29.51 17.72
N VAL C 335 -33.73 -30.16 18.88
CA VAL C 335 -33.82 -29.49 20.18
C VAL C 335 -32.51 -29.66 20.90
N PHE C 336 -31.97 -28.57 21.41
CA PHE C 336 -30.72 -28.58 22.17
C PHE C 336 -31.05 -28.40 23.65
N ILE C 337 -30.73 -29.41 24.44
CA ILE C 337 -31.06 -29.46 25.86
C ILE C 337 -29.78 -29.46 26.65
N GLU C 338 -29.58 -28.43 27.47
CA GLU C 338 -28.41 -28.37 28.34
C GLU C 338 -28.43 -29.55 29.30
N SER C 339 -27.29 -30.22 29.44
CA SER C 339 -27.23 -31.39 30.30
C SER C 339 -27.13 -31.03 31.76
N CYS C 340 -26.55 -29.86 32.08
CA CYS C 340 -26.45 -29.43 33.46
C CYS C 340 -27.76 -28.87 33.99
N LEU C 341 -28.69 -28.50 33.12
CA LEU C 341 -30.01 -28.05 33.53
C LEU C 341 -30.98 -29.20 33.79
N LEU C 342 -30.47 -30.43 33.87
CA LEU C 342 -31.30 -31.59 34.17
C LEU C 342 -31.09 -32.13 35.58
N GLU C 343 -29.93 -31.90 36.18
CA GLU C 343 -29.72 -32.30 37.56
C GLU C 343 -30.52 -31.41 38.49
N GLU C 344 -31.07 -31.99 39.54
CA GLU C 344 -31.92 -31.25 40.46
C GLU C 344 -31.15 -30.21 41.28
N GLU C 345 -29.87 -29.97 41.04
CA GLU C 345 -29.21 -28.82 41.66
C GLU C 345 -29.83 -27.52 41.15
N THR C 346 -30.13 -27.45 39.85
CA THR C 346 -30.85 -26.30 39.33
C THR C 346 -32.27 -26.25 39.89
N LEU C 347 -32.88 -27.41 40.11
CA LEU C 347 -34.17 -27.48 40.79
C LEU C 347 -34.09 -26.80 42.16
N HIS C 348 -33.01 -27.07 42.90
CA HIS C 348 -32.82 -26.40 44.17
C HIS C 348 -32.60 -24.91 43.98
N SER C 349 -31.92 -24.52 42.89
CA SER C 349 -31.63 -23.11 42.69
C SER C 349 -32.83 -22.36 42.12
N GLU C 350 -33.29 -22.74 40.93
CA GLU C 350 -34.54 -22.22 40.38
C GLU C 350 -35.21 -23.27 39.52
N PRO C 351 -36.42 -23.69 39.89
CA PRO C 351 -37.09 -24.79 39.19
C PRO C 351 -37.68 -24.44 37.83
N SER C 352 -37.73 -23.17 37.45
CA SER C 352 -38.38 -22.78 36.20
C SER C 352 -37.65 -23.35 34.99
N LYS C 353 -36.37 -23.02 34.84
CA LYS C 353 -35.61 -23.52 33.70
C LYS C 353 -35.45 -25.03 33.77
N TYR C 354 -35.30 -25.57 34.98
CA TYR C 354 -35.28 -27.03 35.14
C TYR C 354 -36.51 -27.66 34.51
N HIS C 355 -37.68 -27.14 34.87
CA HIS C 355 -38.92 -27.73 34.40
C HIS C 355 -39.11 -27.54 32.90
N LYS C 356 -38.75 -26.39 32.37
CA LYS C 356 -38.95 -26.19 30.93
C LYS C 356 -38.00 -27.06 30.11
N GLU C 357 -36.75 -27.20 30.56
CA GLU C 357 -35.84 -28.13 29.89
C GLU C 357 -36.33 -29.56 29.96
N TRP C 358 -36.85 -29.96 31.13
CA TRP C 358 -37.35 -31.33 31.22
C TRP C 358 -38.58 -31.55 30.36
N GLN C 359 -39.40 -30.51 30.16
CA GLN C 359 -40.56 -30.65 29.30
C GLN C 359 -40.14 -30.74 27.83
N LYS C 360 -39.14 -29.95 27.43
CA LYS C 360 -38.59 -30.07 26.08
C LYS C 360 -38.02 -31.46 25.84
N LEU C 361 -37.34 -32.02 26.83
CA LEU C 361 -36.85 -33.39 26.69
C LEU C 361 -38.00 -34.39 26.66
N CYS C 362 -39.10 -34.09 27.34
CA CYS C 362 -40.20 -35.03 27.42
C CYS C 362 -41.04 -35.08 26.15
N ASP C 363 -41.20 -33.96 25.46
CA ASP C 363 -42.06 -33.92 24.28
C ASP C 363 -41.32 -34.27 22.99
N SER C 364 -40.22 -35.01 23.06
CA SER C 364 -39.42 -35.37 21.89
C SER C 364 -39.69 -36.81 21.48
N HIS C 365 -39.38 -37.12 20.22
CA HIS C 365 -39.60 -38.45 19.69
C HIS C 365 -38.39 -39.34 19.80
N GLY C 366 -37.20 -38.78 19.99
CA GLY C 366 -35.99 -39.56 20.11
C GLY C 366 -34.92 -38.76 20.80
N ILE C 367 -33.96 -39.47 21.39
CA ILE C 367 -32.90 -38.85 22.17
C ILE C 367 -31.56 -39.22 21.57
N LEU C 368 -30.66 -38.25 21.52
CA LEU C 368 -29.30 -38.44 21.05
C LEU C 368 -28.35 -37.80 22.05
N VAL C 369 -27.56 -38.62 22.74
CA VAL C 369 -26.54 -38.13 23.66
C VAL C 369 -25.20 -38.14 22.92
N PRO C 370 -24.62 -36.99 22.63
CA PRO C 370 -23.33 -36.96 21.93
C PRO C 370 -22.16 -37.11 22.89
N GLY C 371 -20.98 -37.27 22.30
CA GLY C 371 -19.79 -37.52 23.08
C GLY C 371 -18.98 -36.27 23.40
N GLY C 372 -19.16 -35.75 24.61
CA GLY C 372 -18.38 -34.62 25.07
C GLY C 372 -17.06 -35.08 25.65
N PHE C 373 -15.97 -34.50 25.16
CA PHE C 373 -14.64 -34.83 25.66
C PHE C 373 -14.47 -34.18 27.03
N GLY C 374 -15.01 -34.85 28.04
CA GLY C 374 -14.97 -34.34 29.40
C GLY C 374 -15.98 -35.08 30.26
N SER C 375 -16.22 -34.53 31.44
CA SER C 375 -17.19 -35.07 32.38
C SER C 375 -18.18 -34.03 32.88
N ARG C 376 -18.18 -32.84 32.27
CA ARG C 376 -19.06 -31.77 32.72
C ARG C 376 -20.48 -32.02 32.21
N GLY C 377 -21.44 -32.07 33.12
CA GLY C 377 -22.81 -32.31 32.74
C GLY C 377 -23.17 -33.76 32.54
N MET C 378 -22.29 -34.69 32.90
CA MET C 378 -22.59 -36.11 32.69
C MET C 378 -23.79 -36.56 33.52
N GLU C 379 -24.07 -35.88 34.64
CA GLU C 379 -25.22 -36.25 35.46
C GLU C 379 -26.52 -36.11 34.68
N GLY C 380 -26.68 -35.01 33.94
CA GLY C 380 -27.84 -34.87 33.09
C GLY C 380 -27.92 -35.97 32.04
N LYS C 381 -26.77 -36.40 31.54
CA LYS C 381 -26.76 -37.48 30.56
C LYS C 381 -27.26 -38.77 31.19
N ILE C 382 -26.87 -39.05 32.44
CA ILE C 382 -27.38 -40.24 33.10
C ILE C 382 -28.88 -40.13 33.31
N ARG C 383 -29.35 -38.96 33.73
CA ARG C 383 -30.79 -38.78 33.94
C ARG C 383 -31.57 -38.97 32.65
N ALA C 384 -31.03 -38.46 31.53
CA ALA C 384 -31.73 -38.59 30.26
C ALA C 384 -31.73 -40.03 29.77
N CYS C 385 -30.60 -40.73 29.89
CA CYS C 385 -30.58 -42.15 29.54
C CYS C 385 -31.56 -42.94 30.38
N GLN C 386 -31.68 -42.62 31.66
CA GLN C 386 -32.63 -43.32 32.52
C GLN C 386 -34.06 -43.05 32.10
N TRP C 387 -34.39 -41.77 31.89
CA TRP C 387 -35.74 -41.41 31.46
C TRP C 387 -36.11 -42.13 30.17
N ALA C 388 -35.20 -42.15 29.21
CA ALA C 388 -35.48 -42.83 27.95
C ALA C 388 -35.56 -44.34 28.14
N ARG C 389 -34.87 -44.88 29.14
CA ARG C 389 -34.91 -46.33 29.34
C ARG C 389 -36.23 -46.76 29.96
N GLU C 390 -36.78 -45.95 30.86
CA GLU C 390 -38.03 -46.31 31.55
C GLU C 390 -39.26 -45.69 30.89
N ASN C 391 -39.15 -45.22 29.65
CA ASN C 391 -40.29 -44.69 28.93
C ASN C 391 -40.42 -45.24 27.52
N GLN C 392 -39.56 -46.18 27.12
CA GLN C 392 -39.59 -46.78 25.79
C GLN C 392 -39.42 -45.74 24.69
N LYS C 393 -38.52 -44.79 24.91
CA LYS C 393 -38.20 -43.77 23.92
C LYS C 393 -36.90 -44.11 23.22
N PRO C 394 -36.82 -44.02 21.89
CA PRO C 394 -35.61 -44.46 21.19
C PRO C 394 -34.42 -43.56 21.48
N LEU C 395 -33.25 -44.17 21.64
CA LEU C 395 -32.05 -43.47 22.05
C LEU C 395 -30.83 -44.04 21.33
N LEU C 396 -29.90 -43.15 20.99
CA LEU C 396 -28.60 -43.51 20.44
C LEU C 396 -27.53 -42.73 21.20
N GLY C 397 -26.51 -43.43 21.69
CA GLY C 397 -25.43 -42.81 22.43
C GLY C 397 -24.11 -42.94 21.69
N ILE C 398 -23.28 -41.91 21.79
CA ILE C 398 -22.10 -41.75 20.93
C ILE C 398 -20.88 -41.52 21.82
N CYS C 399 -20.14 -42.58 22.11
CA CYS C 399 -18.78 -42.56 22.67
C CYS C 399 -18.76 -42.11 24.13
N LEU C 400 -19.85 -41.53 24.57
CA LEU C 400 -20.08 -41.24 25.98
C LEU C 400 -21.49 -41.61 26.42
N GLY C 401 -22.46 -41.60 25.51
CA GLY C 401 -23.73 -42.23 25.78
C GLY C 401 -23.61 -43.72 26.02
N LEU C 402 -22.53 -44.35 25.56
CA LEU C 402 -22.29 -45.73 25.93
C LEU C 402 -21.91 -45.83 27.40
N GLN C 403 -20.96 -45.02 27.84
CA GLN C 403 -20.59 -45.01 29.25
C GLN C 403 -21.77 -44.60 30.12
N ALA C 404 -22.48 -43.53 29.74
CA ALA C 404 -23.62 -43.09 30.53
C ALA C 404 -24.72 -44.15 30.56
N ALA C 405 -24.94 -44.82 29.43
CA ALA C 405 -25.98 -45.84 29.37
C ALA C 405 -25.63 -47.01 30.28
N VAL C 406 -24.39 -47.50 30.22
CA VAL C 406 -24.03 -48.64 31.07
C VAL C 406 -24.01 -48.22 32.53
N ILE C 407 -23.66 -46.97 32.82
CA ILE C 407 -23.65 -46.50 34.20
C ILE C 407 -25.06 -46.47 34.76
N GLU C 408 -26.01 -45.86 34.03
CA GLU C 408 -27.37 -45.83 34.54
C GLU C 408 -27.99 -47.22 34.58
N PHE C 409 -27.62 -48.09 33.65
CA PHE C 409 -28.12 -49.47 33.67
C PHE C 409 -27.68 -50.17 34.95
N ALA C 410 -26.37 -50.17 35.22
CA ALA C 410 -25.89 -50.74 36.48
C ALA C 410 -26.61 -50.11 37.66
N ARG C 411 -26.54 -48.78 37.78
CA ARG C 411 -27.11 -48.07 38.91
C ARG C 411 -28.54 -48.51 39.19
N ASN C 412 -29.45 -48.30 38.24
CA ASN C 412 -30.87 -48.45 38.49
C ASN C 412 -31.44 -49.75 37.95
N LYS C 413 -30.62 -50.74 37.68
CA LYS C 413 -31.16 -52.06 37.38
C LYS C 413 -30.40 -53.21 38.02
N LEU C 414 -29.18 -53.01 38.53
CA LEU C 414 -28.43 -54.08 39.17
C LEU C 414 -27.99 -53.73 40.58
N GLY C 415 -28.45 -52.59 41.12
CA GLY C 415 -28.24 -52.28 42.52
C GLY C 415 -26.90 -51.68 42.88
N LEU C 416 -25.98 -51.53 41.93
CA LEU C 416 -24.67 -50.95 42.20
C LEU C 416 -24.79 -49.43 42.23
N LYS C 417 -25.48 -48.94 43.26
CA LYS C 417 -25.86 -47.53 43.35
C LYS C 417 -24.67 -46.59 43.45
N ASP C 418 -23.45 -47.11 43.60
CA ASP C 418 -22.25 -46.28 43.64
C ASP C 418 -21.38 -46.44 42.40
N ALA C 419 -21.97 -46.92 41.31
CA ALA C 419 -21.22 -47.08 40.07
C ALA C 419 -20.96 -45.72 39.43
N ASN C 420 -19.73 -45.51 39.00
CA ASN C 420 -19.33 -44.25 38.38
C ASN C 420 -18.09 -44.50 37.54
N THR C 421 -17.43 -43.42 37.15
CA THR C 421 -16.27 -43.48 36.27
C THR C 421 -14.98 -43.36 37.08
N THR C 422 -13.87 -43.53 36.38
CA THR C 422 -12.59 -43.01 36.82
C THR C 422 -12.24 -41.71 36.11
N GLU C 423 -13.04 -41.31 35.11
CA GLU C 423 -12.95 -39.96 34.57
C GLU C 423 -12.98 -38.94 35.70
N ILE C 424 -14.07 -38.93 36.46
CA ILE C 424 -14.16 -38.22 37.72
C ILE C 424 -14.54 -39.23 38.79
N ASP C 425 -14.35 -38.84 40.03
CA ASP C 425 -14.53 -39.71 41.19
C ASP C 425 -13.68 -40.95 40.97
N PRO C 426 -12.35 -40.82 41.00
CA PRO C 426 -11.48 -42.00 40.83
C PRO C 426 -11.44 -42.90 42.04
N ASN C 427 -12.07 -42.49 43.14
CA ASN C 427 -12.14 -43.28 44.36
C ASN C 427 -13.51 -43.94 44.41
N THR C 428 -13.61 -45.13 43.83
CA THR C 428 -14.87 -45.86 43.78
C THR C 428 -14.57 -47.35 43.77
N ALA C 429 -15.28 -48.10 44.62
CA ALA C 429 -15.14 -49.55 44.62
C ALA C 429 -15.66 -50.15 43.33
N ASN C 430 -16.78 -49.65 42.84
CA ASN C 430 -17.42 -50.18 41.63
C ASN C 430 -17.07 -49.28 40.45
N ALA C 431 -15.87 -49.48 39.90
CA ALA C 431 -15.43 -48.75 38.72
C ALA C 431 -16.05 -49.43 37.50
N LEU C 432 -17.18 -48.89 37.03
CA LEU C 432 -17.87 -49.51 35.89
C LEU C 432 -17.11 -49.27 34.60
N VAL C 433 -16.51 -48.09 34.45
CA VAL C 433 -15.66 -47.80 33.31
C VAL C 433 -14.22 -47.69 33.79
N ILE C 434 -13.31 -48.27 33.02
CA ILE C 434 -11.90 -48.30 33.37
C ILE C 434 -11.12 -47.65 32.24
N ASP C 435 -9.79 -47.68 32.33
CA ASP C 435 -8.93 -47.06 31.33
C ASP C 435 -8.01 -48.15 30.77
N MET C 436 -8.30 -48.60 29.55
CA MET C 436 -7.53 -49.64 28.87
C MET C 436 -6.86 -49.02 27.65
N PRO C 437 -5.71 -48.38 27.81
CA PRO C 437 -5.09 -47.67 26.70
C PRO C 437 -4.54 -48.63 25.65
N GLU C 438 -4.17 -48.05 24.51
CA GLU C 438 -3.58 -48.82 23.43
C GLU C 438 -2.10 -49.00 23.64
N HIS C 439 -1.61 -50.22 23.41
CA HIS C 439 -0.19 -50.55 23.53
C HIS C 439 0.26 -51.16 22.21
N HIS C 440 0.64 -50.31 21.27
CA HIS C 440 1.21 -50.74 20.00
C HIS C 440 2.71 -50.51 20.00
N THR C 441 3.44 -51.41 19.34
CA THR C 441 4.89 -51.31 19.30
C THR C 441 5.30 -50.00 18.63
N GLY C 442 6.00 -49.17 19.39
CA GLY C 442 6.30 -47.81 18.97
C GLY C 442 5.75 -46.83 19.97
N GLN C 443 5.35 -47.35 21.13
CA GLN C 443 4.79 -46.57 22.22
C GLN C 443 5.60 -46.82 23.47
N LEU C 444 5.81 -45.76 24.26
CA LEU C 444 6.30 -45.87 25.63
C LEU C 444 5.22 -45.28 26.52
N GLY C 445 4.34 -46.14 27.02
CA GLY C 445 3.16 -45.72 27.75
C GLY C 445 1.90 -46.14 27.04
N GLY C 446 0.89 -45.27 26.98
CA GLY C 446 -0.35 -45.59 26.30
C GLY C 446 -1.07 -44.37 25.76
N THR C 447 -1.76 -44.53 24.64
CA THR C 447 -2.50 -43.45 24.02
C THR C 447 -3.88 -43.95 23.61
N MET C 448 -4.71 -43.02 23.12
CA MET C 448 -6.08 -43.35 22.79
C MET C 448 -6.16 -44.34 21.64
N ARG C 449 -7.34 -44.93 21.49
CA ARG C 449 -7.68 -45.62 20.25
C ARG C 449 -8.13 -44.54 19.27
N LEU C 450 -7.32 -44.34 18.23
CA LEU C 450 -7.45 -43.19 17.35
C LEU C 450 -7.40 -43.67 15.91
N GLY C 451 -8.47 -43.45 15.17
CA GLY C 451 -8.50 -43.75 13.76
C GLY C 451 -9.39 -44.93 13.43
N LYS C 452 -9.23 -45.42 12.22
CA LYS C 452 -10.09 -46.47 11.71
C LYS C 452 -9.70 -47.82 12.31
N ARG C 453 -10.68 -48.48 12.91
CA ARG C 453 -10.48 -49.80 13.51
C ARG C 453 -11.59 -50.74 13.05
N ILE C 454 -11.28 -52.03 13.04
CA ILE C 454 -12.22 -53.05 12.61
C ILE C 454 -13.06 -53.51 13.79
N THR C 455 -14.32 -53.85 13.51
CA THR C 455 -15.29 -54.27 14.52
C THR C 455 -16.05 -55.48 14.00
N VAL C 456 -16.13 -56.52 14.83
CA VAL C 456 -16.83 -57.74 14.46
C VAL C 456 -18.04 -57.93 15.35
N PHE C 457 -19.17 -58.29 14.75
CA PHE C 457 -20.41 -58.50 15.47
C PHE C 457 -20.43 -59.88 16.12
N SER C 458 -21.36 -60.06 17.05
CA SER C 458 -21.39 -61.26 17.88
C SER C 458 -22.30 -62.36 17.30
N ASP C 459 -23.59 -62.09 17.15
CA ASP C 459 -24.54 -63.15 16.86
C ASP C 459 -25.67 -62.60 15.99
N GLY C 460 -26.74 -63.38 15.89
CA GLY C 460 -27.82 -63.12 14.95
C GLY C 460 -28.82 -62.05 15.35
N PRO C 461 -29.50 -62.23 16.49
CA PRO C 461 -30.60 -61.33 16.84
C PRO C 461 -30.16 -59.94 17.27
N SER C 462 -29.95 -59.06 16.30
CA SER C 462 -29.65 -57.66 16.57
C SER C 462 -30.07 -56.82 15.37
N VAL C 463 -30.48 -55.58 15.63
CA VAL C 463 -30.94 -54.72 14.55
C VAL C 463 -29.77 -53.99 13.91
N ILE C 464 -28.73 -53.66 14.68
CA ILE C 464 -27.59 -52.92 14.13
C ILE C 464 -26.90 -53.74 13.05
N ARG C 465 -26.89 -55.05 13.18
CA ARG C 465 -26.36 -55.88 12.10
C ARG C 465 -27.22 -55.76 10.85
N GLN C 466 -28.52 -55.58 11.02
CA GLN C 466 -29.43 -55.45 9.88
C GLN C 466 -29.24 -54.11 9.17
N LEU C 467 -29.20 -53.03 9.93
CA LEU C 467 -29.04 -51.70 9.34
C LEU C 467 -27.71 -51.57 8.60
N TYR C 468 -26.71 -52.34 8.99
CA TYR C 468 -25.41 -52.32 8.34
C TYR C 468 -25.35 -53.22 7.12
N GLY C 469 -26.47 -53.78 6.67
CA GLY C 469 -26.46 -54.69 5.55
C GLY C 469 -25.99 -56.08 5.87
N ASN C 470 -26.10 -56.51 7.12
CA ASN C 470 -25.64 -57.81 7.57
C ASN C 470 -24.23 -58.17 7.10
N PRO C 471 -23.22 -57.36 7.46
CA PRO C 471 -21.84 -57.74 7.19
C PRO C 471 -21.22 -58.42 8.41
N LYS C 472 -20.05 -59.00 8.20
CA LYS C 472 -19.35 -59.62 9.31
C LYS C 472 -18.56 -58.61 10.11
N SER C 473 -18.08 -57.55 9.46
CA SER C 473 -17.28 -56.53 10.12
C SER C 473 -17.67 -55.15 9.61
N VAL C 474 -17.18 -54.13 10.29
CA VAL C 474 -17.42 -52.74 9.90
C VAL C 474 -16.27 -51.89 10.42
N GLN C 475 -15.73 -51.04 9.55
CA GLN C 475 -14.64 -50.15 9.91
C GLN C 475 -15.19 -48.79 10.28
N GLU C 476 -14.84 -48.30 11.47
CA GLU C 476 -15.35 -47.04 11.98
C GLU C 476 -14.19 -46.26 12.55
N ARG C 477 -14.48 -45.13 13.19
CA ARG C 477 -13.44 -44.23 13.69
C ARG C 477 -13.60 -44.01 15.18
N HIS C 478 -12.52 -44.23 15.92
CA HIS C 478 -12.52 -44.19 17.37
C HIS C 478 -11.68 -43.02 17.85
N ARG C 479 -12.14 -42.36 18.91
CA ARG C 479 -11.37 -41.34 19.60
C ARG C 479 -11.59 -41.40 21.10
N HIS C 480 -11.59 -42.61 21.66
CA HIS C 480 -11.89 -42.79 23.06
C HIS C 480 -10.67 -43.26 23.84
N ARG C 481 -10.78 -43.20 25.16
CA ARG C 481 -9.73 -43.68 26.05
C ARG C 481 -10.23 -44.70 27.05
N TYR C 482 -11.44 -44.53 27.58
CA TYR C 482 -11.98 -45.39 28.62
C TYR C 482 -12.93 -46.42 28.04
N GLU C 483 -12.94 -47.60 28.64
CA GLU C 483 -13.84 -48.68 28.24
C GLU C 483 -14.65 -49.16 29.43
N VAL C 484 -15.36 -50.27 29.27
CA VAL C 484 -16.08 -50.90 30.36
C VAL C 484 -15.32 -52.16 30.79
N ASN C 485 -15.56 -52.58 32.04
CA ASN C 485 -14.76 -53.64 32.65
C ASN C 485 -15.40 -55.00 32.39
N PRO C 486 -14.66 -55.97 31.86
CA PRO C 486 -15.29 -57.24 31.42
C PRO C 486 -16.01 -58.01 32.51
N LYS C 487 -15.54 -57.94 33.75
CA LYS C 487 -16.28 -58.53 34.87
C LYS C 487 -17.74 -58.08 34.78
N TYR C 488 -17.96 -56.77 34.71
CA TYR C 488 -19.32 -56.27 34.65
C TYR C 488 -19.97 -56.53 33.30
N VAL C 489 -19.21 -56.68 32.22
CA VAL C 489 -19.86 -56.93 30.93
C VAL C 489 -20.50 -58.32 30.94
N HIS C 490 -19.92 -59.26 31.67
CA HIS C 490 -20.67 -60.51 31.81
C HIS C 490 -21.58 -60.52 33.04
N LEU C 491 -21.40 -59.58 33.96
CA LEU C 491 -22.35 -59.42 35.05
C LEU C 491 -23.70 -58.97 34.51
N LEU C 492 -23.74 -57.80 33.89
CA LEU C 492 -24.99 -57.25 33.33
C LEU C 492 -25.19 -57.66 31.88
N GLU C 493 -25.09 -58.96 31.61
CA GLU C 493 -25.54 -59.51 30.34
C GLU C 493 -26.72 -60.45 30.50
N GLU C 494 -26.91 -61.01 31.69
CA GLU C 494 -28.09 -61.77 32.03
C GLU C 494 -29.33 -60.91 32.16
N GLN C 495 -29.15 -59.60 32.33
CA GLN C 495 -30.22 -58.71 32.74
C GLN C 495 -30.85 -57.94 31.58
N GLY C 496 -30.30 -58.06 30.38
CA GLY C 496 -30.93 -57.48 29.21
C GLY C 496 -30.02 -56.61 28.38
N MET C 497 -28.74 -56.53 28.72
CA MET C 497 -27.80 -55.64 28.03
C MET C 497 -26.87 -56.52 27.19
N ARG C 498 -27.26 -56.75 25.94
CA ARG C 498 -26.49 -57.58 25.04
C ARG C 498 -25.41 -56.77 24.34
N PHE C 499 -24.23 -57.37 24.20
CA PHE C 499 -23.10 -56.76 23.52
C PHE C 499 -22.97 -57.36 22.13
N VAL C 500 -23.19 -56.55 21.11
CA VAL C 500 -23.37 -57.05 19.75
C VAL C 500 -22.06 -57.05 18.98
N GLY C 501 -21.20 -56.07 19.18
CA GLY C 501 -19.98 -55.97 18.40
C GLY C 501 -18.81 -55.56 19.26
N THR C 502 -17.63 -56.04 18.87
CA THR C 502 -16.41 -55.65 19.55
C THR C 502 -15.22 -55.97 18.63
N ASP C 503 -14.02 -55.84 19.17
CA ASP C 503 -12.80 -55.95 18.40
C ASP C 503 -12.56 -57.39 17.97
N VAL C 504 -11.37 -57.65 17.42
CA VAL C 504 -11.03 -58.99 17.01
C VAL C 504 -10.52 -59.79 18.21
N ASP C 505 -9.98 -59.13 19.23
CA ASP C 505 -9.45 -59.81 20.41
C ASP C 505 -10.48 -59.89 21.53
N LYS C 506 -11.65 -59.28 21.37
CA LYS C 506 -12.76 -59.37 22.32
C LYS C 506 -12.37 -58.90 23.72
N THR C 507 -11.48 -57.93 23.82
CA THR C 507 -11.08 -57.41 25.11
C THR C 507 -11.76 -56.10 25.46
N ARG C 508 -12.38 -55.44 24.49
CA ARG C 508 -13.14 -54.22 24.73
C ARG C 508 -14.54 -54.42 24.17
N MET C 509 -15.44 -53.50 24.50
CA MET C 509 -16.82 -53.56 24.07
C MET C 509 -17.17 -52.26 23.36
N GLU C 510 -17.86 -52.38 22.23
CA GLU C 510 -18.09 -51.24 21.34
C GLU C 510 -19.55 -50.92 21.12
N ILE C 511 -20.41 -51.94 20.98
CA ILE C 511 -21.82 -51.73 20.70
C ILE C 511 -22.63 -52.50 21.73
N ILE C 512 -23.40 -51.78 22.55
CA ILE C 512 -24.38 -52.39 23.43
C ILE C 512 -25.77 -52.14 22.85
N GLU C 513 -26.69 -53.05 23.16
CA GLU C 513 -28.06 -52.98 22.66
C GLU C 513 -28.96 -53.67 23.68
N LEU C 514 -29.61 -52.91 24.53
CA LEU C 514 -30.47 -53.53 25.55
C LEU C 514 -31.78 -53.95 24.90
N SER C 515 -32.07 -55.24 24.92
CA SER C 515 -33.27 -55.78 24.31
C SER C 515 -34.48 -55.54 25.20
N GLY C 516 -35.66 -55.71 24.62
CA GLY C 516 -36.88 -55.28 25.28
C GLY C 516 -37.09 -53.79 25.21
N HIS C 517 -36.80 -53.18 24.06
CA HIS C 517 -36.85 -51.75 23.86
C HIS C 517 -36.90 -51.52 22.36
N PRO C 518 -37.67 -50.53 21.87
CA PRO C 518 -37.72 -50.27 20.42
C PRO C 518 -36.35 -50.06 19.81
N TYR C 519 -35.62 -49.05 20.31
CA TYR C 519 -34.29 -48.74 19.78
C TYR C 519 -33.48 -48.11 20.90
N PHE C 520 -32.65 -48.91 21.56
CA PHE C 520 -31.75 -48.45 22.61
C PHE C 520 -30.38 -49.07 22.33
N VAL C 521 -29.53 -48.35 21.61
CA VAL C 521 -28.20 -48.83 21.27
C VAL C 521 -27.19 -47.75 21.60
N ALA C 522 -25.91 -48.14 21.63
CA ALA C 522 -24.83 -47.24 21.93
C ALA C 522 -23.57 -47.72 21.24
N THR C 523 -22.66 -46.80 20.96
CA THR C 523 -21.44 -47.10 20.22
C THR C 523 -20.27 -46.34 20.83
N GLN C 524 -19.12 -47.02 20.93
CA GLN C 524 -17.92 -46.33 21.42
C GLN C 524 -17.33 -45.43 20.35
N TYR C 525 -17.45 -45.80 19.08
CA TYR C 525 -16.90 -45.00 18.00
C TYR C 525 -17.84 -43.85 17.67
N HIS C 526 -17.48 -43.09 16.64
CA HIS C 526 -18.34 -42.03 16.15
C HIS C 526 -18.84 -42.42 14.77
N PRO C 527 -20.15 -42.67 14.61
CA PRO C 527 -20.66 -42.99 13.28
C PRO C 527 -20.89 -41.79 12.40
N GLU C 528 -20.83 -40.59 12.95
CA GLU C 528 -21.08 -39.37 12.22
C GLU C 528 -19.87 -38.87 11.44
N TYR C 529 -18.77 -39.61 11.46
CA TYR C 529 -17.61 -39.26 10.66
C TYR C 529 -17.61 -39.91 9.30
N LEU C 530 -18.43 -40.94 9.10
CA LEU C 530 -18.55 -41.59 7.80
C LEU C 530 -19.91 -41.33 7.15
N SER C 531 -20.65 -40.35 7.64
CA SER C 531 -21.95 -40.00 7.09
C SER C 531 -21.77 -39.04 5.93
N ARG C 532 -22.36 -39.38 4.79
CA ARG C 532 -22.28 -38.59 3.57
C ARG C 532 -23.66 -38.13 3.15
N PRO C 533 -23.76 -37.05 2.36
CA PRO C 533 -25.09 -36.61 1.91
C PRO C 533 -25.84 -37.65 1.12
N LEU C 534 -25.16 -38.48 0.34
CA LEU C 534 -25.82 -39.45 -0.52
C LEU C 534 -25.78 -40.87 0.02
N LYS C 535 -25.28 -41.08 1.25
CA LYS C 535 -25.38 -42.37 1.92
C LYS C 535 -25.29 -42.15 3.43
N PRO C 536 -26.42 -42.16 4.13
CA PRO C 536 -26.40 -41.87 5.57
C PRO C 536 -25.73 -42.96 6.39
N SER C 537 -25.68 -42.79 7.71
CA SER C 537 -25.06 -43.87 8.46
C SER C 537 -26.12 -44.69 9.18
N PRO C 538 -25.96 -46.01 9.21
CA PRO C 538 -27.03 -46.90 9.67
C PRO C 538 -27.49 -46.65 11.10
N PRO C 539 -26.60 -46.33 12.05
CA PRO C 539 -27.12 -45.98 13.39
C PRO C 539 -28.10 -44.82 13.40
N PHE C 540 -27.75 -43.70 12.76
CA PHE C 540 -28.67 -42.58 12.71
C PHE C 540 -29.89 -42.88 11.85
N LEU C 541 -29.70 -43.69 10.81
CA LEU C 541 -30.84 -44.11 9.99
C LEU C 541 -31.85 -44.85 10.84
N GLY C 542 -31.39 -45.78 11.68
CA GLY C 542 -32.31 -46.49 12.54
C GLY C 542 -32.91 -45.61 13.62
N LEU C 543 -32.13 -44.68 14.14
CA LEU C 543 -32.67 -43.77 15.14
C LEU C 543 -33.79 -42.90 14.57
N ILE C 544 -33.68 -42.51 13.31
CA ILE C 544 -34.74 -41.73 12.68
C ILE C 544 -35.93 -42.62 12.33
N LEU C 545 -35.67 -43.81 11.81
CA LEU C 545 -36.75 -44.73 11.48
C LEU C 545 -37.51 -45.22 12.70
N ALA C 546 -36.90 -45.16 13.88
CA ALA C 546 -37.57 -45.59 15.09
C ALA C 546 -38.39 -44.47 15.71
N SER C 547 -37.87 -43.24 15.65
CA SER C 547 -38.55 -42.11 16.26
C SER C 547 -39.81 -41.70 15.52
N VAL C 548 -40.11 -42.35 14.40
CA VAL C 548 -41.31 -42.03 13.64
C VAL C 548 -42.02 -43.34 13.32
N ASP C 549 -41.61 -44.41 13.99
CA ASP C 549 -42.28 -45.71 13.96
C ASP C 549 -42.27 -46.31 12.55
N ARG C 550 -41.13 -46.20 11.89
CA ARG C 550 -40.94 -46.78 10.56
C ARG C 550 -39.83 -47.82 10.54
N LEU C 551 -39.32 -48.22 11.69
CA LEU C 551 -38.15 -49.09 11.73
C LEU C 551 -38.48 -50.51 11.30
N ASN C 552 -39.46 -51.14 11.95
CA ASN C 552 -39.80 -52.53 11.64
C ASN C 552 -40.20 -52.67 10.18
N GLN C 553 -40.99 -51.72 9.66
CA GLN C 553 -41.35 -51.73 8.25
C GLN C 553 -40.12 -51.64 7.35
N TYR C 554 -39.09 -50.91 7.75
CA TYR C 554 -37.89 -50.79 6.94
C TYR C 554 -37.03 -52.05 7.00
N ILE C 555 -37.12 -52.81 8.09
CA ILE C 555 -36.28 -53.99 8.25
C ILE C 555 -36.61 -55.03 7.17
N GLN C 556 -37.88 -55.16 6.82
CA GLN C 556 -38.30 -56.12 5.82
C GLN C 556 -38.28 -55.54 4.42
N MET D 1 -8.51 29.83 15.31
CA MET D 1 -9.47 29.08 14.52
C MET D 1 -9.25 27.58 14.69
N LYS D 2 -10.29 26.88 15.12
CA LYS D 2 -10.27 25.46 15.34
C LYS D 2 -10.93 24.74 14.16
N TYR D 3 -10.43 23.56 13.84
CA TYR D 3 -10.91 22.79 12.70
C TYR D 3 -11.32 21.40 13.15
N ILE D 4 -12.37 20.88 12.50
CA ILE D 4 -12.77 19.49 12.63
C ILE D 4 -12.95 18.94 11.23
N LEU D 5 -12.16 17.94 10.87
CA LEU D 5 -12.24 17.30 9.57
C LEU D 5 -12.95 15.96 9.70
N VAL D 6 -13.89 15.70 8.80
CA VAL D 6 -14.73 14.51 8.83
C VAL D 6 -14.46 13.72 7.55
N THR D 7 -13.83 12.56 7.70
CA THR D 7 -13.45 11.72 6.56
C THR D 7 -14.27 10.44 6.56
N GLY D 8 -14.19 9.72 5.44
CA GLY D 8 -15.02 8.55 5.24
C GLY D 8 -14.19 7.31 4.96
N GLY D 9 -14.75 6.16 5.31
CA GLY D 9 -13.99 4.94 5.40
C GLY D 9 -14.12 3.95 4.27
N VAL D 10 -14.95 2.94 4.47
CA VAL D 10 -14.91 1.74 3.63
C VAL D 10 -15.67 1.95 2.33
N ILE D 11 -16.85 2.54 2.39
CA ILE D 11 -17.71 2.76 1.25
C ILE D 11 -18.11 4.23 1.22
N SER D 12 -18.97 4.58 0.27
CA SER D 12 -19.36 5.97 0.09
C SER D 12 -20.62 6.33 0.86
N GLY D 13 -21.71 5.60 0.68
CA GLY D 13 -22.94 5.94 1.36
C GLY D 13 -22.91 5.59 2.84
N VAL D 14 -21.95 6.14 3.57
CA VAL D 14 -21.70 5.72 4.95
C VAL D 14 -22.25 6.68 5.98
N GLY D 15 -22.72 7.86 5.59
CA GLY D 15 -23.39 8.75 6.52
C GLY D 15 -22.58 9.91 7.03
N LYS D 16 -21.76 10.52 6.18
CA LYS D 16 -20.84 11.56 6.61
C LYS D 16 -21.55 12.90 6.85
N GLY D 17 -22.55 13.20 6.02
CA GLY D 17 -23.20 14.50 6.11
C GLY D 17 -23.94 14.70 7.42
N VAL D 18 -24.63 13.67 7.89
CA VAL D 18 -25.36 13.81 9.14
C VAL D 18 -24.42 13.90 10.33
N ILE D 19 -23.28 13.20 10.28
CA ILE D 19 -22.29 13.31 11.34
C ILE D 19 -21.74 14.72 11.42
N ALA D 20 -21.37 15.29 10.26
CA ALA D 20 -20.81 16.64 10.25
C ALA D 20 -21.84 17.68 10.71
N SER D 21 -23.07 17.56 10.22
CA SER D 21 -24.13 18.48 10.64
C SER D 21 -24.41 18.38 12.13
N SER D 22 -24.32 17.17 12.69
CA SER D 22 -24.59 17.01 14.12
C SER D 22 -23.47 17.59 14.97
N PHE D 23 -22.22 17.43 14.55
CA PHE D 23 -21.13 18.15 15.18
C PHE D 23 -21.44 19.64 15.23
N GLY D 24 -21.84 20.19 14.10
CA GLY D 24 -22.17 21.60 14.05
C GLY D 24 -23.27 21.99 15.02
N THR D 25 -24.34 21.19 15.06
CA THR D 25 -25.48 21.50 15.93
C THR D 25 -25.07 21.47 17.40
N LEU D 26 -24.28 20.48 17.80
CA LEU D 26 -23.79 20.43 19.19
C LEU D 26 -22.99 21.67 19.54
N LEU D 27 -21.97 21.97 18.75
CA LEU D 27 -21.11 23.11 19.04
C LEU D 27 -21.90 24.42 19.04
N LYS D 28 -22.89 24.52 18.14
CA LYS D 28 -23.74 25.71 18.12
C LYS D 28 -24.52 25.85 19.41
N SER D 29 -25.13 24.75 19.87
CA SER D 29 -25.88 24.80 21.13
C SER D 29 -24.98 25.17 22.31
N CYS D 30 -23.70 24.80 22.25
CA CYS D 30 -22.79 25.14 23.33
C CYS D 30 -22.32 26.60 23.30
N GLY D 31 -22.81 27.41 22.37
CA GLY D 31 -22.50 28.82 22.36
C GLY D 31 -21.35 29.25 21.48
N LEU D 32 -21.00 28.49 20.45
CA LEU D 32 -19.90 28.81 19.58
C LEU D 32 -20.39 29.24 18.21
N ASP D 33 -19.55 29.99 17.51
CA ASP D 33 -19.80 30.36 16.12
C ASP D 33 -19.17 29.32 15.22
N VAL D 34 -19.98 28.66 14.39
CA VAL D 34 -19.55 27.52 13.59
C VAL D 34 -19.84 27.81 12.12
N THR D 35 -18.83 27.66 11.28
CA THR D 35 -19.02 27.62 9.84
C THR D 35 -18.74 26.20 9.36
N SER D 36 -18.91 25.97 8.06
CA SER D 36 -18.68 24.62 7.56
C SER D 36 -18.33 24.67 6.08
N ILE D 37 -17.47 23.76 5.67
CA ILE D 37 -17.02 23.65 4.29
C ILE D 37 -17.25 22.24 3.80
N LYS D 38 -17.79 22.11 2.59
CA LYS D 38 -18.01 20.81 1.96
C LYS D 38 -17.09 20.68 0.75
N ILE D 39 -16.35 19.58 0.68
CA ILE D 39 -15.42 19.34 -0.40
C ILE D 39 -15.95 18.19 -1.26
N ASP D 40 -16.24 18.47 -2.52
CA ASP D 40 -16.73 17.49 -3.47
C ASP D 40 -15.64 17.19 -4.49
N PRO D 41 -15.13 15.98 -4.58
CA PRO D 41 -14.00 15.73 -5.49
C PRO D 41 -14.40 15.55 -6.94
N TYR D 42 -15.59 15.98 -7.35
CA TYR D 42 -15.96 15.84 -8.74
C TYR D 42 -15.53 17.07 -9.54
N ILE D 43 -15.56 16.94 -10.87
CA ILE D 43 -14.95 17.95 -11.72
C ILE D 43 -15.87 19.14 -11.96
N ASN D 44 -17.16 19.01 -11.68
CA ASN D 44 -18.09 20.11 -11.93
C ASN D 44 -17.70 21.35 -11.13
N ILE D 45 -18.24 22.49 -11.55
CA ILE D 45 -18.03 23.76 -10.88
C ILE D 45 -19.26 24.20 -10.10
N ASP D 46 -20.44 24.06 -10.71
CA ASP D 46 -21.70 24.38 -10.07
C ASP D 46 -22.67 23.24 -10.25
N ALA D 47 -23.93 23.45 -9.88
CA ALA D 47 -24.99 22.50 -10.16
C ALA D 47 -25.90 22.98 -11.27
N GLY D 48 -25.52 24.04 -11.97
CA GLY D 48 -26.32 24.55 -13.08
C GLY D 48 -26.35 23.65 -14.29
N THR D 49 -25.48 22.66 -14.36
CA THR D 49 -25.52 21.65 -15.41
C THR D 49 -26.24 20.38 -14.98
N PHE D 50 -26.20 20.07 -13.69
CA PHE D 50 -26.79 18.84 -13.18
C PHE D 50 -28.26 18.71 -13.61
N SER D 51 -28.58 17.57 -14.19
CA SER D 51 -29.97 17.28 -14.49
C SER D 51 -30.73 16.99 -13.20
N PRO D 52 -31.99 17.40 -13.12
CA PRO D 52 -32.75 17.14 -11.89
C PRO D 52 -32.99 15.66 -11.64
N TYR D 53 -33.25 14.88 -12.68
CA TYR D 53 -33.42 13.45 -12.51
C TYR D 53 -32.11 12.72 -12.27
N GLU D 54 -30.98 13.41 -12.34
CA GLU D 54 -29.68 12.79 -12.16
C GLU D 54 -29.11 13.01 -10.77
N HIS D 55 -29.35 14.17 -10.17
CA HIS D 55 -28.86 14.47 -8.82
C HIS D 55 -29.95 15.01 -7.91
N GLY D 56 -30.86 15.81 -8.43
CA GLY D 56 -31.99 16.28 -7.65
C GLY D 56 -31.72 17.46 -6.75
N GLU D 57 -32.63 18.43 -6.78
CA GLU D 57 -32.69 19.50 -5.79
C GLU D 57 -31.39 20.31 -5.76
N VAL D 58 -31.19 21.06 -6.84
CA VAL D 58 -30.33 22.24 -6.78
C VAL D 58 -30.76 23.12 -5.63
N TYR D 59 -29.84 23.43 -4.72
CA TYR D 59 -30.08 24.35 -3.63
C TYR D 59 -29.49 25.71 -3.98
N VAL D 60 -30.21 26.77 -3.65
CA VAL D 60 -29.86 28.11 -4.08
C VAL D 60 -29.50 28.93 -2.85
N LEU D 61 -28.26 29.41 -2.79
CA LEU D 61 -27.85 30.27 -1.70
C LEU D 61 -28.35 31.69 -1.93
N ASP D 62 -28.24 32.52 -0.91
CA ASP D 62 -28.84 33.85 -0.99
C ASP D 62 -27.91 34.87 -1.65
N ASP D 63 -26.85 34.42 -2.31
CA ASP D 63 -26.08 35.24 -3.22
C ASP D 63 -26.28 34.83 -4.66
N GLY D 64 -27.07 33.81 -4.91
CA GLY D 64 -27.34 33.35 -6.25
C GLY D 64 -26.57 32.14 -6.71
N ALA D 65 -25.93 31.42 -5.81
CA ALA D 65 -25.15 30.25 -6.19
C ALA D 65 -26.01 29.00 -6.18
N GLU D 66 -25.81 28.16 -7.18
CA GLU D 66 -26.46 26.85 -7.26
C GLU D 66 -25.44 25.80 -6.86
N VAL D 67 -25.65 25.18 -5.71
CA VAL D 67 -24.65 24.35 -5.08
C VAL D 67 -25.26 22.98 -4.77
N ASP D 68 -24.45 22.15 -4.11
CA ASP D 68 -24.89 20.86 -3.61
C ASP D 68 -26.03 21.02 -2.62
N LEU D 69 -26.82 19.94 -2.45
CA LEU D 69 -27.83 19.95 -1.40
C LEU D 69 -27.24 19.75 -0.01
N ASP D 70 -25.98 19.33 0.09
CA ASP D 70 -25.35 19.19 1.40
C ASP D 70 -25.19 20.53 2.08
N LEU D 71 -24.93 21.59 1.32
CA LEU D 71 -24.94 22.91 1.91
C LEU D 71 -26.33 23.28 2.42
N GLY D 72 -27.38 22.76 1.78
CA GLY D 72 -28.71 22.93 2.31
C GLY D 72 -28.91 22.21 3.63
N ASN D 73 -28.32 21.03 3.76
CA ASN D 73 -28.40 20.31 5.02
C ASN D 73 -27.67 21.04 6.13
N TYR D 74 -26.50 21.61 5.83
CA TYR D 74 -25.79 22.40 6.84
C TYR D 74 -26.59 23.63 7.22
N GLU D 75 -27.17 24.31 6.23
CA GLU D 75 -27.95 25.51 6.54
C GLU D 75 -29.12 25.17 7.46
N ARG D 76 -29.80 24.05 7.22
CA ARG D 76 -30.91 23.68 8.08
C ARG D 76 -30.44 23.29 9.47
N PHE D 77 -29.38 22.50 9.59
CA PHE D 77 -28.99 22.01 10.91
C PHE D 77 -28.28 23.06 11.76
N LEU D 78 -27.57 24.00 11.14
CA LEU D 78 -26.78 24.99 11.87
C LEU D 78 -27.43 26.35 11.95
N ASP D 79 -28.41 26.65 11.08
CA ASP D 79 -29.11 27.94 11.07
C ASP D 79 -28.17 29.07 10.68
N VAL D 80 -27.43 28.88 9.58
CA VAL D 80 -26.46 29.86 9.10
C VAL D 80 -26.76 30.16 7.64
N THR D 81 -25.95 31.05 7.06
CA THR D 81 -26.06 31.45 5.67
C THR D 81 -24.68 31.31 5.02
N LEU D 82 -24.51 30.29 4.20
CA LEU D 82 -23.25 29.98 3.56
C LEU D 82 -23.15 30.64 2.20
N HIS D 83 -21.93 30.74 1.70
CA HIS D 83 -21.63 31.38 0.42
C HIS D 83 -21.11 30.34 -0.57
N ARG D 84 -20.83 30.82 -1.79
CA ARG D 84 -20.42 29.92 -2.85
C ARG D 84 -19.08 29.26 -2.58
N ASP D 85 -18.19 29.93 -1.86
CA ASP D 85 -16.87 29.39 -1.60
C ASP D 85 -16.86 28.38 -0.46
N ASN D 86 -17.95 28.25 0.28
CA ASN D 86 -18.08 27.19 1.28
C ASN D 86 -18.22 25.82 0.65
N ASN D 87 -18.12 25.71 -0.68
CA ASN D 87 -18.26 24.45 -1.38
C ASN D 87 -17.11 24.31 -2.38
N ILE D 88 -16.02 23.71 -1.95
CA ILE D 88 -14.86 23.50 -2.81
C ILE D 88 -15.06 22.24 -3.63
N THR D 89 -14.70 22.30 -4.91
CA THR D 89 -14.64 21.11 -5.73
C THR D 89 -13.28 21.01 -6.40
N THR D 90 -13.00 19.86 -7.00
CA THR D 90 -11.77 19.67 -7.76
C THR D 90 -11.71 20.62 -8.95
N GLY D 91 -12.83 20.79 -9.65
CA GLY D 91 -12.87 21.71 -10.77
C GLY D 91 -12.54 23.13 -10.39
N LYS D 92 -13.09 23.60 -9.27
CA LYS D 92 -12.80 24.97 -8.81
C LYS D 92 -11.33 25.16 -8.54
N ILE D 93 -10.71 24.21 -7.83
CA ILE D 93 -9.30 24.34 -7.48
C ILE D 93 -8.43 24.30 -8.72
N TYR D 94 -8.66 23.32 -9.58
CA TYR D 94 -7.81 23.21 -10.76
C TYR D 94 -8.02 24.36 -11.70
N LYS D 95 -9.22 24.93 -11.78
CA LYS D 95 -9.45 26.09 -12.63
C LYS D 95 -8.75 27.32 -12.08
N LEU D 96 -8.86 27.57 -10.77
CA LEU D 96 -8.13 28.68 -10.18
C LEU D 96 -6.63 28.57 -10.41
N VAL D 97 -6.08 27.36 -10.27
CA VAL D 97 -4.63 27.22 -10.42
C VAL D 97 -4.21 27.34 -11.89
N ILE D 98 -4.99 26.75 -12.80
CA ILE D 98 -4.64 26.82 -14.22
C ILE D 98 -4.72 28.26 -14.71
N GLU D 99 -5.70 29.02 -14.23
CA GLU D 99 -5.81 30.42 -14.63
C GLU D 99 -4.69 31.26 -14.03
N LYS D 100 -4.37 31.03 -12.76
CA LYS D 100 -3.24 31.73 -12.14
C LYS D 100 -1.95 31.48 -12.92
N GLU D 101 -1.75 30.24 -13.37
CA GLU D 101 -0.53 29.92 -14.12
C GLU D 101 -0.54 30.56 -15.50
N ARG D 102 -1.69 30.60 -16.15
CA ARG D 102 -1.75 31.08 -17.53
C ARG D 102 -1.61 32.59 -17.64
N THR D 103 -1.77 33.34 -16.55
CA THR D 103 -1.53 34.78 -16.55
C THR D 103 -0.25 35.14 -15.81
N GLY D 104 0.66 34.18 -15.68
CA GLY D 104 1.99 34.42 -15.19
C GLY D 104 2.14 35.04 -13.81
N GLU D 105 1.45 34.51 -12.80
CA GLU D 105 1.71 34.93 -11.43
C GLU D 105 2.33 33.82 -10.59
N TYR D 106 2.94 32.83 -11.23
CA TYR D 106 3.88 31.94 -10.58
C TYR D 106 5.31 32.27 -10.98
N LEU D 107 5.50 33.25 -11.86
CA LEU D 107 6.80 33.85 -12.18
C LEU D 107 7.72 32.88 -12.93
N GLY D 108 7.16 32.13 -13.86
CA GLY D 108 7.96 31.27 -14.71
C GLY D 108 8.33 29.93 -14.13
N LYS D 109 7.84 29.59 -12.95
CA LYS D 109 8.17 28.32 -12.34
C LYS D 109 7.29 27.21 -12.91
N THR D 110 7.67 25.97 -12.61
CA THR D 110 6.86 24.82 -12.97
C THR D 110 5.81 24.62 -11.90
N VAL D 111 4.55 24.62 -12.30
CA VAL D 111 3.44 24.45 -11.37
C VAL D 111 3.11 22.98 -11.30
N GLN D 112 3.13 22.43 -10.10
CA GLN D 112 2.92 21.01 -9.87
C GLN D 112 1.81 20.83 -8.87
N VAL D 113 1.26 19.62 -8.81
CA VAL D 113 0.21 19.32 -7.86
C VAL D 113 0.69 19.57 -6.44
N VAL D 114 1.82 18.97 -6.07
CA VAL D 114 2.52 19.29 -4.83
C VAL D 114 3.72 20.16 -5.20
N PRO D 115 3.82 21.39 -4.69
CA PRO D 115 2.98 21.96 -3.64
C PRO D 115 1.91 22.94 -4.06
N HIS D 116 1.65 23.17 -5.35
CA HIS D 116 0.86 24.33 -5.71
C HIS D 116 -0.63 24.11 -5.55
N ILE D 117 -1.14 22.96 -5.95
CA ILE D 117 -2.56 22.66 -5.77
C ILE D 117 -2.89 22.54 -4.29
N THR D 118 -1.99 21.94 -3.51
CA THR D 118 -2.25 21.79 -2.08
C THR D 118 -2.10 23.12 -1.33
N ASP D 119 -1.20 23.99 -1.75
CA ASP D 119 -1.16 25.34 -1.22
C ASP D 119 -2.44 26.09 -1.53
N ALA D 120 -2.97 25.94 -2.75
CA ALA D 120 -4.23 26.59 -3.09
C ALA D 120 -5.37 26.10 -2.21
N ILE D 121 -5.46 24.78 -2.02
CA ILE D 121 -6.51 24.22 -1.16
C ILE D 121 -6.39 24.78 0.26
N GLN D 122 -5.17 24.83 0.80
CA GLN D 122 -5.00 25.29 2.17
C GLN D 122 -5.37 26.76 2.32
N GLU D 123 -4.98 27.59 1.36
CA GLU D 123 -5.31 29.01 1.44
C GLU D 123 -6.82 29.23 1.31
N TRP D 124 -7.47 28.50 0.40
CA TRP D 124 -8.93 28.58 0.28
C TRP D 124 -9.60 28.23 1.60
N VAL D 125 -9.19 27.13 2.23
CA VAL D 125 -9.85 26.69 3.45
C VAL D 125 -9.61 27.68 4.58
N GLU D 126 -8.38 28.16 4.73
CA GLU D 126 -8.10 29.17 5.74
C GLU D 126 -8.87 30.45 5.49
N ARG D 127 -9.15 30.76 4.22
CA ARG D 127 -9.81 32.00 3.87
C ARG D 127 -11.29 31.97 4.20
N VAL D 128 -12.02 30.99 3.68
CA VAL D 128 -13.47 31.02 3.88
C VAL D 128 -13.89 30.60 5.27
N ALA D 129 -12.94 30.20 6.13
CA ALA D 129 -13.28 29.85 7.51
C ALA D 129 -13.36 31.06 8.43
N GLN D 130 -12.84 32.21 8.02
CA GLN D 130 -12.95 33.44 8.79
C GLN D 130 -14.07 34.32 8.32
N THR D 131 -14.76 33.94 7.26
CA THR D 131 -15.90 34.71 6.78
C THR D 131 -17.08 34.49 7.73
N PRO D 132 -17.69 35.56 8.25
CA PRO D 132 -18.83 35.37 9.15
C PRO D 132 -20.05 34.82 8.41
N VAL D 133 -20.75 33.91 9.08
CA VAL D 133 -21.96 33.32 8.52
C VAL D 133 -23.19 33.64 9.34
N GLN D 134 -23.05 34.10 10.58
CA GLN D 134 -24.17 34.46 11.43
C GLN D 134 -23.95 35.91 11.85
N GLY D 135 -24.47 36.82 11.04
CA GLY D 135 -24.31 38.23 11.32
C GLY D 135 -22.97 38.77 10.85
N SER D 136 -22.13 39.16 11.79
CA SER D 136 -20.82 39.71 11.47
C SER D 136 -19.71 39.21 12.37
N SER D 137 -19.99 38.28 13.28
CA SER D 137 -18.98 37.78 14.21
C SER D 137 -18.18 36.67 13.55
N LYS D 138 -16.88 36.65 13.82
CA LYS D 138 -16.01 35.65 13.23
C LYS D 138 -16.34 34.26 13.76
N PRO D 139 -16.28 33.24 12.93
CA PRO D 139 -16.47 31.87 13.43
C PRO D 139 -15.30 31.46 14.33
N GLN D 140 -15.57 30.45 15.16
CA GLN D 140 -14.56 29.93 16.07
C GLN D 140 -14.21 28.48 15.79
N VAL D 141 -15.10 27.71 15.22
CA VAL D 141 -14.83 26.35 14.77
C VAL D 141 -15.28 26.24 13.33
N CYS D 142 -14.61 25.39 12.57
CA CYS D 142 -14.98 25.11 11.19
C CYS D 142 -15.03 23.61 11.00
N ILE D 143 -16.16 23.10 10.51
CA ILE D 143 -16.32 21.69 10.20
C ILE D 143 -16.08 21.52 8.71
N VAL D 144 -15.06 20.74 8.36
CA VAL D 144 -14.74 20.45 6.97
C VAL D 144 -15.11 19.01 6.70
N GLU D 145 -15.99 18.79 5.73
CA GLU D 145 -16.43 17.45 5.36
C GLU D 145 -15.87 17.10 3.99
N LEU D 146 -15.07 16.05 3.94
CA LEU D 146 -14.39 15.62 2.73
C LEU D 146 -15.18 14.49 2.09
N GLY D 147 -15.62 14.71 0.85
CA GLY D 147 -16.41 13.71 0.17
C GLY D 147 -15.57 12.59 -0.41
N GLY D 148 -16.19 11.44 -0.58
CA GLY D 148 -15.50 10.27 -1.07
C GLY D 148 -14.85 9.47 0.04
N THR D 149 -14.20 8.38 -0.36
CA THR D 149 -13.58 7.45 0.56
C THR D 149 -12.07 7.47 0.39
N ILE D 150 -11.36 7.35 1.51
CA ILE D 150 -9.91 7.41 1.52
C ILE D 150 -9.33 6.26 0.72
N GLY D 151 -8.39 6.57 -0.18
CA GLY D 151 -7.83 5.61 -1.09
C GLY D 151 -8.22 5.84 -2.52
N ASP D 152 -9.29 6.59 -2.77
CA ASP D 152 -9.68 6.95 -4.12
C ASP D 152 -8.66 7.90 -4.74
N ILE D 153 -8.56 7.86 -6.07
CA ILE D 153 -7.66 8.73 -6.81
C ILE D 153 -8.10 10.18 -6.73
N GLU D 154 -9.40 10.43 -6.68
CA GLU D 154 -9.92 11.79 -6.80
C GLU D 154 -9.62 12.63 -5.57
N GLY D 155 -9.48 12.00 -4.41
CA GLY D 155 -9.31 12.72 -3.17
C GLY D 155 -7.91 12.81 -2.62
N MET D 156 -6.90 12.40 -3.37
CA MET D 156 -5.52 12.41 -2.91
C MET D 156 -4.94 13.81 -2.76
N PRO D 157 -5.18 14.73 -3.70
CA PRO D 157 -4.73 16.12 -3.47
C PRO D 157 -5.27 16.71 -2.17
N PHE D 158 -6.49 16.35 -1.78
CA PHE D 158 -7.09 16.94 -0.59
C PHE D 158 -6.52 16.35 0.69
N VAL D 159 -6.23 15.06 0.73
CA VAL D 159 -5.65 14.52 1.94
C VAL D 159 -4.19 14.94 2.06
N GLU D 160 -3.50 15.16 0.95
CA GLU D 160 -2.15 15.72 1.03
C GLU D 160 -2.17 17.15 1.56
N ALA D 161 -3.09 17.96 1.03
CA ALA D 161 -3.31 19.30 1.53
C ALA D 161 -3.58 19.31 3.03
N PHE D 162 -4.36 18.36 3.52
CA PHE D 162 -4.75 18.42 4.92
C PHE D 162 -3.69 17.83 5.86
N ARG D 163 -2.83 16.94 5.38
CA ARG D 163 -1.62 16.60 6.12
C ARG D 163 -0.77 17.85 6.39
N GLN D 164 -0.38 18.53 5.31
CA GLN D 164 0.38 19.77 5.48
C GLN D 164 -0.37 20.77 6.35
N PHE D 165 -1.69 20.84 6.20
CA PHE D 165 -2.50 21.80 6.93
C PHE D 165 -2.51 21.53 8.41
N GLN D 166 -2.67 20.25 8.81
CA GLN D 166 -2.62 19.91 10.22
C GLN D 166 -1.33 20.40 10.84
N PHE D 167 -0.24 20.40 10.08
CA PHE D 167 0.96 20.98 10.72
C PHE D 167 1.04 22.49 10.61
N ARG D 168 0.35 23.11 9.64
CA ARG D 168 0.40 24.54 9.49
C ARG D 168 -0.43 25.29 10.55
N VAL D 169 -1.54 24.70 10.99
CA VAL D 169 -2.40 25.36 11.96
C VAL D 169 -2.20 24.83 13.38
N LYS D 170 -1.06 24.20 13.67
CA LYS D 170 -0.73 23.87 15.05
C LYS D 170 -1.69 22.88 15.69
N ARG D 171 -1.44 21.59 15.48
CA ARG D 171 -2.30 20.45 15.80
C ARG D 171 -3.25 20.62 16.99
N GLU D 172 -2.89 21.39 18.01
CA GLU D 172 -3.85 21.66 19.06
C GLU D 172 -5.10 22.40 18.56
N ASN D 173 -5.14 22.73 17.27
CA ASN D 173 -6.28 23.40 16.65
C ASN D 173 -6.90 22.55 15.56
N PHE D 174 -6.59 21.26 15.50
CA PHE D 174 -6.99 20.42 14.39
C PHE D 174 -7.40 19.05 14.91
N CYS D 175 -8.62 18.63 14.60
CA CYS D 175 -9.16 17.35 15.03
C CYS D 175 -9.76 16.63 13.84
N LEU D 176 -9.57 15.32 13.77
CA LEU D 176 -10.05 14.52 12.65
C LEU D 176 -10.99 13.43 13.16
N ALA D 177 -12.15 13.29 12.52
CA ALA D 177 -13.13 12.28 12.85
C ALA D 177 -13.34 11.38 11.65
N HIS D 178 -13.18 10.07 11.84
CA HIS D 178 -13.24 9.11 10.75
C HIS D 178 -14.50 8.29 10.87
N VAL D 179 -15.32 8.30 9.82
CA VAL D 179 -16.59 7.59 9.79
C VAL D 179 -16.41 6.34 8.94
N SER D 180 -16.67 5.17 9.50
CA SER D 180 -16.40 3.92 8.82
C SER D 180 -17.60 2.99 8.93
N LEU D 181 -17.59 1.94 8.12
CA LEU D 181 -18.64 0.94 8.10
C LEU D 181 -18.19 -0.30 8.86
N VAL D 182 -18.97 -0.69 9.86
CA VAL D 182 -18.76 -1.95 10.56
C VAL D 182 -19.80 -2.94 10.05
N PRO D 183 -19.47 -3.74 9.03
CA PRO D 183 -20.48 -4.60 8.42
C PRO D 183 -20.82 -5.77 9.33
N LEU D 184 -21.91 -6.45 8.98
CA LEU D 184 -22.45 -7.52 9.81
C LEU D 184 -23.08 -8.56 8.91
N PRO D 185 -22.32 -9.60 8.56
CA PRO D 185 -22.89 -10.68 7.75
C PRO D 185 -23.83 -11.54 8.59
N LYS D 186 -25.05 -11.70 8.10
CA LYS D 186 -26.05 -12.41 8.89
C LYS D 186 -25.83 -13.92 8.90
N ALA D 187 -24.85 -14.42 8.14
CA ALA D 187 -24.48 -15.83 8.27
C ALA D 187 -23.97 -16.13 9.67
N THR D 188 -23.39 -15.15 10.35
CA THR D 188 -22.91 -15.33 11.72
C THR D 188 -23.32 -14.23 12.69
N GLY D 189 -23.82 -13.10 12.21
CA GLY D 189 -24.35 -12.08 13.11
C GLY D 189 -23.31 -11.48 14.04
N GLU D 190 -22.12 -11.21 13.55
CA GLU D 190 -21.05 -10.63 14.34
C GLU D 190 -20.50 -9.40 13.60
N PRO D 191 -20.32 -8.28 14.29
CA PRO D 191 -19.79 -7.09 13.60
C PRO D 191 -18.30 -7.25 13.31
N LYS D 192 -17.91 -6.90 12.10
CA LYS D 192 -16.55 -7.07 11.63
C LYS D 192 -15.83 -5.73 11.59
N THR D 193 -14.68 -5.66 12.25
CA THR D 193 -13.88 -4.45 12.29
C THR D 193 -12.74 -4.44 11.29
N LYS D 194 -12.62 -5.44 10.45
CA LYS D 194 -11.47 -5.56 9.55
C LYS D 194 -11.45 -4.50 8.46
N PRO D 195 -12.58 -4.15 7.83
CA PRO D 195 -12.53 -3.04 6.88
C PRO D 195 -12.14 -1.71 7.50
N THR D 196 -12.57 -1.45 8.73
CA THR D 196 -12.14 -0.25 9.44
C THR D 196 -10.64 -0.28 9.69
N GLN D 197 -10.09 -1.44 10.03
CA GLN D 197 -8.66 -1.57 10.20
C GLN D 197 -7.91 -1.19 8.92
N SER D 198 -8.38 -1.71 7.79
CA SER D 198 -7.74 -1.40 6.52
C SER D 198 -7.83 0.09 6.19
N SER D 199 -9.00 0.70 6.38
CA SER D 199 -9.14 2.10 5.98
C SER D 199 -8.35 3.02 6.88
N VAL D 200 -8.26 2.72 8.17
CA VAL D 200 -7.44 3.53 9.07
C VAL D 200 -5.96 3.34 8.76
N ARG D 201 -5.58 2.16 8.29
CA ARG D 201 -4.20 1.97 7.84
C ARG D 201 -3.87 2.86 6.65
N GLU D 202 -4.76 2.90 5.65
CA GLU D 202 -4.55 3.81 4.53
C GLU D 202 -4.52 5.27 4.97
N LEU D 203 -5.40 5.64 5.91
CA LEU D 203 -5.42 7.01 6.39
C LEU D 203 -4.12 7.40 7.07
N ARG D 204 -3.62 6.52 7.95
CA ARG D 204 -2.33 6.76 8.60
C ARG D 204 -1.21 6.85 7.58
N GLY D 205 -1.21 5.97 6.58
CA GLY D 205 -0.20 6.06 5.54
C GLY D 205 -0.19 7.40 4.84
N CYS D 206 -1.37 7.91 4.48
CA CYS D 206 -1.44 9.22 3.84
C CYS D 206 -1.04 10.37 4.74
N GLY D 207 -0.91 10.17 6.05
CA GLY D 207 -0.34 11.18 6.92
C GLY D 207 -1.26 11.70 8.00
N LEU D 208 -2.50 11.26 8.07
CA LEU D 208 -3.47 11.77 9.03
C LEU D 208 -3.78 10.72 10.08
N SER D 209 -4.08 11.16 11.29
CA SER D 209 -4.36 10.27 12.42
C SER D 209 -5.69 10.63 13.04
N PRO D 210 -6.63 9.71 13.15
CA PRO D 210 -7.95 10.07 13.69
C PRO D 210 -7.92 10.36 15.17
N ASP D 211 -8.82 11.26 15.58
CA ASP D 211 -9.07 11.54 16.98
C ASP D 211 -10.38 10.94 17.47
N LEU D 212 -11.37 10.81 16.60
CA LEU D 212 -12.61 10.10 16.88
C LEU D 212 -12.85 9.09 15.78
N ILE D 213 -13.43 7.95 16.15
CA ILE D 213 -13.91 6.98 15.18
C ILE D 213 -15.42 6.88 15.36
N VAL D 214 -16.16 7.08 14.28
CA VAL D 214 -17.60 6.98 14.29
C VAL D 214 -17.97 5.76 13.47
N CYS D 215 -18.48 4.74 14.14
CA CYS D 215 -18.86 3.50 13.50
C CYS D 215 -20.31 3.55 13.03
N ARG D 216 -20.59 2.85 11.95
CA ARG D 216 -21.91 2.85 11.34
C ARG D 216 -22.41 1.41 11.26
N SER D 217 -23.46 1.12 12.03
CA SER D 217 -24.02 -0.21 12.12
C SER D 217 -25.53 -0.07 12.31
N GLU D 218 -26.23 -1.21 12.37
CA GLU D 218 -27.68 -1.17 12.47
C GLU D 218 -28.17 -1.21 13.93
N LYS D 219 -27.55 -2.01 14.78
CA LYS D 219 -27.81 -1.85 16.21
C LYS D 219 -26.50 -1.55 16.92
N PRO D 220 -26.55 -1.19 18.21
CA PRO D 220 -25.30 -0.87 18.91
C PRO D 220 -24.31 -2.01 18.90
N ILE D 221 -23.03 -1.65 18.94
CA ILE D 221 -21.94 -2.60 19.06
C ILE D 221 -21.48 -2.63 20.50
N GLY D 222 -20.94 -3.77 20.93
CA GLY D 222 -20.56 -3.96 22.30
C GLY D 222 -19.24 -3.31 22.63
N LEU D 223 -18.75 -3.62 23.83
CA LEU D 223 -17.46 -3.09 24.28
C LEU D 223 -16.28 -3.87 23.74
N GLU D 224 -16.50 -5.11 23.29
CA GLU D 224 -15.39 -5.86 22.71
C GLU D 224 -15.05 -5.34 21.32
N VAL D 225 -16.05 -5.06 20.50
CA VAL D 225 -15.80 -4.44 19.19
C VAL D 225 -15.17 -3.08 19.38
N LYS D 226 -15.66 -2.31 20.35
CA LYS D 226 -15.13 -1.00 20.64
C LYS D 226 -13.67 -1.07 21.06
N GLU D 227 -13.31 -2.09 21.85
CA GLU D 227 -11.94 -2.22 22.31
C GLU D 227 -11.02 -2.68 21.18
N LYS D 228 -11.50 -3.55 20.30
CA LYS D 228 -10.70 -3.95 19.14
C LYS D 228 -10.43 -2.75 18.23
N ILE D 229 -11.45 -1.92 18.00
CA ILE D 229 -11.25 -0.75 17.15
C ILE D 229 -10.28 0.23 17.80
N SER D 230 -10.44 0.48 19.09
CA SER D 230 -9.53 1.42 19.74
C SER D 230 -8.11 0.88 19.78
N ASN D 231 -7.95 -0.44 19.80
CA ASN D 231 -6.62 -1.02 19.78
C ASN D 231 -5.96 -0.85 18.42
N PHE D 232 -6.69 -1.10 17.34
CA PHE D 232 -6.06 -0.99 16.02
C PHE D 232 -5.99 0.43 15.48
N CYS D 233 -6.80 1.35 15.99
CA CYS D 233 -6.86 2.70 15.43
C CYS D 233 -6.27 3.77 16.33
N HIS D 234 -5.77 3.40 17.51
CA HIS D 234 -4.99 4.28 18.38
C HIS D 234 -5.83 5.39 18.99
N VAL D 235 -7.09 5.14 19.28
CA VAL D 235 -7.94 6.09 19.99
C VAL D 235 -8.30 5.46 21.33
N GLY D 236 -8.97 6.25 22.16
CA GLY D 236 -9.51 5.73 23.39
C GLY D 236 -10.84 5.06 23.12
N PRO D 237 -11.26 4.14 23.99
CA PRO D 237 -12.54 3.46 23.77
C PRO D 237 -13.75 4.38 23.91
N ASP D 238 -13.60 5.52 24.60
CA ASP D 238 -14.66 6.51 24.65
C ASP D 238 -14.71 7.38 23.40
N GLN D 239 -13.64 7.38 22.61
CA GLN D 239 -13.58 8.08 21.35
C GLN D 239 -14.03 7.22 20.19
N VAL D 240 -14.54 6.04 20.45
CA VAL D 240 -15.22 5.23 19.45
C VAL D 240 -16.71 5.46 19.66
N ILE D 241 -17.35 6.09 18.70
CA ILE D 241 -18.74 6.53 18.80
C ILE D 241 -19.57 5.65 17.88
N CYS D 242 -20.56 4.98 18.45
CA CYS D 242 -21.45 4.14 17.68
C CYS D 242 -22.73 4.93 17.35
N ILE D 243 -23.05 4.99 16.06
CA ILE D 243 -24.26 5.65 15.59
C ILE D 243 -25.03 4.60 14.80
N HIS D 244 -26.06 4.04 15.40
CA HIS D 244 -26.91 3.06 14.74
C HIS D 244 -28.04 3.78 14.02
N ASP D 245 -28.91 3.02 13.36
CA ASP D 245 -30.05 3.59 12.67
C ASP D 245 -31.12 3.94 13.70
N LEU D 246 -31.41 5.23 13.85
CA LEU D 246 -32.32 5.75 14.84
C LEU D 246 -33.67 6.07 14.22
N ASN D 247 -34.54 6.70 15.00
CA ASN D 247 -35.87 7.06 14.51
C ASN D 247 -35.78 8.09 13.40
N SER D 248 -35.23 9.25 13.70
CA SER D 248 -35.10 10.34 12.76
C SER D 248 -33.65 10.80 12.71
N ILE D 249 -33.40 11.81 11.88
CA ILE D 249 -32.08 12.45 11.87
C ILE D 249 -31.91 13.42 13.02
N TYR D 250 -32.98 13.79 13.70
CA TYR D 250 -32.88 14.70 14.82
C TYR D 250 -32.43 14.03 16.10
N HIS D 251 -32.22 12.71 16.07
CA HIS D 251 -31.72 11.97 17.22
C HIS D 251 -30.22 11.78 17.20
N VAL D 252 -29.54 12.22 16.14
CA VAL D 252 -28.11 12.00 16.00
C VAL D 252 -27.32 12.98 16.85
N PRO D 253 -27.66 14.27 16.92
CA PRO D 253 -26.97 15.14 17.87
C PRO D 253 -27.21 14.76 19.31
N LEU D 254 -28.39 14.22 19.63
CA LEU D 254 -28.65 13.79 21.01
C LEU D 254 -27.84 12.54 21.35
N LEU D 255 -27.72 11.61 20.39
CA LEU D 255 -26.89 10.43 20.61
C LEU D 255 -25.41 10.80 20.66
N MET D 256 -25.00 11.86 19.98
CA MET D 256 -23.62 12.31 20.11
C MET D 256 -23.36 12.97 21.45
N GLU D 257 -24.32 13.73 21.95
CA GLU D 257 -24.17 14.32 23.27
C GLU D 257 -24.27 13.28 24.38
N GLN D 258 -24.91 12.14 24.12
CA GLN D 258 -24.96 11.08 25.12
C GLN D 258 -23.64 10.34 25.23
N ASN D 259 -22.86 10.30 24.17
CA ASN D 259 -21.55 9.65 24.18
C ASN D 259 -20.44 10.58 24.63
N GLY D 260 -20.78 11.75 25.15
CA GLY D 260 -19.77 12.65 25.69
C GLY D 260 -18.82 13.22 24.67
N VAL D 261 -19.32 13.60 23.50
CA VAL D 261 -18.47 14.19 22.48
C VAL D 261 -18.08 15.61 22.86
N ILE D 262 -18.98 16.33 23.54
CA ILE D 262 -18.72 17.74 23.85
C ILE D 262 -17.54 17.87 24.80
N GLU D 263 -17.43 16.98 25.78
CA GLU D 263 -16.32 17.08 26.72
C GLU D 263 -15.00 16.76 26.05
N TYR D 264 -14.98 15.75 25.18
CA TYR D 264 -13.75 15.43 24.47
C TYR D 264 -13.33 16.58 23.57
N LEU D 265 -14.27 17.21 22.86
CA LEU D 265 -13.88 18.32 22.02
C LEU D 265 -13.50 19.55 22.83
N ASN D 266 -14.10 19.73 23.99
CA ASN D 266 -13.76 20.85 24.85
C ASN D 266 -12.35 20.72 25.41
N GLU D 267 -11.89 19.49 25.62
CA GLU D 267 -10.52 19.32 26.09
C GLU D 267 -9.51 19.22 24.97
N ARG D 268 -9.90 18.66 23.82
CA ARG D 268 -8.96 18.39 22.74
C ARG D 268 -8.69 19.62 21.89
N LEU D 269 -9.73 20.40 21.60
CA LEU D 269 -9.56 21.65 20.88
C LEU D 269 -9.39 22.83 21.81
N GLN D 270 -9.44 22.61 23.12
CA GLN D 270 -9.19 23.63 24.12
C GLN D 270 -10.14 24.81 24.00
N LEU D 271 -11.37 24.54 23.55
CA LEU D 271 -12.43 25.51 23.72
C LEU D 271 -12.62 25.76 25.21
N ASN D 272 -13.31 26.85 25.55
CA ASN D 272 -13.49 27.12 26.96
C ASN D 272 -14.96 27.24 27.31
N ILE D 273 -15.77 26.30 26.82
CA ILE D 273 -17.17 26.23 27.21
C ILE D 273 -17.25 26.02 28.71
N ASP D 274 -18.14 26.78 29.36
CA ASP D 274 -18.40 26.62 30.79
C ASP D 274 -19.49 25.58 30.96
N MET D 275 -19.08 24.34 31.18
CA MET D 275 -20.01 23.20 31.19
C MET D 275 -20.82 23.22 32.48
N SER D 276 -21.75 24.17 32.55
CA SER D 276 -22.61 24.30 33.72
C SER D 276 -24.08 24.38 33.38
N LYS D 277 -24.46 25.12 32.34
CA LYS D 277 -25.87 25.29 31.99
C LYS D 277 -26.35 24.00 31.34
N ARG D 278 -26.75 23.06 32.19
CA ARG D 278 -27.29 21.76 31.75
C ARG D 278 -26.34 21.05 30.79
N THR D 279 -25.06 21.40 30.84
CA THR D 279 -24.11 21.08 29.79
C THR D 279 -24.68 21.55 28.45
N LYS D 280 -24.96 22.85 28.39
CA LYS D 280 -25.25 23.56 27.14
C LYS D 280 -26.49 22.98 26.45
N CYS D 281 -27.64 23.28 27.08
CA CYS D 281 -28.94 22.70 26.78
C CYS D 281 -29.23 22.56 25.30
N LEU D 282 -29.47 21.33 24.88
CA LEU D 282 -30.11 21.04 23.60
C LEU D 282 -31.60 20.79 23.84
N GLN D 283 -32.24 21.76 24.49
CA GLN D 283 -33.59 21.55 25.02
C GLN D 283 -34.66 21.51 23.95
N GLN D 284 -34.74 22.53 23.09
CA GLN D 284 -35.76 22.51 22.06
C GLN D 284 -35.46 21.47 20.97
N TRP D 285 -34.21 21.08 20.80
CA TRP D 285 -33.94 19.92 19.94
C TRP D 285 -34.48 18.65 20.57
N ARG D 286 -34.42 18.54 21.90
CA ARG D 286 -35.04 17.41 22.57
C ARG D 286 -36.55 17.42 22.37
N ASP D 287 -37.18 18.59 22.49
CA ASP D 287 -38.61 18.69 22.24
C ASP D 287 -38.96 18.25 20.82
N LEU D 288 -38.21 18.72 19.83
CA LEU D 288 -38.50 18.37 18.44
C LEU D 288 -38.31 16.88 18.19
N ALA D 289 -37.22 16.31 18.70
CA ALA D 289 -36.98 14.88 18.50
C ALA D 289 -38.01 14.04 19.24
N ARG D 290 -38.57 14.55 20.33
CA ARG D 290 -39.64 13.84 21.01
C ARG D 290 -40.93 13.91 20.21
N ARG D 291 -41.25 15.09 19.66
CA ARG D 291 -42.44 15.21 18.82
C ARG D 291 -42.36 14.31 17.60
N THR D 292 -41.15 14.04 17.11
CA THR D 292 -41.04 13.19 15.93
C THR D 292 -41.57 11.78 16.18
N GLU D 293 -41.52 11.30 17.43
CA GLU D 293 -41.96 9.95 17.74
C GLU D 293 -43.26 9.94 18.55
N THR D 294 -43.98 11.05 18.57
CA THR D 294 -45.20 11.21 19.34
C THR D 294 -46.43 11.49 18.50
N VAL D 295 -46.28 12.21 17.37
CA VAL D 295 -47.41 12.62 16.57
C VAL D 295 -48.18 11.41 16.07
N ARG D 296 -49.51 11.51 16.07
CA ARG D 296 -50.38 10.41 15.68
C ARG D 296 -51.34 10.75 14.56
N ARG D 297 -51.96 11.92 14.59
CA ARG D 297 -52.98 12.26 13.60
C ARG D 297 -52.33 12.52 12.24
N GLU D 298 -52.92 11.96 11.20
CA GLU D 298 -52.31 11.97 9.88
C GLU D 298 -52.82 13.13 9.04
N VAL D 299 -51.95 13.61 8.16
CA VAL D 299 -52.32 14.54 7.10
C VAL D 299 -51.67 14.04 5.82
N CYS D 300 -52.45 13.93 4.76
CA CYS D 300 -51.98 13.38 3.49
C CYS D 300 -51.88 14.48 2.45
N ILE D 301 -50.70 14.63 1.87
CA ILE D 301 -50.42 15.67 0.90
C ILE D 301 -49.93 15.01 -0.37
N ALA D 302 -50.37 15.53 -1.52
CA ALA D 302 -49.98 15.02 -2.81
C ALA D 302 -48.89 15.89 -3.42
N VAL D 303 -47.94 15.25 -4.09
CA VAL D 303 -46.82 15.93 -4.75
C VAL D 303 -46.83 15.51 -6.21
N VAL D 304 -47.29 16.40 -7.08
CA VAL D 304 -47.38 16.11 -8.51
C VAL D 304 -46.00 16.38 -9.11
N GLY D 305 -45.19 15.35 -9.21
CA GLY D 305 -43.80 15.50 -9.57
C GLY D 305 -43.38 14.68 -10.77
N LYS D 306 -42.62 15.31 -11.66
CA LYS D 306 -42.15 14.68 -12.88
C LYS D 306 -41.30 13.45 -12.61
N TYR D 307 -40.16 13.63 -11.96
CA TYR D 307 -39.24 12.54 -11.68
C TYR D 307 -39.68 11.90 -10.37
N THR D 308 -40.64 10.97 -10.47
CA THR D 308 -41.23 10.39 -9.27
C THR D 308 -40.20 9.72 -8.38
N LYS D 309 -39.10 9.24 -8.97
CA LYS D 309 -37.98 8.75 -8.18
C LYS D 309 -37.52 9.84 -7.20
N PHE D 310 -37.11 9.41 -6.01
CA PHE D 310 -36.80 10.34 -4.93
C PHE D 310 -35.38 10.13 -4.45
N THR D 311 -34.44 10.09 -5.39
CA THR D 311 -33.03 10.15 -5.03
C THR D 311 -32.69 11.58 -4.62
N ASP D 312 -33.38 12.08 -3.60
CA ASP D 312 -33.22 13.45 -3.12
C ASP D 312 -33.55 14.46 -4.22
N SER D 313 -34.60 14.19 -4.99
CA SER D 313 -34.99 15.09 -6.05
C SER D 313 -36.06 16.09 -5.62
N TYR D 314 -36.63 15.93 -4.43
CA TYR D 314 -37.53 16.92 -3.85
C TYR D 314 -37.20 17.10 -2.38
N ALA D 315 -35.91 17.17 -2.05
CA ALA D 315 -35.47 17.07 -0.67
C ALA D 315 -35.93 18.26 0.16
N SER D 316 -35.62 19.48 -0.29
CA SER D 316 -36.03 20.66 0.46
C SER D 316 -37.53 20.78 0.56
N VAL D 317 -38.26 20.34 -0.47
CA VAL D 317 -39.72 20.39 -0.46
C VAL D 317 -40.28 19.45 0.60
N VAL D 318 -39.84 18.19 0.57
CA VAL D 318 -40.31 17.21 1.54
C VAL D 318 -39.96 17.65 2.95
N LYS D 319 -38.79 18.27 3.13
CA LYS D 319 -38.39 18.66 4.47
C LYS D 319 -39.15 19.88 4.95
N ALA D 320 -39.51 20.79 4.04
CA ALA D 320 -40.39 21.89 4.45
C ALA D 320 -41.74 21.36 4.88
N LEU D 321 -42.24 20.35 4.19
CA LEU D 321 -43.52 19.73 4.58
C LEU D 321 -43.40 19.07 5.95
N GLN D 322 -42.28 18.40 6.22
CA GLN D 322 -42.10 17.77 7.52
C GLN D 322 -41.98 18.79 8.64
N HIS D 323 -41.19 19.84 8.44
CA HIS D 323 -41.08 20.88 9.46
C HIS D 323 -42.40 21.55 9.72
N ALA D 324 -43.25 21.67 8.69
CA ALA D 324 -44.57 22.26 8.88
C ALA D 324 -45.46 21.33 9.67
N ALA D 325 -45.49 20.05 9.30
CA ALA D 325 -46.37 19.10 9.97
C ALA D 325 -45.99 18.88 11.42
N LEU D 326 -44.70 18.92 11.76
CA LEU D 326 -44.31 18.67 13.14
C LEU D 326 -44.76 19.80 14.06
N ALA D 327 -44.68 21.04 13.60
CA ALA D 327 -45.17 22.16 14.41
C ALA D 327 -46.69 22.19 14.50
N VAL D 328 -47.38 21.62 13.51
CA VAL D 328 -48.83 21.46 13.58
C VAL D 328 -49.23 20.26 14.42
N ASN D 329 -48.24 19.45 14.84
CA ASN D 329 -48.46 18.29 15.70
C ASN D 329 -49.25 17.21 14.98
N ARG D 330 -48.85 16.90 13.75
CA ARG D 330 -49.51 15.88 12.98
C ARG D 330 -48.49 15.09 12.16
N LYS D 331 -48.86 13.85 11.84
CA LYS D 331 -48.01 12.98 11.06
C LYS D 331 -48.26 13.21 9.57
N LEU D 332 -47.18 13.26 8.80
CA LEU D 332 -47.25 13.59 7.39
C LEU D 332 -47.13 12.31 6.56
N GLU D 333 -48.11 12.09 5.69
CA GLU D 333 -48.07 10.99 4.74
C GLU D 333 -48.01 11.60 3.35
N LEU D 334 -46.92 11.32 2.63
CA LEU D 334 -46.63 11.98 1.37
C LEU D 334 -46.88 11.04 0.22
N VAL D 335 -47.66 11.49 -0.76
CA VAL D 335 -47.98 10.72 -1.96
C VAL D 335 -47.27 11.36 -3.13
N PHE D 336 -46.58 10.54 -3.92
CA PHE D 336 -45.88 11.01 -5.12
C PHE D 336 -46.67 10.57 -6.34
N ILE D 337 -47.15 11.55 -7.10
CA ILE D 337 -48.01 11.32 -8.25
C ILE D 337 -47.28 11.78 -9.49
N GLU D 338 -47.02 10.86 -10.42
CA GLU D 338 -46.40 11.21 -11.68
C GLU D 338 -47.30 12.18 -12.44
N SER D 339 -46.70 13.24 -12.96
CA SER D 339 -47.49 14.26 -13.66
C SER D 339 -47.85 13.83 -15.06
N CYS D 340 -47.02 12.98 -15.70
CA CYS D 340 -47.31 12.51 -17.04
C CYS D 340 -48.36 11.41 -17.04
N LEU D 341 -48.61 10.77 -15.90
CA LEU D 341 -49.67 9.77 -15.79
C LEU D 341 -51.04 10.38 -15.52
N LEU D 342 -51.18 11.70 -15.70
CA LEU D 342 -52.45 12.38 -15.52
C LEU D 342 -53.07 12.82 -16.83
N GLU D 343 -52.27 13.04 -17.87
CA GLU D 343 -52.83 13.36 -19.18
C GLU D 343 -53.49 12.14 -19.78
N GLU D 344 -54.60 12.34 -20.46
CA GLU D 344 -55.35 11.23 -21.03
C GLU D 344 -54.63 10.53 -22.18
N GLU D 345 -53.38 10.87 -22.50
CA GLU D 345 -52.62 10.05 -23.43
C GLU D 345 -52.37 8.66 -22.84
N THR D 346 -52.07 8.60 -21.55
CA THR D 346 -51.97 7.31 -20.89
C THR D 346 -53.33 6.62 -20.83
N LEU D 347 -54.39 7.40 -20.67
CA LEU D 347 -55.75 6.85 -20.77
C LEU D 347 -55.96 6.15 -22.09
N HIS D 348 -55.49 6.77 -23.19
CA HIS D 348 -55.57 6.13 -24.49
C HIS D 348 -54.69 4.88 -24.54
N SER D 349 -53.54 4.91 -23.87
CA SER D 349 -52.63 3.78 -23.92
C SER D 349 -53.07 2.66 -22.99
N GLU D 350 -53.12 2.92 -21.69
CA GLU D 350 -53.70 1.98 -20.73
C GLU D 350 -54.34 2.73 -19.58
N PRO D 351 -55.65 2.57 -19.38
CA PRO D 351 -56.37 3.36 -18.38
C PRO D 351 -56.15 2.92 -16.93
N SER D 352 -55.51 1.78 -16.69
CA SER D 352 -55.37 1.27 -15.33
C SER D 352 -54.53 2.22 -14.46
N LYS D 353 -53.28 2.45 -14.88
CA LYS D 353 -52.42 3.33 -14.09
C LYS D 353 -52.94 4.76 -14.08
N TYR D 354 -53.53 5.20 -15.19
CA TYR D 354 -54.18 6.51 -15.22
C TYR D 354 -55.20 6.63 -14.09
N HIS D 355 -56.08 5.64 -13.99
CA HIS D 355 -57.15 5.70 -12.99
C HIS D 355 -56.62 5.59 -11.59
N LYS D 356 -55.62 4.74 -11.34
CA LYS D 356 -55.12 4.61 -9.98
C LYS D 356 -54.38 5.87 -9.55
N GLU D 357 -53.60 6.48 -10.44
CA GLU D 357 -52.98 7.76 -10.11
C GLU D 357 -54.00 8.83 -9.85
N TRP D 358 -55.07 8.88 -10.66
CA TRP D 358 -56.08 9.90 -10.41
C TRP D 358 -56.82 9.66 -9.11
N GLN D 359 -56.98 8.41 -8.70
CA GLN D 359 -57.63 8.12 -7.43
C GLN D 359 -56.73 8.53 -6.26
N LYS D 360 -55.43 8.26 -6.37
CA LYS D 360 -54.49 8.72 -5.35
C LYS D 360 -54.50 10.24 -5.23
N LEU D 361 -54.58 10.94 -6.36
CA LEU D 361 -54.70 12.39 -6.30
C LEU D 361 -56.04 12.83 -5.72
N CYS D 362 -57.08 12.03 -5.92
CA CYS D 362 -58.41 12.42 -5.46
C CYS D 362 -58.60 12.23 -3.96
N ASP D 363 -57.98 11.21 -3.37
CA ASP D 363 -58.19 10.93 -1.96
C ASP D 363 -57.21 11.67 -1.05
N SER D 364 -56.65 12.79 -1.49
CA SER D 364 -55.68 13.55 -0.71
C SER D 364 -56.33 14.79 -0.10
N HIS D 365 -55.70 15.31 0.96
CA HIS D 365 -56.22 16.47 1.65
C HIS D 365 -55.65 17.78 1.14
N GLY D 366 -54.52 17.74 0.43
CA GLY D 366 -53.91 18.94 -0.09
C GLY D 366 -52.98 18.60 -1.22
N ILE D 367 -52.73 19.58 -2.08
CA ILE D 367 -51.93 19.39 -3.29
C ILE D 367 -50.75 20.34 -3.24
N LEU D 368 -49.58 19.85 -3.65
CA LEU D 368 -48.37 20.62 -3.75
C LEU D 368 -47.74 20.35 -5.11
N VAL D 369 -47.71 21.35 -5.98
CA VAL D 369 -47.05 21.25 -7.27
C VAL D 369 -45.66 21.88 -7.14
N PRO D 370 -44.59 21.12 -7.22
CA PRO D 370 -43.25 21.69 -7.10
C PRO D 370 -42.74 22.22 -8.43
N GLY D 371 -41.62 22.91 -8.36
CA GLY D 371 -41.06 23.56 -9.53
C GLY D 371 -40.01 22.73 -10.26
N GLY D 372 -40.43 22.08 -11.34
CA GLY D 372 -39.51 21.34 -12.18
C GLY D 372 -38.87 22.25 -13.20
N PHE D 373 -37.54 22.23 -13.25
CA PHE D 373 -36.79 23.03 -14.21
C PHE D 373 -36.93 22.39 -15.59
N GLY D 374 -38.06 22.68 -16.22
CA GLY D 374 -38.37 22.11 -17.52
C GLY D 374 -39.84 22.28 -17.83
N SER D 375 -40.28 21.56 -18.86
CA SER D 375 -41.68 21.57 -19.27
C SER D 375 -42.25 20.17 -19.42
N ARG D 376 -41.52 19.15 -18.98
CA ARG D 376 -41.97 17.77 -19.12
C ARG D 376 -43.02 17.46 -18.07
N GLY D 377 -44.19 17.01 -18.51
CA GLY D 377 -45.26 16.70 -17.58
C GLY D 377 -46.07 17.88 -17.11
N MET D 378 -45.89 19.05 -17.72
CA MET D 378 -46.64 20.23 -17.28
C MET D 378 -48.14 20.06 -17.50
N GLU D 379 -48.53 19.23 -18.47
CA GLU D 379 -49.96 19.01 -18.72
C GLU D 379 -50.65 18.41 -17.50
N GLY D 380 -50.02 17.42 -16.86
CA GLY D 380 -50.57 16.89 -15.63
C GLY D 380 -50.66 17.94 -14.54
N LYS D 381 -49.70 18.86 -14.51
CA LYS D 381 -49.75 19.93 -13.52
C LYS D 381 -50.94 20.84 -13.77
N ILE D 382 -51.25 21.13 -15.04
CA ILE D 382 -52.43 21.94 -15.33
C ILE D 382 -53.69 21.19 -14.92
N ARG D 383 -53.75 19.90 -15.22
CA ARG D 383 -54.94 19.12 -14.86
C ARG D 383 -55.13 19.08 -13.34
N ALA D 384 -54.03 18.95 -12.59
CA ALA D 384 -54.13 18.90 -11.14
C ALA D 384 -54.53 20.24 -10.56
N CYS D 385 -53.96 21.33 -11.06
CA CYS D 385 -54.38 22.66 -10.62
C CYS D 385 -55.86 22.89 -10.91
N GLN D 386 -56.34 22.44 -12.07
CA GLN D 386 -57.75 22.59 -12.40
C GLN D 386 -58.64 21.79 -11.46
N TRP D 387 -58.29 20.51 -11.26
CA TRP D 387 -59.06 19.67 -10.35
C TRP D 387 -59.14 20.28 -8.96
N ALA D 388 -58.02 20.77 -8.45
CA ALA D 388 -58.02 21.39 -7.13
C ALA D 388 -58.79 22.70 -7.13
N ARG D 389 -58.86 23.38 -8.27
CA ARG D 389 -59.58 24.65 -8.30
C ARG D 389 -61.08 24.44 -8.29
N GLU D 390 -61.56 23.40 -8.96
CA GLU D 390 -63.00 23.14 -9.05
C GLU D 390 -63.48 22.13 -8.02
N ASN D 391 -62.69 21.86 -6.97
CA ASN D 391 -63.11 20.97 -5.90
C ASN D 391 -62.87 21.54 -4.52
N GLN D 392 -62.40 22.79 -4.42
CA GLN D 392 -62.14 23.45 -3.14
C GLN D 392 -61.13 22.68 -2.29
N LYS D 393 -60.08 22.17 -2.95
CA LYS D 393 -59.00 21.47 -2.28
C LYS D 393 -57.80 22.39 -2.14
N PRO D 394 -57.16 22.46 -0.97
CA PRO D 394 -56.08 23.43 -0.78
C PRO D 394 -54.85 23.09 -1.60
N LEU D 395 -54.21 24.11 -2.16
CA LEU D 395 -53.11 23.94 -3.09
C LEU D 395 -52.06 25.03 -2.87
N LEU D 396 -50.80 24.64 -3.02
CA LEU D 396 -49.66 25.55 -3.03
C LEU D 396 -48.77 25.23 -4.21
N GLY D 397 -48.43 26.24 -5.00
CA GLY D 397 -47.59 26.06 -6.17
C GLY D 397 -46.28 26.80 -6.01
N ILE D 398 -45.21 26.20 -6.54
CA ILE D 398 -43.84 26.63 -6.25
C ILE D 398 -43.11 26.84 -7.57
N CYS D 399 -43.05 28.08 -8.03
CA CYS D 399 -42.18 28.58 -9.10
C CYS D 399 -42.56 28.04 -10.48
N LEU D 400 -43.38 27.02 -10.49
CA LEU D 400 -44.02 26.54 -11.71
C LEU D 400 -45.49 26.24 -11.50
N GLY D 401 -45.91 25.92 -10.29
CA GLY D 401 -47.32 25.93 -9.96
C GLY D 401 -47.94 27.30 -10.08
N LEU D 402 -47.14 28.37 -10.04
CA LEU D 402 -47.66 29.68 -10.35
C LEU D 402 -48.00 29.80 -11.83
N GLN D 403 -47.05 29.42 -12.69
CA GLN D 403 -47.32 29.43 -14.12
C GLN D 403 -48.47 28.49 -14.48
N ALA D 404 -48.45 27.27 -13.95
CA ALA D 404 -49.51 26.32 -14.25
C ALA D 404 -50.86 26.81 -13.73
N ALA D 405 -50.86 27.44 -12.55
CA ALA D 405 -52.11 27.93 -11.99
C ALA D 405 -52.68 29.05 -12.84
N VAL D 406 -51.85 30.01 -13.24
CA VAL D 406 -52.37 31.11 -14.05
C VAL D 406 -52.77 30.61 -15.43
N ILE D 407 -52.08 29.59 -15.96
CA ILE D 407 -52.44 29.05 -17.26
C ILE D 407 -53.80 28.38 -17.20
N GLU D 408 -54.03 27.52 -16.22
CA GLU D 408 -55.33 26.86 -16.12
C GLU D 408 -56.43 27.86 -15.79
N PHE D 409 -56.11 28.89 -15.00
CA PHE D 409 -57.10 29.92 -14.70
C PHE D 409 -57.55 30.62 -15.97
N ALA D 410 -56.59 31.14 -16.75
CA ALA D 410 -56.94 31.74 -18.03
C ALA D 410 -57.75 30.77 -18.88
N ARG D 411 -57.19 29.58 -19.14
CA ARG D 411 -57.81 28.59 -20.00
C ARG D 411 -59.28 28.36 -19.64
N ASN D 412 -59.54 27.89 -18.42
CA ASN D 412 -60.86 27.40 -18.06
C ASN D 412 -61.65 28.39 -17.22
N LYS D 413 -61.28 29.67 -17.21
CA LYS D 413 -62.15 30.66 -16.60
C LYS D 413 -62.28 31.95 -17.39
N LEU D 414 -61.40 32.23 -18.36
CA LEU D 414 -61.49 33.46 -19.14
C LEU D 414 -61.56 33.19 -20.64
N GLY D 415 -61.68 31.92 -21.05
CA GLY D 415 -61.94 31.59 -22.44
C GLY D 415 -60.75 31.57 -23.36
N LEU D 416 -59.55 31.91 -22.88
CA LEU D 416 -58.35 31.91 -23.72
C LEU D 416 -57.83 30.48 -23.83
N LYS D 417 -58.61 29.65 -24.53
CA LYS D 417 -58.36 28.21 -24.60
C LYS D 417 -57.04 27.85 -25.25
N ASP D 418 -56.33 28.81 -25.83
CA ASP D 418 -55.02 28.56 -26.44
C ASP D 418 -53.88 29.18 -25.64
N ALA D 419 -54.12 29.47 -24.37
CA ALA D 419 -53.07 30.03 -23.52
C ALA D 419 -52.04 28.98 -23.18
N ASN D 420 -50.77 29.34 -23.30
CA ASN D 420 -49.67 28.42 -23.02
C ASN D 420 -48.43 29.24 -22.72
N THR D 421 -47.28 28.58 -22.73
CA THR D 421 -46.01 29.20 -22.40
C THR D 421 -45.23 29.54 -23.67
N THR D 422 -44.12 30.24 -23.47
CA THR D 422 -43.03 30.25 -24.43
C THR D 422 -41.92 29.29 -24.05
N GLU D 423 -42.00 28.69 -22.86
CA GLU D 423 -41.15 27.55 -22.52
C GLU D 423 -41.20 26.51 -23.63
N ILE D 424 -42.40 25.98 -23.88
CA ILE D 424 -42.68 25.18 -25.06
C ILE D 424 -43.85 25.83 -25.78
N ASP D 425 -44.03 25.45 -27.04
CA ASP D 425 -45.00 26.05 -27.93
C ASP D 425 -44.75 27.55 -27.96
N PRO D 426 -43.62 27.99 -28.54
CA PRO D 426 -43.33 29.43 -28.62
C PRO D 426 -44.16 30.14 -29.66
N ASN D 427 -44.95 29.41 -30.44
CA ASN D 427 -45.83 29.98 -31.45
C ASN D 427 -47.24 30.00 -30.88
N THR D 428 -47.58 31.10 -30.20
CA THR D 428 -48.89 31.24 -29.58
C THR D 428 -49.26 32.71 -29.55
N ALA D 429 -50.50 33.01 -29.97
CA ALA D 429 -50.98 34.38 -29.90
C ALA D 429 -51.13 34.84 -28.45
N ASN D 430 -51.64 33.95 -27.60
CA ASN D 430 -51.90 34.28 -26.19
C ASN D 430 -50.76 33.72 -25.34
N ALA D 431 -49.64 34.45 -25.31
CA ALA D 431 -48.50 34.08 -24.48
C ALA D 431 -48.80 34.55 -23.06
N LEU D 432 -49.31 33.64 -22.22
CA LEU D 432 -49.67 34.02 -20.86
C LEU D 432 -48.42 34.24 -20.01
N VAL D 433 -47.38 33.44 -20.22
CA VAL D 433 -46.10 33.63 -19.55
C VAL D 433 -45.08 34.09 -20.59
N ILE D 434 -44.28 35.06 -20.20
CA ILE D 434 -43.27 35.65 -21.08
C ILE D 434 -41.92 35.49 -20.43
N ASP D 435 -40.88 36.05 -21.04
CA ASP D 435 -39.52 35.95 -20.54
C ASP D 435 -39.00 37.36 -20.30
N MET D 436 -38.93 37.77 -19.03
CA MET D 436 -38.46 39.09 -18.63
C MET D 436 -37.16 38.93 -17.84
N PRO D 437 -36.03 38.80 -18.53
CA PRO D 437 -34.78 38.52 -17.82
C PRO D 437 -34.30 39.72 -17.00
N GLU D 438 -33.30 39.46 -16.17
CA GLU D 438 -32.71 40.50 -15.34
C GLU D 438 -31.66 41.26 -16.12
N HIS D 439 -31.67 42.59 -16.00
CA HIS D 439 -30.71 43.47 -16.65
C HIS D 439 -30.06 44.33 -15.57
N HIS D 440 -29.01 43.80 -14.95
CA HIS D 440 -28.22 44.54 -13.99
C HIS D 440 -26.90 44.96 -14.61
N THR D 441 -26.41 46.14 -14.23
CA THR D 441 -25.17 46.66 -14.78
C THR D 441 -24.02 45.71 -14.46
N GLY D 442 -23.41 45.17 -15.51
CA GLY D 442 -22.43 44.11 -15.37
C GLY D 442 -22.87 42.89 -16.16
N GLN D 443 -23.89 43.10 -17.00
CA GLN D 443 -24.45 42.06 -17.84
C GLN D 443 -24.41 42.51 -19.29
N LEU D 444 -24.12 41.57 -20.18
CA LEU D 444 -24.32 41.74 -21.62
C LEU D 444 -25.31 40.67 -22.05
N GLY D 445 -26.59 41.04 -22.07
CA GLY D 445 -27.66 40.10 -22.29
C GLY D 445 -28.59 40.02 -21.10
N GLY D 446 -29.02 38.82 -20.72
CA GLY D 446 -29.89 38.66 -19.57
C GLY D 446 -29.75 37.30 -18.90
N THR D 447 -29.92 37.26 -17.59
CA THR D 447 -29.83 36.04 -16.82
C THR D 447 -31.00 35.95 -15.84
N MET D 448 -31.09 34.81 -15.15
CA MET D 448 -32.21 34.56 -14.26
C MET D 448 -32.22 35.54 -13.10
N ARG D 449 -33.37 35.59 -12.43
CA ARG D 449 -33.43 36.19 -11.10
C ARG D 449 -32.95 35.12 -10.12
N LEU D 450 -31.79 35.37 -9.52
CA LEU D 450 -31.05 34.36 -8.77
C LEU D 450 -30.63 34.95 -7.44
N GLY D 451 -31.12 34.37 -6.35
CA GLY D 451 -30.69 34.76 -5.03
C GLY D 451 -31.78 35.48 -4.27
N LYS D 452 -31.36 36.10 -3.18
CA LYS D 452 -32.29 36.75 -2.27
C LYS D 452 -32.78 38.07 -2.85
N ARG D 453 -34.10 38.22 -2.95
CA ARG D 453 -34.72 39.43 -3.44
C ARG D 453 -35.83 39.87 -2.49
N ILE D 454 -36.11 41.16 -2.49
CA ILE D 454 -37.13 41.73 -1.62
C ILE D 454 -38.49 41.68 -2.31
N THR D 455 -39.54 41.50 -1.51
CA THR D 455 -40.91 41.38 -2.00
C THR D 455 -41.82 42.21 -1.12
N VAL D 456 -42.66 43.04 -1.74
CA VAL D 456 -43.58 43.89 -1.01
C VAL D 456 -45.01 43.46 -1.31
N PHE D 457 -45.83 43.39 -0.27
CA PHE D 457 -47.22 42.99 -0.41
C PHE D 457 -48.07 44.16 -0.86
N SER D 458 -49.28 43.86 -1.32
CA SER D 458 -50.14 44.86 -1.95
C SER D 458 -51.11 45.53 -0.96
N ASP D 459 -51.99 44.75 -0.32
CA ASP D 459 -53.09 45.34 0.43
C ASP D 459 -53.42 44.45 1.63
N GLY D 460 -54.58 44.72 2.22
CA GLY D 460 -54.97 44.13 3.49
C GLY D 460 -55.50 42.71 3.42
N PRO D 461 -56.59 42.49 2.68
CA PRO D 461 -57.26 41.17 2.72
C PRO D 461 -56.50 40.07 2.03
N SER D 462 -55.56 39.44 2.75
CA SER D 462 -54.85 38.28 2.24
C SER D 462 -54.36 37.45 3.43
N VAL D 463 -54.28 36.14 3.24
CA VAL D 463 -53.85 35.27 4.33
C VAL D 463 -52.33 35.15 4.38
N ILE D 464 -51.66 35.22 3.22
CA ILE D 464 -50.21 35.08 3.20
C ILE D 464 -49.55 36.20 3.98
N ARG D 465 -50.15 37.38 3.97
CA ARG D 465 -49.61 38.45 4.81
C ARG D 465 -49.76 38.11 6.29
N GLN D 466 -50.82 37.38 6.65
CA GLN D 466 -51.04 37.00 8.04
C GLN D 466 -50.04 35.92 8.49
N LEU D 467 -49.86 34.89 7.68
CA LEU D 467 -48.95 33.81 8.03
C LEU D 467 -47.51 34.32 8.15
N TYR D 468 -47.17 35.40 7.46
CA TYR D 468 -45.84 35.98 7.53
C TYR D 468 -45.67 36.93 8.70
N GLY D 469 -46.64 37.01 9.61
CA GLY D 469 -46.56 37.94 10.71
C GLY D 469 -46.88 39.37 10.36
N ASN D 470 -47.66 39.59 9.31
CA ASN D 470 -48.01 40.92 8.83
C ASN D 470 -46.81 41.87 8.72
N PRO D 471 -45.80 41.53 7.91
CA PRO D 471 -44.72 42.47 7.63
C PRO D 471 -45.00 43.23 6.34
N LYS D 472 -44.20 44.27 6.11
CA LYS D 472 -44.34 45.02 4.87
C LYS D 472 -43.60 44.35 3.74
N SER D 473 -42.50 43.65 4.03
CA SER D 473 -41.70 43.00 3.00
C SER D 473 -41.23 41.64 3.51
N VAL D 474 -40.68 40.86 2.59
CA VAL D 474 -40.13 39.54 2.92
C VAL D 474 -39.05 39.20 1.90
N GLN D 475 -37.91 38.73 2.40
CA GLN D 475 -36.80 38.35 1.54
C GLN D 475 -36.83 36.85 1.31
N GLU D 476 -36.82 36.45 0.04
CA GLU D 476 -36.92 35.05 -0.33
C GLU D 476 -35.88 34.77 -1.40
N ARG D 477 -35.91 33.57 -1.97
CA ARG D 477 -34.89 33.14 -2.92
C ARG D 477 -35.53 32.74 -4.24
N HIS D 478 -35.05 33.33 -5.33
CA HIS D 478 -35.62 33.15 -6.65
C HIS D 478 -34.63 32.40 -7.54
N ARG D 479 -35.16 31.51 -8.38
CA ARG D 479 -34.39 30.84 -9.41
C ARG D 479 -35.20 30.67 -10.68
N HIS D 480 -35.92 31.71 -11.08
CA HIS D 480 -36.82 31.63 -12.22
C HIS D 480 -36.33 32.48 -13.37
N ARG D 481 -36.93 32.26 -14.54
CA ARG D 481 -36.63 33.04 -15.72
C ARG D 481 -37.87 33.67 -16.34
N TYR D 482 -39.00 32.96 -16.35
CA TYR D 482 -40.22 33.42 -17.00
C TYR D 482 -41.19 34.00 -15.99
N GLU D 483 -41.93 35.02 -16.43
CA GLU D 483 -42.95 35.65 -15.59
C GLU D 483 -44.29 35.64 -16.31
N VAL D 484 -45.26 36.37 -15.77
CA VAL D 484 -46.56 36.54 -16.41
C VAL D 484 -46.63 37.95 -16.99
N ASN D 485 -47.50 38.11 -18.00
CA ASN D 485 -47.54 39.35 -18.78
C ASN D 485 -48.53 40.33 -18.16
N PRO D 486 -48.11 41.57 -17.88
CA PRO D 486 -48.97 42.50 -17.11
C PRO D 486 -50.32 42.79 -17.74
N LYS D 487 -50.42 42.82 -19.07
CA LYS D 487 -51.71 42.93 -19.73
C LYS D 487 -52.67 41.93 -19.10
N TYR D 488 -52.28 40.66 -19.06
CA TYR D 488 -53.15 39.64 -18.51
C TYR D 488 -53.26 39.73 -17.00
N VAL D 489 -52.26 40.29 -16.30
CA VAL D 489 -52.37 40.36 -14.84
C VAL D 489 -53.47 41.35 -14.46
N HIS D 490 -53.69 42.38 -15.28
CA HIS D 490 -54.87 43.18 -14.99
C HIS D 490 -56.11 42.70 -15.74
N LEU D 491 -55.95 41.84 -16.74
CA LEU D 491 -57.10 41.20 -17.35
C LEU D 491 -57.79 40.27 -16.36
N LEU D 492 -57.09 39.26 -15.89
CA LEU D 492 -57.65 38.30 -14.93
C LEU D 492 -57.39 38.72 -13.48
N GLU D 493 -57.75 39.96 -13.16
CA GLU D 493 -57.83 40.39 -11.77
C GLU D 493 -59.25 40.73 -11.36
N GLU D 494 -60.12 41.04 -12.32
CA GLU D 494 -61.54 41.22 -12.07
C GLU D 494 -62.24 39.90 -11.78
N GLN D 495 -61.62 38.78 -12.12
CA GLN D 495 -62.28 37.49 -12.14
C GLN D 495 -62.00 36.65 -10.91
N GLY D 496 -61.12 37.09 -10.02
CA GLY D 496 -60.92 36.40 -8.77
C GLY D 496 -59.48 36.08 -8.44
N MET D 497 -58.54 36.50 -9.28
CA MET D 497 -57.13 36.17 -9.13
C MET D 497 -56.40 37.42 -8.64
N ARG D 498 -56.31 37.59 -7.33
CA ARG D 498 -55.66 38.74 -6.74
C ARG D 498 -54.16 38.52 -6.62
N PHE D 499 -53.40 39.57 -6.91
CA PHE D 499 -51.94 39.54 -6.81
C PHE D 499 -51.52 40.27 -5.54
N VAL D 500 -50.95 39.54 -4.59
CA VAL D 500 -50.76 40.05 -3.24
C VAL D 500 -49.38 40.67 -3.05
N GLY D 501 -48.35 40.12 -3.69
CA GLY D 501 -47.00 40.61 -3.49
C GLY D 501 -46.23 40.64 -4.78
N THR D 502 -45.31 41.60 -4.86
CA THR D 502 -44.42 41.70 -6.00
C THR D 502 -43.22 42.55 -5.61
N ASP D 503 -42.41 42.90 -6.60
CA ASP D 503 -41.15 43.58 -6.38
C ASP D 503 -41.38 45.02 -5.96
N VAL D 504 -40.29 45.80 -5.92
CA VAL D 504 -40.41 47.20 -5.56
C VAL D 504 -40.82 48.02 -6.78
N ASP D 505 -40.51 47.55 -7.99
CA ASP D 505 -40.84 48.27 -9.21
C ASP D 505 -42.16 47.82 -9.81
N LYS D 506 -42.79 46.79 -9.24
CA LYS D 506 -44.12 46.32 -9.65
C LYS D 506 -44.17 45.93 -11.13
N THR D 507 -43.08 45.41 -11.67
CA THR D 507 -43.07 45.00 -13.06
C THR D 507 -43.22 43.49 -13.22
N ARG D 508 -43.05 42.71 -12.14
CA ARG D 508 -43.26 41.28 -12.17
C ARG D 508 -44.26 40.93 -11.08
N MET D 509 -44.74 39.69 -11.10
CA MET D 509 -45.72 39.22 -10.14
C MET D 509 -45.18 37.96 -9.48
N GLU D 510 -45.33 37.88 -8.15
CA GLU D 510 -44.68 36.84 -7.36
C GLU D 510 -45.65 35.97 -6.59
N ILE D 511 -46.72 36.54 -6.03
CA ILE D 511 -47.67 35.79 -5.23
C ILE D 511 -49.07 36.06 -5.76
N ILE D 512 -49.72 35.01 -6.26
CA ILE D 512 -51.13 35.07 -6.62
C ILE D 512 -51.92 34.33 -5.55
N GLU D 513 -53.17 34.73 -5.38
CA GLU D 513 -54.06 34.14 -4.38
C GLU D 513 -55.49 34.30 -4.87
N LEU D 514 -56.06 33.26 -5.45
CA LEU D 514 -57.42 33.37 -5.97
C LEU D 514 -58.40 33.26 -4.81
N SER D 515 -59.18 34.31 -4.60
CA SER D 515 -60.14 34.35 -3.52
C SER D 515 -61.38 33.55 -3.86
N GLY D 516 -62.18 33.26 -2.83
CA GLY D 516 -63.27 32.31 -2.98
C GLY D 516 -62.79 30.88 -2.96
N HIS D 517 -61.83 30.56 -2.09
CA HIS D 517 -61.20 29.26 -2.02
C HIS D 517 -60.54 29.17 -0.66
N PRO D 518 -60.55 28.00 0.00
CA PRO D 518 -59.90 27.88 1.31
C PRO D 518 -58.45 28.31 1.29
N TYR D 519 -57.64 27.67 0.45
CA TYR D 519 -56.21 27.98 0.37
C TYR D 519 -55.74 27.64 -1.03
N PHE D 520 -55.67 28.66 -1.89
CA PHE D 520 -55.16 28.51 -3.26
C PHE D 520 -54.20 29.67 -3.50
N VAL D 521 -52.90 29.44 -3.25
CA VAL D 521 -51.89 30.46 -3.43
C VAL D 521 -50.75 29.87 -4.25
N ALA D 522 -49.89 30.76 -4.75
CA ALA D 522 -48.75 30.36 -5.55
C ALA D 522 -47.64 31.40 -5.37
N THR D 523 -46.40 30.96 -5.58
CA THR D 523 -45.24 31.81 -5.37
C THR D 523 -44.21 31.55 -6.47
N GLN D 524 -43.60 32.63 -6.97
CA GLN D 524 -42.53 32.47 -7.96
C GLN D 524 -41.25 31.99 -7.30
N TYR D 525 -40.98 32.40 -6.07
CA TYR D 525 -39.77 32.00 -5.37
C TYR D 525 -39.92 30.60 -4.81
N HIS D 526 -38.89 30.16 -4.09
CA HIS D 526 -38.96 28.89 -3.39
C HIS D 526 -38.97 29.15 -1.89
N PRO D 527 -40.07 28.85 -1.20
CA PRO D 527 -40.09 29.06 0.25
C PRO D 527 -39.42 27.96 1.03
N GLU D 528 -39.10 26.84 0.39
CA GLU D 528 -38.49 25.70 1.04
C GLU D 528 -36.99 25.83 1.22
N TYR D 529 -36.40 26.96 0.82
CA TYR D 529 -34.99 27.20 1.05
C TYR D 529 -34.71 27.90 2.36
N LEU D 530 -35.73 28.52 2.96
CA LEU D 530 -35.57 29.17 4.25
C LEU D 530 -36.31 28.44 5.37
N SER D 531 -36.70 27.19 5.13
CA SER D 531 -37.39 26.39 6.12
C SER D 531 -36.38 25.71 7.02
N ARG D 532 -36.54 25.87 8.33
CA ARG D 532 -35.65 25.30 9.33
C ARG D 532 -36.42 24.35 10.23
N PRO D 533 -35.73 23.41 10.88
CA PRO D 533 -36.44 22.50 11.79
C PRO D 533 -37.17 23.20 12.92
N LEU D 534 -36.65 24.30 13.42
CA LEU D 534 -37.24 24.98 14.56
C LEU D 534 -38.02 26.24 14.19
N LYS D 535 -38.19 26.52 12.89
CA LYS D 535 -39.08 27.58 12.43
C LYS D 535 -39.53 27.29 11.00
N PRO D 536 -40.73 26.76 10.82
CA PRO D 536 -41.19 26.37 9.48
C PRO D 536 -41.42 27.56 8.56
N SER D 537 -41.84 27.30 7.32
CA SER D 537 -42.09 28.47 6.50
C SER D 537 -43.58 28.70 6.34
N PRO D 538 -44.01 29.96 6.37
CA PRO D 538 -45.44 30.28 6.47
C PRO D 538 -46.29 29.73 5.34
N PRO D 539 -45.82 29.72 4.08
CA PRO D 539 -46.64 29.07 3.04
C PRO D 539 -46.96 27.60 3.32
N PHE D 540 -45.95 26.80 3.65
CA PHE D 540 -46.21 25.40 3.97
C PHE D 540 -46.98 25.25 5.27
N LEU D 541 -46.74 26.15 6.22
CA LEU D 541 -47.52 26.14 7.45
C LEU D 541 -48.99 26.30 7.15
N GLY D 542 -49.34 27.26 6.30
CA GLY D 542 -50.73 27.45 5.95
C GLY D 542 -51.29 26.30 5.13
N LEU D 543 -50.48 25.73 4.25
CA LEU D 543 -50.94 24.58 3.48
C LEU D 543 -51.27 23.39 4.37
N ILE D 544 -50.50 23.20 5.44
CA ILE D 544 -50.79 22.11 6.37
C ILE D 544 -51.99 22.45 7.25
N LEU D 545 -52.06 23.69 7.73
CA LEU D 545 -53.19 24.10 8.55
C LEU D 545 -54.51 24.12 7.79
N ALA D 546 -54.46 24.21 6.47
CA ALA D 546 -55.68 24.20 5.68
C ALA D 546 -56.12 22.79 5.34
N SER D 547 -55.17 21.90 5.07
CA SER D 547 -55.50 20.53 4.69
C SER D 547 -56.05 19.72 5.83
N VAL D 548 -56.11 20.27 7.03
CA VAL D 548 -56.65 19.57 8.18
C VAL D 548 -57.65 20.48 8.88
N ASP D 549 -58.03 21.56 8.19
CA ASP D 549 -59.11 22.46 8.62
C ASP D 549 -58.77 23.13 9.95
N ARG D 550 -57.53 23.57 10.08
CA ARG D 550 -57.09 24.29 11.27
C ARG D 550 -56.60 25.70 10.94
N LEU D 551 -56.82 26.17 9.72
CA LEU D 551 -56.24 27.43 9.28
C LEU D 551 -56.93 28.62 9.95
N ASN D 552 -58.25 28.73 9.81
CA ASN D 552 -58.98 29.87 10.36
C ASN D 552 -58.78 29.97 11.87
N GLN D 553 -58.82 28.83 12.56
CA GLN D 553 -58.55 28.82 13.99
C GLN D 553 -57.15 29.33 14.31
N TYR D 554 -56.16 29.06 13.46
CA TYR D 554 -54.81 29.53 13.70
C TYR D 554 -54.66 31.02 13.42
N ILE D 555 -55.48 31.57 12.53
CA ILE D 555 -55.35 32.98 12.16
C ILE D 555 -55.62 33.87 13.37
N GLN D 556 -56.57 33.49 14.21
CA GLN D 556 -56.91 34.28 15.38
C GLN D 556 -56.08 33.90 16.60
N1 CTP E . 12.37 -10.73 2.19
C2 CTP E . 11.15 -10.38 2.70
N3 CTP E . 10.14 -9.98 1.88
C4 CTP E . 10.32 -9.99 0.52
C5 CTP E . 11.57 -10.31 0.00
C6 CTP E . 12.60 -10.67 0.86
O2 CTP E . 10.98 -10.42 3.90
N4 CTP E . 9.31 -9.69 -0.28
C1' CTP E . 13.44 -10.93 3.15
C2' CTP E . 14.04 -12.31 3.06
O2' CTP E . 13.47 -13.15 4.02
C3' CTP E . 15.47 -12.11 3.41
C4' CTP E . 15.71 -10.63 3.31
O4' CTP E . 14.49 -10.03 2.90
O3' CTP E . 15.65 -12.49 4.75
C5' CTP E . 16.78 -10.33 2.28
O5' CTP E . 17.30 -9.05 2.54
PA CTP E . 17.69 -8.13 1.31
O1A CTP E . 17.42 -6.71 1.61
O2A CTP E . 19.13 -8.39 1.00
O3A CTP E . 16.75 -8.66 0.14
PB CTP E . 17.26 -8.96 -1.34
O1B CTP E . 16.19 -9.74 -2.04
O2B CTP E . 18.56 -9.72 -1.32
O3B CTP E . 17.39 -7.54 -2.03
PG CTP E . 18.79 -6.81 -2.33
O1G CTP E . 18.66 -5.39 -1.92
O2G CTP E . 19.07 -6.90 -3.79
O3G CTP E . 19.93 -7.43 -1.59
N1 CTP F . 30.82 -2.00 12.77
C2 CTP F . 31.76 -1.69 13.72
N3 CTP F . 31.36 -1.32 14.99
C4 CTP F . 30.05 -0.99 15.19
C5 CTP F . 29.13 -1.18 14.18
C6 CTP F . 29.55 -1.52 12.91
O2 CTP F . 32.94 -1.75 13.44
N4 CTP F . 29.67 -0.48 16.35
C1' CTP F . 31.26 -2.61 11.50
C2' CTP F . 30.48 -3.88 11.24
O2' CTP F . 31.26 -5.01 11.52
C3' CTP F . 30.13 -3.84 9.77
C4' CTP F . 30.49 -2.44 9.32
O4' CTP F . 31.00 -1.74 10.42
O3' CTP F . 30.91 -4.79 9.08
C5' CTP F . 29.23 -1.75 8.84
O5' CTP F . 28.34 -1.73 9.93
PA CTP F . 26.76 -1.81 9.69
O1A CTP F . 26.26 -0.44 9.99
O2A CTP F . 26.08 -2.83 10.54
O3A CTP F . 26.67 -2.15 8.14
PB CTP F . 25.55 -3.15 7.55
O1B CTP F . 25.38 -4.30 8.49
O2B CTP F . 25.96 -3.62 6.20
O3B CTP F . 24.23 -2.26 7.50
PG CTP F . 22.86 -2.77 8.14
O1G CTP F . 22.38 -3.98 7.40
O2G CTP F . 21.85 -1.68 8.03
O3G CTP F . 23.06 -3.10 9.58
MG MG G . 24.76 -4.38 10.70
MG MG H . 13.19 16.94 -7.08
MG MG I . 20.66 -9.18 -0.46
N1 CTP J . 4.72 14.65 -6.00
C2 CTP J . 3.67 13.78 -6.00
N3 CTP J . 3.35 13.07 -4.88
C4 CTP J . 4.04 13.29 -3.71
C5 CTP J . 5.13 14.15 -3.72
C6 CTP J . 5.48 14.81 -4.89
O2 CTP J . 3.04 13.63 -7.02
N4 CTP J . 3.66 12.67 -2.61
C1' CTP J . 5.13 15.19 -7.29
C2' CTP J . 5.07 16.70 -7.32
O2' CTP J . 3.87 17.13 -7.88
C3' CTP J . 6.19 17.08 -8.24
C4' CTP J . 7.04 15.84 -8.37
O4' CTP J . 6.46 14.84 -7.56
O3' CTP J . 5.63 17.37 -9.49
C5' CTP J . 8.44 16.12 -7.90
O5' CTP J . 9.30 15.15 -8.46
PA CTP J . 10.50 14.60 -7.58
O1A CTP J . 10.75 13.17 -7.88
O2A CTP J . 11.69 15.47 -7.86
O3A CTP J . 9.98 14.79 -6.09
PB CTP J . 10.87 15.42 -4.93
O1B CTP J . 9.96 15.74 -3.79
O2B CTP J . 11.61 16.64 -5.40
O3B CTP J . 11.85 14.25 -4.49
PG CTP J . 13.41 14.20 -4.84
O1G CTP J . 13.73 12.82 -5.29
O2G CTP J . 14.19 14.53 -3.61
O3G CTP J . 13.79 15.16 -5.92
N1 CTP K . 19.11 13.45 -23.89
C2 CTP K . 19.62 13.48 -25.17
N3 CTP K . 18.93 12.86 -26.19
C4 CTP K . 17.92 12.00 -25.87
C5 CTP K . 17.51 11.87 -24.56
C6 CTP K . 18.22 12.48 -23.55
O2 CTP K . 20.67 14.04 -25.38
N4 CTP K . 17.36 11.27 -26.82
C1' CTP K . 19.73 14.31 -22.86
C2' CTP K . 18.67 15.15 -22.19
O2' CTP K . 18.72 16.48 -22.65
C3' CTP K . 19.00 15.11 -20.71
C4' CTP K . 20.05 14.04 -20.57
O4' CTP K . 20.32 13.51 -21.84
O3' CTP K . 19.52 16.35 -20.31
C5' CTP K . 19.51 12.93 -19.70
O5' CTP K . 18.35 12.44 -20.33
PA CTP K . 17.13 11.87 -19.46
O1A CTP K . 17.17 10.40 -19.66
O2A CTP K . 15.81 12.44 -19.87
O3A CTP K . 17.54 12.30 -17.98
PB CTP K . 16.45 12.78 -16.91
O1B CTP K . 15.45 13.68 -17.58
O2B CTP K . 17.13 13.50 -15.80
O3B CTP K . 15.76 11.44 -16.40
PG CTP K . 14.18 11.26 -16.39
O1G CTP K . 13.59 12.23 -15.41
O2G CTP K . 13.85 9.87 -15.98
O3G CTP K . 13.63 11.52 -17.75
MG MG L . 14.03 13.27 -19.34
N1 CTP M . -4.33 -10.66 11.86
C2 CTP M . -3.34 -10.40 10.95
N3 CTP M . -2.96 -9.13 10.67
C4 CTP M . -3.53 -8.08 11.35
C5 CTP M . -4.57 -8.33 12.25
C6 CTP M . -4.97 -9.64 12.48
O2 CTP M . -2.81 -11.34 10.39
N4 CTP M . -3.10 -6.85 11.14
C1' CTP M . -4.82 -12.02 11.92
C2' CTP M . -4.67 -12.61 13.31
O2' CTP M . -3.50 -13.37 13.40
C3' CTP M . -5.84 -13.54 13.43
C4' CTP M . -6.78 -13.15 12.31
O4' CTP M . -6.19 -12.07 11.62
O3' CTP M . -5.38 -14.84 13.20
C5' CTP M . -8.12 -12.73 12.87
O5' CTP M . -9.07 -12.85 11.84
PA CTP M . -10.22 -11.75 11.76
O1A CTP M . -11.38 -12.26 12.57
O2A CTP M . -10.59 -11.49 10.34
O3A CTP M . -9.56 -10.47 12.42
PB CTP M . -10.30 -9.57 13.51
O1B CTP M . -10.99 -10.41 14.54
O2B CTP M . -9.28 -8.68 14.13
O3B CTP M . -11.32 -8.67 12.67
PG CTP M . -12.89 -8.88 12.64
O1G CTP M . -13.31 -10.21 13.18
O2G CTP M . -13.34 -8.77 11.23
O3G CTP M . -13.53 -7.82 13.46
N1 CTP N . -20.32 -25.94 5.58
C2 CTP N . -20.94 -27.10 5.18
N3 CTP N . -20.39 -27.86 4.18
C4 CTP N . -19.41 -27.32 3.40
C5 CTP N . -18.89 -26.08 3.72
C6 CTP N . -19.47 -25.32 4.72
O2 CTP N . -21.97 -27.44 5.73
N4 CTP N . -18.99 -27.96 2.33
C1' CTP N . -20.80 -25.25 6.80
C2' CTP N . -19.63 -25.01 7.73
O2' CTP N . -19.64 -25.91 8.80
C3' CTP N . -19.82 -23.61 8.26
C4' CTP N . -20.93 -23.01 7.40
O4' CTP N . -21.34 -23.98 6.48
O3' CTP N . -20.23 -23.65 9.60
C5' CTP N . -20.38 -21.83 6.64
O5' CTP N . -19.31 -22.31 5.86
PA CTP N . -18.06 -21.37 5.54
O1A CTP N . -18.20 -21.01 4.10
O2A CTP N . -16.74 -22.03 5.79
O3A CTP N . -18.30 -20.13 6.50
PB CTP N . -17.09 -19.37 7.24
O1B CTP N . -16.10 -20.38 7.73
O2B CTP N . -17.63 -18.57 8.37
O3B CTP N . -16.44 -18.45 6.11
PG CTP N . -14.88 -18.47 5.81
O1G CTP N . -14.14 -17.95 7.01
O2G CTP N . -14.60 -17.60 4.63
O3G CTP N . -14.44 -19.86 5.51
MG MG O . -14.87 -21.96 6.60
MG MG P . -21.14 4.22 -6.82
MG MG Q . -12.71 -11.98 14.36
N1 CTP R . -12.76 6.74 -8.05
C2 CTP R . -11.48 7.00 -7.65
N3 CTP R . -10.52 6.03 -7.67
C4 CTP R . -10.83 4.78 -8.15
C5 CTP R . -12.14 4.50 -8.53
C6 CTP R . -13.10 5.49 -8.45
O2 CTP R . -11.21 8.12 -7.27
N4 CTP R . -9.88 3.87 -8.25
C1' CTP R . -13.75 7.76 -7.79
C2' CTP R . -14.43 8.23 -9.05
O2' CTP R . -13.83 9.39 -9.54
C3' CTP R . -15.82 8.57 -8.61
C4' CTP R . -15.97 7.94 -7.25
O4' CTP R . -14.76 7.27 -6.96
O3' CTP R . -15.90 9.96 -8.46
C5' CTP R . -17.11 6.95 -7.25
O5' CTP R . -17.52 6.75 -5.92
PA CTP R . -17.97 5.29 -5.48
O1A CTP R . -19.45 5.19 -5.70
O2A CTP R . -17.59 5.03 -4.07
O3A CTP R . -17.17 4.34 -6.47
PB CTP R . -17.83 3.11 -7.24
O1B CTP R . -19.16 3.49 -7.82
O2B CTP R . -16.88 2.68 -8.31
O3B CTP R . -17.95 1.96 -6.16
PG CTP R . -19.30 1.49 -5.47
O1G CTP R . -20.41 2.48 -5.67
O2G CTP R . -19.05 1.34 -4.02
O3G CTP R . -19.71 0.19 -6.06
N1 CTP S . -29.61 14.49 5.54
C2 CTP S . -30.43 15.31 6.26
N3 CTP S . -29.90 16.33 7.02
C4 CTP S . -28.56 16.31 7.28
C5 CTP S . -27.75 15.38 6.66
C6 CTP S . -28.31 14.36 5.92
O2 CTP S . -31.63 15.14 6.21
N4 CTP S . -28.05 17.17 8.14
C1' CTP S . -30.20 13.56 4.56
C2' CTP S . -29.52 13.73 3.21
O2' CTP S . -30.35 14.46 2.33
C3' CTP S . -29.31 12.34 2.69
C4' CTP S . -29.61 11.42 3.85
O4' CTP S . -29.98 12.21 4.95
O3' CTP S . -30.20 12.09 1.63
C5' CTP S . -28.37 10.64 4.21
O5' CTP S . -27.38 11.60 4.54
PA CTP S . -25.85 11.30 4.24
O1A CTP S . -25.23 11.05 5.57
O2A CTP S . -25.15 12.43 3.54
O3A CTP S . -25.91 9.98 3.35
PB CTP S . -24.91 9.74 2.12
O1B CTP S . -24.73 11.03 1.36
O2B CTP S . -25.47 8.68 1.22
O3B CTP S . -23.54 9.28 2.80
PG CTP S . -22.16 9.98 2.44
O1G CTP S . -21.82 9.70 1.00
O2G CTP S . -21.10 9.42 3.32
O3G CTP S . -22.25 11.45 2.66
MG MG T . -23.92 13.06 2.04
#